data_5Z87
#
_entry.id   5Z87
#
_cell.length_a   86.640
_cell.length_b   132.150
_cell.length_c   194.560
_cell.angle_alpha   90.00
_cell.angle_beta   90.00
_cell.angle_gamma   90.00
#
_symmetry.space_group_name_H-M   'P 21 21 21'
#
loop_
_entity.id
_entity.type
_entity.pdbx_description
1 polymer EmGH1
2 non-polymer 2,3-DIHYDROXY-1,4-DITHIOBUTANE
3 non-polymer 'MAGNESIUM ION'
4 non-polymer GLYCEROL
5 non-polymer 1,2-ETHANEDIOL
6 non-polymer DI(HYDROXYETHYL)ETHER
7 non-polymer BENZAMIDINE
8 water water
#
_entity_poly.entity_id   1
_entity_poly.type   'polypeptide(L)'
_entity_poly.pdbx_seq_one_letter_code
;MQVSRRALLAGISGASLTAAFPMPVLAAVNQASDDYRDRSLSPARRAAALANLMTLDEMAAQLNCPRAADVMSDPAGFEA
DFPYFAHGIGGVYSASLEAGPEDNARAVMAMQQEVVSRSRFGIPAFVFEECLHGLLADGATQFPQAMAMACAFRPDMVRQ
VFEATAKEARSRGSQGCFSPNIDICTDPRWGRSEETWGEDPHVVTVSAKAIVEGLQGAPAEYLPANRIATSVKHFAGYGQ
GIGGRNFAPSHIGPVEMQNVVLPPFRAAITEAGSIGLMASHGEIDGVPAHADTHLLNDVLRDDWGFEGYVVSDWDDVRRI
HSLHGVAGSEAEAAIMGLRAGVDIELANNGVYLMLPQLVRDGLLEERYVRRAAERILAAKFKCGLFDMPFADPALAGRLA
RSTEHKLLARRMAEESIVLLQNEGNVLPLQSSAVRKMLVVGPNAASVHLGGYSPKPFVGVSALEGLQAYAEQAGFEVEYA
QGCAITAGDEGNNEIETDASDESVQADPARNRRLIAEAVATAQDCDVIVMCLGGNESTAREAYFAGDSRGDRDDLELIGE
QNELAEALLALGKTTVAVLIHGRPLSPLVLAENCPAILDAFYPGEQGGHAIASILFGDVNPSGKLPVTIVRNVGQLPGYY
YQKPTGRFRNYVFSDSTPLYPFGHGLSYTSFGYGAPQAERASIGLQDRLRVSVSVRNTGDRAGQDVVQLYIRDSIASRAR
PIKEMRGFQKVLLEPGEVQVVQFELGPEDFGYRDADGKLLVEPGEIVIMAGPDSQNLQETRITLV
;
_entity_poly.pdbx_strand_id   A,B
#
loop_
_chem_comp.id
_chem_comp.type
_chem_comp.name
_chem_comp.formula
BEN non-polymer BENZAMIDINE 'C7 H8 N2'
DTT non-polymer 2,3-DIHYDROXY-1,4-DITHIOBUTANE 'C4 H10 O2 S2'
EDO non-polymer 1,2-ETHANEDIOL 'C2 H6 O2'
GOL non-polymer GLYCEROL 'C3 H8 O3'
MG non-polymer 'MAGNESIUM ION' 'Mg 2'
PEG non-polymer DI(HYDROXYETHYL)ETHER 'C4 H10 O3'
#
# COMPACT_ATOMS: atom_id res chain seq x y z
N ASN A 30 -11.24 12.79 -45.76
CA ASN A 30 -11.74 11.49 -46.23
C ASN A 30 -12.68 11.68 -47.43
N GLN A 31 -12.22 11.23 -48.61
CA GLN A 31 -12.89 11.46 -49.87
C GLN A 31 -13.26 10.13 -50.53
N ALA A 32 -14.26 10.20 -51.43
CA ALA A 32 -14.62 9.03 -52.22
C ALA A 32 -13.56 8.67 -53.23
N SER A 33 -12.70 9.63 -53.61
CA SER A 33 -11.59 9.36 -54.51
C SER A 33 -10.41 8.67 -53.83
N ASP A 34 -10.48 8.43 -52.51
CA ASP A 34 -9.34 7.88 -51.80
C ASP A 34 -9.07 6.45 -52.24
N ASP A 35 -7.78 6.15 -52.46
CA ASP A 35 -7.33 4.88 -53.00
C ASP A 35 -6.24 4.33 -52.08
N TYR A 36 -6.45 3.11 -51.56
CA TYR A 36 -5.50 2.59 -50.57
C TYR A 36 -4.11 2.36 -51.16
N ARG A 37 -3.98 2.33 -52.49
CA ARG A 37 -2.69 2.14 -53.13
C ARG A 37 -1.97 3.46 -53.39
N ASP A 38 -2.55 4.58 -53.01
CA ASP A 38 -1.94 5.88 -53.21
C ASP A 38 -0.98 6.18 -52.06
N ARG A 39 0.33 6.09 -52.33
CA ARG A 39 1.32 6.31 -51.27
C ARG A 39 1.41 7.76 -50.83
N SER A 40 0.85 8.69 -51.60
CA SER A 40 0.84 10.09 -51.19
C SER A 40 -0.30 10.40 -50.24
N LEU A 41 -1.24 9.48 -50.07
CA LEU A 41 -2.32 9.67 -49.11
C LEU A 41 -1.84 9.38 -47.69
N SER A 42 -2.58 9.91 -46.71
CA SER A 42 -2.26 9.70 -45.32
C SER A 42 -2.59 8.26 -44.91
N PRO A 43 -1.87 7.72 -43.92
CA PRO A 43 -2.18 6.36 -43.46
C PRO A 43 -3.64 6.16 -43.08
N ALA A 44 -4.23 7.15 -42.41
CA ALA A 44 -5.63 7.05 -42.02
C ALA A 44 -6.55 6.97 -43.22
N ARG A 45 -6.29 7.78 -44.25
CA ARG A 45 -7.14 7.75 -45.43
C ARG A 45 -6.93 6.48 -46.24
N ARG A 46 -5.70 5.98 -46.31
CA ARG A 46 -5.48 4.69 -46.98
C ARG A 46 -6.17 3.57 -46.22
N ALA A 47 -6.19 3.65 -44.88
CA ALA A 47 -6.81 2.57 -44.09
C ALA A 47 -8.32 2.55 -44.27
N ALA A 48 -8.96 3.73 -44.27
CA ALA A 48 -10.39 3.76 -44.53
C ALA A 48 -10.71 3.22 -45.92
N ALA A 49 -9.97 3.65 -46.93
CA ALA A 49 -10.24 3.17 -48.29
C ALA A 49 -10.11 1.66 -48.37
N LEU A 50 -9.10 1.09 -47.69
CA LEU A 50 -8.92 -0.36 -47.73
C LEU A 50 -10.03 -1.06 -46.97
N ALA A 51 -10.40 -0.52 -45.81
CA ALA A 51 -11.38 -1.19 -44.97
C ALA A 51 -12.74 -1.27 -45.66
N ASN A 52 -13.10 -0.26 -46.46
CA ASN A 52 -14.34 -0.30 -47.22
C ASN A 52 -14.39 -1.46 -48.21
N LEU A 53 -13.24 -2.03 -48.57
CA LEU A 53 -13.22 -3.13 -49.53
C LEU A 53 -13.28 -4.50 -48.87
N MET A 54 -13.19 -4.59 -47.54
CA MET A 54 -12.93 -5.86 -46.86
C MET A 54 -14.21 -6.44 -46.27
N THR A 55 -14.27 -7.77 -46.21
CA THR A 55 -15.36 -8.47 -45.56
C THR A 55 -15.20 -8.45 -44.03
N LEU A 56 -16.26 -8.87 -43.34
CA LEU A 56 -16.20 -9.06 -41.89
C LEU A 56 -15.04 -9.98 -41.50
N ASP A 57 -14.92 -11.13 -42.17
CA ASP A 57 -13.89 -12.10 -41.84
C ASP A 57 -12.49 -11.56 -42.11
N GLU A 58 -12.34 -10.74 -43.15
CA GLU A 58 -11.02 -10.18 -43.46
C GLU A 58 -10.62 -9.11 -42.44
N MET A 59 -11.55 -8.26 -42.03
CA MET A 59 -11.25 -7.28 -41.01
C MET A 59 -10.97 -7.96 -39.67
N ALA A 60 -11.77 -8.97 -39.32
CA ALA A 60 -11.60 -9.64 -38.04
C ALA A 60 -10.23 -10.28 -37.93
N ALA A 61 -9.68 -10.77 -39.04
CA ALA A 61 -8.40 -11.45 -38.98
C ALA A 61 -7.28 -10.50 -38.58
N GLN A 62 -7.42 -9.20 -38.89
CA GLN A 62 -6.45 -8.20 -38.48
C GLN A 62 -6.44 -7.95 -36.97
N LEU A 63 -7.33 -8.55 -36.20
CA LEU A 63 -7.40 -8.31 -34.75
C LEU A 63 -6.73 -9.42 -33.93
N ASN A 64 -6.09 -10.38 -34.59
CA ASN A 64 -5.44 -11.49 -33.92
C ASN A 64 -3.93 -11.34 -33.97
N CYS A 65 -3.25 -11.69 -32.88
CA CYS A 65 -1.78 -11.66 -32.81
C CYS A 65 -1.26 -12.83 -31.98
N PRO A 66 -1.15 -14.01 -32.56
CA PRO A 66 -0.57 -15.16 -31.84
C PRO A 66 0.95 -15.07 -31.83
N ARG A 67 1.57 -16.02 -31.12
CA ARG A 67 3.00 -16.17 -31.18
C ARG A 67 3.41 -16.63 -32.58
N ALA A 68 4.54 -16.11 -33.04
CA ALA A 68 4.98 -16.34 -34.42
C ALA A 68 5.25 -17.81 -34.72
N ALA A 69 5.73 -18.58 -33.73
CA ALA A 69 6.42 -19.83 -34.02
C ALA A 69 5.57 -20.80 -34.83
N ASP A 70 4.29 -20.95 -34.48
CA ASP A 70 3.44 -21.93 -35.16
C ASP A 70 3.01 -21.47 -36.54
N VAL A 71 2.89 -20.16 -36.75
CA VAL A 71 2.65 -19.63 -38.08
C VAL A 71 3.87 -19.86 -38.97
N MET A 72 5.06 -19.61 -38.43
CA MET A 72 6.27 -19.72 -39.24
C MET A 72 6.60 -21.17 -39.60
N SER A 73 6.42 -22.08 -38.65
CA SER A 73 6.83 -23.47 -38.86
C SER A 73 5.89 -24.23 -39.79
N ASP A 74 4.64 -23.82 -39.90
CA ASP A 74 3.66 -24.61 -40.65
C ASP A 74 2.46 -23.75 -41.01
N PRO A 75 2.59 -22.85 -41.97
CA PRO A 75 1.48 -21.92 -42.25
C PRO A 75 0.20 -22.61 -42.72
N ALA A 76 0.32 -23.70 -43.51
CA ALA A 76 -0.88 -24.44 -43.91
C ALA A 76 -1.52 -25.12 -42.72
N GLY A 77 -0.73 -25.75 -41.85
CA GLY A 77 -1.29 -26.32 -40.63
C GLY A 77 -1.93 -25.27 -39.73
N PHE A 78 -1.32 -24.09 -39.64
CA PHE A 78 -1.91 -23.01 -38.86
C PHE A 78 -3.27 -22.59 -39.40
N GLU A 79 -3.38 -22.44 -40.73
CA GLU A 79 -4.68 -22.10 -41.32
C GLU A 79 -5.69 -23.22 -41.09
N ALA A 80 -5.24 -24.47 -41.16
CA ALA A 80 -6.15 -25.56 -40.84
C ALA A 80 -6.65 -25.44 -39.40
N ASP A 81 -5.75 -25.16 -38.46
CA ASP A 81 -6.15 -25.05 -37.06
C ASP A 81 -6.99 -23.80 -36.82
N PHE A 82 -6.68 -22.70 -37.49
CA PHE A 82 -7.33 -21.41 -37.25
C PHE A 82 -7.76 -20.81 -38.59
N PRO A 83 -9.00 -21.03 -38.99
CA PRO A 83 -9.43 -20.69 -40.35
C PRO A 83 -9.30 -19.22 -40.74
N TYR A 84 -9.34 -18.27 -39.79
CA TYR A 84 -9.18 -16.87 -40.16
C TYR A 84 -7.88 -16.59 -40.92
N PHE A 85 -6.87 -17.43 -40.77
CA PHE A 85 -5.58 -17.17 -41.40
C PHE A 85 -5.66 -17.24 -42.92
N ALA A 86 -6.73 -17.82 -43.46
CA ALA A 86 -6.97 -17.73 -44.89
C ALA A 86 -7.04 -16.29 -45.37
N HIS A 87 -7.32 -15.34 -44.47
CA HIS A 87 -7.37 -13.93 -44.81
C HIS A 87 -6.19 -13.15 -44.23
N GLY A 88 -5.11 -13.83 -43.88
CA GLY A 88 -3.99 -13.11 -43.30
C GLY A 88 -4.10 -13.04 -41.78
N ILE A 89 -3.50 -12.01 -41.19
CA ILE A 89 -3.31 -11.98 -39.74
C ILE A 89 -3.00 -10.55 -39.33
N GLY A 90 -3.47 -10.16 -38.14
CA GLY A 90 -3.10 -8.89 -37.58
C GLY A 90 -1.63 -8.76 -37.29
N GLY A 91 -1.10 -9.64 -36.43
CA GLY A 91 0.31 -9.62 -36.11
C GLY A 91 0.78 -10.98 -35.64
N VAL A 92 2.10 -11.09 -35.49
CA VAL A 92 2.69 -12.20 -34.77
C VAL A 92 3.65 -11.61 -33.74
N TYR A 93 3.90 -12.39 -32.71
CA TYR A 93 4.76 -11.97 -31.61
C TYR A 93 5.97 -12.89 -31.57
N SER A 94 7.16 -12.28 -31.51
CA SER A 94 8.40 -13.01 -31.23
C SER A 94 8.77 -13.95 -32.38
N ALA A 95 9.09 -13.38 -33.54
CA ALA A 95 9.47 -14.14 -34.73
C ALA A 95 10.97 -14.39 -34.79
N SER A 96 11.76 -13.73 -33.95
CA SER A 96 13.20 -13.91 -33.98
C SER A 96 13.59 -15.34 -33.62
N LEU A 97 12.90 -15.95 -32.66
CA LEU A 97 13.14 -17.34 -32.21
C LEU A 97 14.60 -17.47 -31.80
N GLU A 98 15.33 -18.50 -32.22
CA GLU A 98 16.72 -18.67 -31.87
C GLU A 98 17.66 -18.24 -32.99
N ALA A 99 17.18 -17.41 -33.92
CA ALA A 99 17.93 -17.09 -35.12
C ALA A 99 18.74 -15.82 -34.96
N GLY A 100 19.94 -15.81 -35.58
CA GLY A 100 20.74 -14.63 -35.68
C GLY A 100 20.15 -13.62 -36.66
N PRO A 101 20.81 -12.47 -36.78
CA PRO A 101 20.23 -11.36 -37.58
C PRO A 101 19.88 -11.73 -39.02
N GLU A 102 20.81 -12.31 -39.79
CA GLU A 102 20.49 -12.59 -41.20
C GLU A 102 19.42 -13.66 -41.31
N ASP A 103 19.54 -14.74 -40.53
CA ASP A 103 18.52 -15.78 -40.54
C ASP A 103 17.18 -15.26 -40.03
N ASN A 104 17.22 -14.37 -39.04
CA ASN A 104 16.00 -13.72 -38.55
C ASN A 104 15.29 -13.01 -39.69
N ALA A 105 16.02 -12.12 -40.38
CA ALA A 105 15.44 -11.37 -41.49
C ALA A 105 14.89 -12.29 -42.58
N ARG A 106 15.59 -13.37 -42.89
CA ARG A 106 15.11 -14.26 -43.94
C ARG A 106 13.88 -15.03 -43.49
N ALA A 107 13.85 -15.45 -42.22
CA ALA A 107 12.70 -16.23 -41.75
C ALA A 107 11.44 -15.38 -41.71
N VAL A 108 11.57 -14.08 -41.46
CA VAL A 108 10.40 -13.20 -41.47
C VAL A 108 9.94 -12.97 -42.91
N MET A 109 10.88 -12.80 -43.83
CA MET A 109 10.52 -12.63 -45.25
C MET A 109 9.68 -13.81 -45.72
N ALA A 110 10.18 -15.03 -45.49
CA ALA A 110 9.42 -16.23 -45.86
C ALA A 110 8.03 -16.23 -45.24
N MET A 111 7.93 -15.87 -43.95
CA MET A 111 6.63 -15.89 -43.29
C MET A 111 5.72 -14.80 -43.83
N GLN A 112 6.26 -13.61 -44.07
CA GLN A 112 5.46 -12.53 -44.59
C GLN A 112 4.89 -12.87 -45.97
N GLN A 113 5.68 -13.59 -46.80
CA GLN A 113 5.20 -14.01 -48.11
C GLN A 113 4.02 -14.95 -47.98
N GLU A 114 4.05 -15.84 -46.97
CA GLU A 114 2.89 -16.68 -46.68
C GLU A 114 1.69 -15.86 -46.24
N VAL A 115 1.93 -14.79 -45.47
CA VAL A 115 0.85 -13.94 -45.01
C VAL A 115 0.28 -13.15 -46.19
N VAL A 116 1.15 -12.49 -46.94
CA VAL A 116 0.74 -11.60 -48.02
C VAL A 116 0.02 -12.39 -49.11
N SER A 117 0.45 -13.63 -49.35
CA SER A 117 -0.19 -14.44 -50.38
C SER A 117 -1.60 -14.85 -49.99
N ARG A 118 -1.96 -14.75 -48.71
CA ARG A 118 -3.29 -15.13 -48.26
C ARG A 118 -4.26 -13.96 -48.27
N SER A 119 -3.78 -12.74 -48.02
CA SER A 119 -4.63 -11.56 -48.03
C SER A 119 -4.99 -11.15 -49.46
N ARG A 120 -6.30 -11.03 -49.73
CA ARG A 120 -6.80 -10.53 -51.00
C ARG A 120 -6.13 -9.21 -51.39
N PHE A 121 -5.65 -8.44 -50.41
CA PHE A 121 -5.03 -7.14 -50.63
C PHE A 121 -3.55 -7.11 -50.24
N GLY A 122 -2.96 -8.26 -49.94
CA GLY A 122 -1.54 -8.31 -49.63
C GLY A 122 -1.14 -7.64 -48.33
N ILE A 123 -2.02 -7.63 -47.33
CA ILE A 123 -1.71 -7.03 -46.04
C ILE A 123 -0.64 -7.86 -45.34
N PRO A 124 0.53 -7.32 -45.06
CA PRO A 124 1.52 -8.05 -44.26
C PRO A 124 1.16 -8.03 -42.78
N ALA A 125 1.84 -8.90 -42.03
CA ALA A 125 1.68 -8.93 -40.59
C ALA A 125 2.53 -7.86 -39.91
N PHE A 126 2.01 -7.30 -38.81
CA PHE A 126 2.91 -6.70 -37.83
C PHE A 126 3.79 -7.81 -37.25
N VAL A 127 5.07 -7.52 -37.09
CA VAL A 127 6.01 -8.47 -36.50
C VAL A 127 6.50 -7.80 -35.22
N PHE A 128 5.96 -8.24 -34.08
CA PHE A 128 6.20 -7.56 -32.80
C PHE A 128 7.34 -8.24 -32.06
N GLU A 129 8.32 -7.45 -31.63
CA GLU A 129 9.42 -7.96 -30.81
C GLU A 129 9.49 -7.13 -29.53
N GLU A 130 10.36 -7.53 -28.61
CA GLU A 130 10.62 -6.78 -27.38
C GLU A 130 11.89 -5.97 -27.54
N CYS A 131 11.83 -4.71 -27.13
CA CYS A 131 12.94 -3.75 -27.26
C CYS A 131 13.15 -2.98 -25.97
N LEU A 132 13.15 -3.67 -24.83
CA LEU A 132 13.21 -2.98 -23.54
C LEU A 132 14.51 -2.19 -23.38
N HIS A 133 15.63 -2.82 -23.68
CA HIS A 133 16.95 -2.21 -23.54
C HIS A 133 17.83 -2.70 -24.69
N GLY A 134 17.29 -2.58 -25.89
CA GLY A 134 17.79 -3.26 -27.07
C GLY A 134 16.83 -4.34 -27.53
N LEU A 135 17.07 -4.83 -28.74
CA LEU A 135 16.21 -5.84 -29.31
C LEU A 135 16.42 -7.19 -28.62
N LEU A 136 15.35 -7.79 -28.13
CA LEU A 136 15.42 -9.13 -27.55
C LEU A 136 15.51 -10.13 -28.69
N ALA A 137 16.73 -10.35 -29.17
CA ALA A 137 16.96 -11.31 -30.24
C ALA A 137 18.42 -11.72 -30.25
N ASP A 138 18.66 -12.92 -30.75
CA ASP A 138 20.01 -13.47 -30.78
C ASP A 138 20.96 -12.54 -31.52
N GLY A 139 22.08 -12.21 -30.88
CA GLY A 139 23.08 -11.38 -31.50
C GLY A 139 22.81 -9.89 -31.54
N ALA A 140 21.74 -9.40 -30.92
CA ALA A 140 21.48 -7.96 -30.90
C ALA A 140 22.20 -7.27 -29.74
N THR A 141 22.48 -5.97 -29.92
CA THR A 141 23.16 -5.17 -28.91
C THR A 141 22.32 -5.02 -27.64
N GLN A 142 22.89 -5.39 -26.50
CA GLN A 142 22.20 -5.33 -25.20
C GLN A 142 22.68 -4.11 -24.42
N PHE A 143 21.87 -3.06 -24.45
CA PHE A 143 22.19 -1.85 -23.71
C PHE A 143 21.94 -2.05 -22.21
N PRO A 144 22.33 -1.08 -21.36
CA PRO A 144 22.00 -1.22 -19.94
C PRO A 144 20.48 -1.30 -19.76
N GLN A 145 20.06 -2.02 -18.74
CA GLN A 145 18.64 -2.15 -18.44
C GLN A 145 17.99 -0.78 -18.27
N ALA A 146 16.66 -0.75 -18.37
CA ALA A 146 15.95 0.53 -18.39
C ALA A 146 16.20 1.36 -17.12
N MET A 147 16.12 0.73 -15.95
CA MET A 147 16.36 1.48 -14.71
C MET A 147 17.81 1.96 -14.63
N ALA A 148 18.77 1.15 -15.08
CA ALA A 148 20.16 1.61 -15.16
C ALA A 148 20.26 2.85 -16.02
N MET A 149 19.67 2.81 -17.21
CA MET A 149 19.78 3.96 -18.11
C MET A 149 19.10 5.18 -17.54
N ALA A 150 18.07 4.98 -16.71
CA ALA A 150 17.42 6.12 -16.06
C ALA A 150 18.38 6.85 -15.12
N CYS A 151 19.40 6.15 -14.59
CA CYS A 151 20.35 6.80 -13.69
C CYS A 151 21.22 7.79 -14.41
N ALA A 152 21.30 7.69 -15.74
CA ALA A 152 22.21 8.53 -16.50
C ALA A 152 21.72 9.97 -16.60
N PHE A 153 20.41 10.18 -16.52
CA PHE A 153 19.82 11.51 -16.75
C PHE A 153 20.37 12.12 -18.05
N ARG A 154 20.43 11.30 -19.10
CA ARG A 154 20.89 11.70 -20.42
C ARG A 154 19.86 11.28 -21.45
N PRO A 155 18.72 11.99 -21.52
CA PRO A 155 17.70 11.57 -22.50
C PRO A 155 18.19 11.69 -23.94
N ASP A 156 19.13 12.57 -24.22
CA ASP A 156 19.73 12.64 -25.56
C ASP A 156 20.39 11.32 -25.91
N MET A 157 21.07 10.69 -24.96
CA MET A 157 21.67 9.40 -25.27
C MET A 157 20.64 8.28 -25.30
N VAL A 158 19.56 8.43 -24.51
CA VAL A 158 18.46 7.46 -24.56
C VAL A 158 17.89 7.39 -25.98
N ARG A 159 17.65 8.56 -26.59
CA ARG A 159 17.12 8.60 -27.95
C ARG A 159 18.05 7.86 -28.93
N GLN A 160 19.36 8.07 -28.80
CA GLN A 160 20.34 7.37 -29.63
C GLN A 160 20.28 5.86 -29.40
N VAL A 161 20.16 5.43 -28.14
CA VAL A 161 20.15 4.01 -27.85
C VAL A 161 18.98 3.33 -28.56
N PHE A 162 17.83 3.99 -28.57
CA PHE A 162 16.67 3.36 -29.16
C PHE A 162 16.57 3.61 -30.67
N GLU A 163 17.26 4.62 -31.17
CA GLU A 163 17.48 4.70 -32.62
C GLU A 163 18.30 3.50 -33.10
N ALA A 164 19.37 3.16 -32.38
CA ALA A 164 20.17 1.98 -32.73
C ALA A 164 19.33 0.72 -32.60
N THR A 165 18.50 0.64 -31.55
CA THR A 165 17.67 -0.54 -31.36
C THR A 165 16.64 -0.69 -32.48
N ALA A 166 16.05 0.43 -32.91
CA ALA A 166 15.07 0.36 -33.99
C ALA A 166 15.70 -0.13 -35.29
N LYS A 167 16.90 0.38 -35.62
CA LYS A 167 17.62 -0.08 -36.81
C LYS A 167 17.77 -1.59 -36.79
N GLU A 168 18.25 -2.13 -35.67
CA GLU A 168 18.48 -3.56 -35.57
C GLU A 168 17.17 -4.33 -35.70
N ALA A 169 16.08 -3.79 -35.15
CA ALA A 169 14.81 -4.50 -35.18
C ALA A 169 14.21 -4.47 -36.60
N ARG A 170 14.17 -3.30 -37.22
CA ARG A 170 13.53 -3.16 -38.53
C ARG A 170 14.30 -3.95 -39.59
N SER A 171 15.63 -3.90 -39.54
CA SER A 171 16.44 -4.67 -40.49
C SER A 171 16.19 -6.17 -40.36
N ARG A 172 15.77 -6.63 -39.19
CA ARG A 172 15.47 -8.05 -38.98
C ARG A 172 14.00 -8.38 -39.19
N GLY A 173 13.20 -7.43 -39.69
CA GLY A 173 11.84 -7.72 -40.04
C GLY A 173 10.80 -7.32 -39.03
N SER A 174 11.19 -6.76 -37.90
CA SER A 174 10.22 -6.30 -36.90
C SER A 174 9.91 -4.83 -37.13
N GLN A 175 8.62 -4.51 -37.25
CA GLN A 175 8.23 -3.10 -37.41
C GLN A 175 7.38 -2.62 -36.24
N GLY A 176 7.29 -3.38 -35.16
CA GLY A 176 6.64 -2.89 -33.96
C GLY A 176 7.19 -3.60 -32.74
N CYS A 177 7.15 -2.91 -31.60
CA CYS A 177 7.60 -3.51 -30.36
C CYS A 177 6.62 -3.21 -29.23
N PHE A 178 6.69 -4.06 -28.22
CA PHE A 178 5.91 -3.91 -26.99
C PHE A 178 6.78 -3.20 -25.94
N SER A 179 7.16 -1.98 -26.29
CA SER A 179 8.07 -1.14 -25.52
C SER A 179 7.80 0.29 -25.91
N PRO A 180 8.14 1.27 -25.04
CA PRO A 180 8.75 1.13 -23.71
C PRO A 180 7.75 0.81 -22.59
N ASN A 181 8.27 0.27 -21.50
CA ASN A 181 7.55 0.17 -20.25
C ASN A 181 7.63 1.53 -19.58
N ILE A 182 6.51 2.20 -19.43
CA ILE A 182 6.54 3.51 -18.80
C ILE A 182 5.66 3.50 -17.55
N ASP A 183 5.63 2.36 -16.87
CA ASP A 183 5.04 2.28 -15.54
C ASP A 183 5.89 3.07 -14.54
N ILE A 184 5.29 3.36 -13.39
CA ILE A 184 5.94 4.11 -12.31
C ILE A 184 6.33 3.11 -11.24
N CYS A 185 7.61 3.12 -10.85
CA CYS A 185 8.10 2.20 -9.82
C CYS A 185 7.90 2.86 -8.46
N THR A 186 6.75 2.63 -7.84
CA THR A 186 6.51 3.06 -6.47
C THR A 186 6.73 1.95 -5.45
N ASP A 187 6.93 0.71 -5.89
CA ASP A 187 7.07 -0.41 -4.97
C ASP A 187 8.22 -1.31 -5.43
N PRO A 188 9.41 -1.15 -4.86
CA PRO A 188 10.58 -1.90 -5.35
C PRO A 188 10.51 -3.40 -5.08
N ARG A 189 9.52 -3.89 -4.33
CA ARG A 189 9.31 -5.34 -4.19
C ARG A 189 8.97 -5.97 -5.52
N TRP A 190 8.37 -5.20 -6.43
CA TRP A 190 7.92 -5.66 -7.73
C TRP A 190 9.08 -6.20 -8.56
N GLY A 191 8.97 -7.45 -8.99
CA GLY A 191 10.00 -8.10 -9.79
C GLY A 191 10.27 -7.42 -11.13
N ARG A 192 9.38 -6.54 -11.60
CA ARG A 192 9.53 -5.85 -12.86
C ARG A 192 10.04 -4.43 -12.70
N SER A 193 10.43 -4.03 -11.47
CA SER A 193 10.95 -2.69 -11.25
C SER A 193 12.00 -2.28 -12.28
N GLU A 194 12.93 -3.18 -12.60
CA GLU A 194 14.05 -2.82 -13.47
C GLU A 194 13.61 -2.39 -14.87
N GLU A 195 12.42 -2.79 -15.30
CA GLU A 195 11.94 -2.40 -16.62
C GLU A 195 11.49 -0.96 -16.70
N THR A 196 11.35 -0.28 -15.55
CA THR A 196 10.82 1.07 -15.50
C THR A 196 11.94 2.08 -15.42
N TRP A 197 11.57 3.35 -15.56
CA TRP A 197 12.50 4.47 -15.44
C TRP A 197 12.40 5.15 -14.08
N GLY A 198 11.90 4.47 -13.08
CA GLY A 198 11.98 4.97 -11.74
C GLY A 198 10.62 5.37 -11.19
N GLU A 199 10.66 6.18 -10.12
CA GLU A 199 9.47 6.61 -9.43
C GLU A 199 8.97 7.99 -9.85
N ASP A 200 9.76 8.75 -10.55
CA ASP A 200 9.37 10.15 -10.73
C ASP A 200 8.58 10.34 -12.02
N PRO A 201 7.41 11.01 -11.97
CA PRO A 201 6.65 11.23 -13.22
C PRO A 201 7.39 12.04 -14.26
N HIS A 202 8.14 13.07 -13.84
CA HIS A 202 8.84 13.87 -14.84
C HIS A 202 9.93 13.07 -15.54
N VAL A 203 10.72 12.31 -14.78
CA VAL A 203 11.78 11.49 -15.37
C VAL A 203 11.19 10.46 -16.33
N VAL A 204 10.15 9.75 -15.90
CA VAL A 204 9.57 8.72 -16.75
C VAL A 204 8.93 9.34 -17.99
N THR A 205 8.38 10.55 -17.85
CA THR A 205 7.80 11.26 -18.99
C THR A 205 8.87 11.69 -19.97
N VAL A 206 9.96 12.26 -19.46
CA VAL A 206 11.06 12.67 -20.32
C VAL A 206 11.67 11.46 -21.00
N SER A 207 11.85 10.37 -20.26
CA SER A 207 12.40 9.17 -20.85
C SER A 207 11.45 8.58 -21.89
N ALA A 208 10.14 8.54 -21.60
CA ALA A 208 9.19 7.95 -22.53
C ALA A 208 9.21 8.66 -23.88
N LYS A 209 9.28 10.00 -23.87
CA LYS A 209 9.33 10.76 -25.11
C LYS A 209 10.61 10.45 -25.89
N ALA A 210 11.74 10.32 -25.19
CA ALA A 210 12.99 10.08 -25.89
C ALA A 210 13.02 8.68 -26.48
N ILE A 211 12.48 7.69 -25.75
CA ILE A 211 12.40 6.33 -26.26
C ILE A 211 11.50 6.27 -27.49
N VAL A 212 10.32 6.88 -27.40
CA VAL A 212 9.41 6.81 -28.54
C VAL A 212 10.02 7.52 -29.74
N GLU A 213 10.63 8.67 -29.52
N GLU A 213 10.57 8.71 -29.53
CA GLU A 213 11.22 9.40 -30.63
CA GLU A 213 11.27 9.41 -30.60
C GLU A 213 12.50 8.74 -31.15
C GLU A 213 12.35 8.52 -31.20
N GLY A 214 13.14 7.87 -30.34
CA GLY A 214 14.23 7.07 -30.84
C GLY A 214 13.76 5.86 -31.63
N LEU A 215 12.73 5.17 -31.16
CA LEU A 215 12.27 3.96 -31.84
C LEU A 215 11.44 4.28 -33.08
N GLN A 216 10.64 5.34 -33.05
CA GLN A 216 9.74 5.70 -34.14
C GLN A 216 10.27 6.83 -35.01
N GLY A 217 11.25 7.58 -34.53
CA GLY A 217 11.58 8.86 -35.13
C GLY A 217 10.71 9.98 -34.60
N ALA A 218 11.11 11.19 -34.91
CA ALA A 218 10.30 12.35 -34.57
C ALA A 218 8.92 12.23 -35.22
N PRO A 219 7.86 12.71 -34.56
CA PRO A 219 6.50 12.52 -35.10
C PRO A 219 6.42 12.92 -36.57
N ALA A 220 5.84 12.03 -37.38
CA ALA A 220 5.71 12.28 -38.82
C ALA A 220 4.51 11.51 -39.35
N GLU A 221 4.09 11.87 -40.56
CA GLU A 221 2.93 11.18 -41.15
C GLU A 221 3.23 9.71 -41.34
N TYR A 222 4.43 9.38 -41.81
CA TYR A 222 4.93 8.03 -41.98
C TYR A 222 6.20 7.86 -41.18
N LEU A 223 6.40 6.66 -40.62
CA LEU A 223 7.68 6.34 -39.99
C LEU A 223 8.80 6.43 -41.02
N PRO A 224 9.93 7.04 -40.69
CA PRO A 224 11.10 6.94 -41.56
C PRO A 224 11.54 5.49 -41.68
N ALA A 225 12.40 5.26 -42.66
CA ALA A 225 12.99 3.94 -42.82
C ALA A 225 13.76 3.55 -41.55
N ASN A 226 13.72 2.25 -41.24
CA ASN A 226 14.51 1.70 -40.14
C ASN A 226 14.04 2.20 -38.77
N ARG A 227 12.77 2.57 -38.66
CA ARG A 227 12.08 2.83 -37.42
C ARG A 227 10.99 1.78 -37.24
N ILE A 228 10.45 1.68 -36.02
CA ILE A 228 9.41 0.71 -35.70
C ILE A 228 8.39 1.39 -34.78
N ALA A 229 7.20 0.82 -34.73
CA ALA A 229 6.15 1.32 -33.86
C ALA A 229 6.40 0.93 -32.40
N THR A 230 6.17 1.88 -31.50
CA THR A 230 6.16 1.63 -30.06
C THR A 230 4.75 1.27 -29.60
N SER A 231 4.66 0.38 -28.62
CA SER A 231 3.43 0.12 -27.88
C SER A 231 3.70 0.40 -26.40
N VAL A 232 3.42 1.63 -25.96
CA VAL A 232 3.75 2.00 -24.59
C VAL A 232 2.86 1.21 -23.63
N LYS A 233 3.47 0.72 -22.54
CA LYS A 233 2.81 -0.20 -21.64
C LYS A 233 3.24 0.13 -20.21
N HIS A 234 2.49 -0.33 -19.21
CA HIS A 234 1.21 -1.04 -19.32
C HIS A 234 0.07 -0.18 -18.79
N PHE A 235 -0.88 0.16 -19.66
CA PHE A 235 -1.93 1.16 -19.42
C PHE A 235 -3.00 0.60 -18.48
N ALA A 236 -3.14 1.12 -17.27
CA ALA A 236 -2.30 2.13 -16.62
C ALA A 236 -2.30 1.81 -15.13
N GLY A 237 -1.18 2.03 -14.45
CA GLY A 237 -1.05 1.73 -13.04
C GLY A 237 -0.49 0.37 -12.70
N TYR A 238 0.09 -0.33 -13.67
CA TYR A 238 0.54 -1.69 -13.45
C TYR A 238 1.60 -1.77 -12.34
N GLY A 239 2.40 -0.70 -12.17
CA GLY A 239 3.45 -0.71 -11.17
C GLY A 239 2.97 -0.58 -9.74
N GLN A 240 1.71 -0.19 -9.52
CA GLN A 240 1.22 0.09 -8.18
C GLN A 240 0.54 -1.11 -7.54
N GLY A 241 0.68 -2.30 -8.11
CA GLY A 241 0.05 -3.48 -7.54
C GLY A 241 0.38 -3.66 -6.07
N ILE A 242 -0.62 -4.01 -5.24
CA ILE A 242 -0.39 -4.09 -3.82
C ILE A 242 0.59 -5.21 -3.52
N GLY A 243 1.32 -5.07 -2.41
CA GLY A 243 2.27 -6.08 -2.00
C GLY A 243 3.51 -6.17 -2.87
N GLY A 244 3.61 -5.34 -3.92
CA GLY A 244 4.64 -5.53 -4.91
C GLY A 244 4.44 -6.81 -5.69
N ARG A 245 3.23 -7.34 -5.69
CA ARG A 245 2.94 -8.63 -6.26
C ARG A 245 2.43 -8.45 -7.69
N ASN A 246 3.07 -9.14 -8.64
CA ASN A 246 2.66 -9.05 -10.02
C ASN A 246 1.22 -9.51 -10.17
N PHE A 247 0.44 -8.76 -10.95
CA PHE A 247 -0.97 -8.96 -11.26
C PHE A 247 -1.92 -8.36 -10.19
N ALA A 248 -1.42 -7.96 -9.02
CA ALA A 248 -2.33 -7.59 -7.92
C ALA A 248 -2.96 -6.22 -8.20
N PRO A 249 -4.13 -5.96 -7.62
CA PRO A 249 -4.81 -4.69 -7.89
C PRO A 249 -3.98 -3.51 -7.47
N SER A 250 -4.25 -2.39 -8.12
CA SER A 250 -3.69 -1.10 -7.76
C SER A 250 -4.81 -0.23 -7.19
N HIS A 251 -4.45 0.60 -6.22
CA HIS A 251 -5.37 1.52 -5.58
C HIS A 251 -4.92 2.93 -5.97
N ILE A 252 -5.56 3.47 -6.99
CA ILE A 252 -5.18 4.74 -7.61
C ILE A 252 -6.43 5.59 -7.74
N GLY A 253 -6.44 6.74 -7.06
CA GLY A 253 -7.51 7.70 -7.21
C GLY A 253 -7.40 8.43 -8.54
N PRO A 254 -8.48 9.10 -8.96
CA PRO A 254 -8.45 9.77 -10.27
C PRO A 254 -7.47 10.92 -10.36
N VAL A 255 -7.25 11.68 -9.29
CA VAL A 255 -6.29 12.77 -9.37
C VAL A 255 -4.87 12.22 -9.38
N GLU A 256 -4.58 11.25 -8.51
CA GLU A 256 -3.32 10.54 -8.57
C GLU A 256 -3.08 9.97 -9.96
N MET A 257 -4.09 9.31 -10.54
CA MET A 257 -3.94 8.76 -11.89
C MET A 257 -3.57 9.83 -12.91
N GLN A 258 -4.19 11.01 -12.81
CA GLN A 258 -3.93 12.08 -13.76
C GLN A 258 -2.55 12.70 -13.60
N ASN A 259 -2.02 12.75 -12.37
CA ASN A 259 -0.78 13.48 -12.12
C ASN A 259 0.42 12.59 -11.80
N VAL A 260 0.23 11.31 -11.53
CA VAL A 260 1.34 10.37 -11.28
C VAL A 260 1.51 9.41 -12.44
N VAL A 261 0.46 8.63 -12.72
CA VAL A 261 0.60 7.43 -13.54
C VAL A 261 0.53 7.77 -15.03
N LEU A 262 -0.45 8.60 -15.41
CA LEU A 262 -0.75 8.94 -16.80
C LEU A 262 0.22 9.88 -17.52
N PRO A 263 0.91 10.82 -16.84
CA PRO A 263 1.67 11.86 -17.60
C PRO A 263 2.66 11.28 -18.60
N PRO A 264 3.35 10.17 -18.30
CA PRO A 264 4.22 9.60 -19.35
C PRO A 264 3.44 9.05 -20.53
N PHE A 265 2.31 8.39 -20.27
CA PHE A 265 1.45 7.94 -21.37
C PHE A 265 0.93 9.13 -22.16
N ARG A 266 0.47 10.18 -21.47
CA ARG A 266 -0.06 11.33 -22.18
C ARG A 266 1.01 11.95 -23.08
N ALA A 267 2.24 12.07 -22.58
CA ALA A 267 3.31 12.64 -23.39
C ALA A 267 3.68 11.72 -24.56
N ALA A 268 3.81 10.42 -24.30
CA ALA A 268 4.08 9.46 -25.37
C ALA A 268 3.03 9.51 -26.46
N ILE A 269 1.76 9.62 -26.08
CA ILE A 269 0.66 9.52 -27.02
C ILE A 269 0.47 10.83 -27.77
N THR A 270 0.32 11.95 -27.03
CA THR A 270 -0.04 13.23 -27.62
C THR A 270 1.14 14.08 -28.07
N GLU A 271 2.36 13.80 -27.62
CA GLU A 271 3.51 14.61 -28.02
C GLU A 271 4.49 13.86 -28.90
N ALA A 272 4.91 12.65 -28.49
CA ALA A 272 5.86 11.89 -29.28
C ALA A 272 5.20 11.04 -30.36
N GLY A 273 3.89 10.82 -30.28
CA GLY A 273 3.16 10.17 -31.35
C GLY A 273 3.29 8.67 -31.38
N SER A 274 3.44 8.02 -30.23
CA SER A 274 3.41 6.57 -30.15
C SER A 274 2.22 6.03 -30.95
N ILE A 275 2.47 5.04 -31.78
CA ILE A 275 1.43 4.47 -32.64
C ILE A 275 0.62 3.42 -31.88
N GLY A 276 1.26 2.68 -30.97
CA GLY A 276 0.59 1.64 -30.23
C GLY A 276 0.61 1.90 -28.73
N LEU A 277 -0.19 1.10 -28.02
CA LEU A 277 -0.32 1.16 -26.57
C LEU A 277 -0.79 -0.21 -26.11
N MET A 278 -0.24 -0.71 -25.00
CA MET A 278 -0.65 -1.99 -24.42
C MET A 278 -1.27 -1.77 -23.04
N ALA A 279 -2.34 -2.51 -22.75
CA ALA A 279 -3.08 -2.39 -21.50
C ALA A 279 -2.45 -3.27 -20.42
N SER A 280 -2.94 -3.11 -19.19
CA SER A 280 -2.35 -3.72 -18.01
C SER A 280 -3.06 -5.00 -17.57
N HIS A 281 -2.27 -5.93 -17.01
CA HIS A 281 -2.81 -7.14 -16.39
C HIS A 281 -3.90 -6.83 -15.37
N GLY A 282 -3.75 -5.73 -14.64
CA GLY A 282 -4.40 -5.57 -13.35
C GLY A 282 -5.75 -4.90 -13.43
N GLU A 283 -6.30 -4.66 -12.24
CA GLU A 283 -7.58 -4.00 -12.03
C GLU A 283 -7.37 -2.80 -11.10
N ILE A 284 -8.25 -1.82 -11.21
CA ILE A 284 -8.34 -0.72 -10.26
C ILE A 284 -9.77 -0.66 -9.77
N ASP A 285 -9.97 -0.81 -8.45
CA ASP A 285 -11.30 -0.75 -7.85
C ASP A 285 -12.25 -1.72 -8.53
N GLY A 286 -11.73 -2.90 -8.90
CA GLY A 286 -12.53 -3.95 -9.52
C GLY A 286 -12.67 -3.89 -11.03
N VAL A 287 -12.10 -2.91 -11.71
CA VAL A 287 -12.25 -2.77 -13.15
C VAL A 287 -10.96 -3.27 -13.81
N PRO A 288 -10.99 -4.38 -14.51
CA PRO A 288 -9.81 -4.79 -15.29
C PRO A 288 -9.47 -3.73 -16.32
N ALA A 289 -8.16 -3.39 -16.40
CA ALA A 289 -7.72 -2.39 -17.36
C ALA A 289 -8.11 -2.76 -18.79
N HIS A 290 -8.05 -4.04 -19.13
CA HIS A 290 -8.44 -4.48 -20.47
C HIS A 290 -9.95 -4.35 -20.71
N ALA A 291 -10.73 -4.03 -19.68
CA ALA A 291 -12.15 -3.72 -19.82
C ALA A 291 -12.49 -2.32 -19.30
N ASP A 292 -11.51 -1.44 -19.20
CA ASP A 292 -11.68 -0.13 -18.57
C ASP A 292 -12.03 0.89 -19.66
N THR A 293 -13.33 1.05 -19.92
CA THR A 293 -13.78 1.96 -20.97
C THR A 293 -13.37 3.40 -20.67
N HIS A 294 -13.46 3.82 -19.42
CA HIS A 294 -12.99 5.16 -19.05
C HIS A 294 -11.54 5.36 -19.48
N LEU A 295 -10.67 4.39 -19.20
CA LEU A 295 -9.26 4.52 -19.53
C LEU A 295 -9.02 4.37 -21.04
N LEU A 296 -9.50 3.27 -21.62
CA LEU A 296 -9.21 2.92 -23.01
C LEU A 296 -9.99 3.76 -24.03
N ASN A 297 -11.08 4.41 -23.62
CA ASN A 297 -11.85 5.21 -24.55
C ASN A 297 -11.94 6.68 -24.16
N ASP A 298 -12.53 6.98 -22.99
CA ASP A 298 -12.77 8.37 -22.63
C ASP A 298 -11.48 9.16 -22.54
N VAL A 299 -10.46 8.60 -21.88
CA VAL A 299 -9.19 9.30 -21.74
C VAL A 299 -8.35 9.16 -23.01
N LEU A 300 -8.18 7.92 -23.47
CA LEU A 300 -7.19 7.68 -24.52
C LEU A 300 -7.68 8.18 -25.87
N ARG A 301 -8.93 7.85 -26.23
CA ARG A 301 -9.51 8.28 -27.50
C ARG A 301 -10.05 9.71 -27.42
N ASP A 302 -10.96 9.98 -26.47
CA ASP A 302 -11.67 11.25 -26.47
C ASP A 302 -10.81 12.38 -25.92
N ASP A 303 -10.19 12.19 -24.75
CA ASP A 303 -9.42 13.28 -24.16
C ASP A 303 -8.12 13.52 -24.91
N TRP A 304 -7.40 12.45 -25.24
CA TRP A 304 -6.05 12.61 -25.80
C TRP A 304 -6.02 12.53 -27.31
N GLY A 305 -7.06 12.00 -27.96
CA GLY A 305 -7.09 11.96 -29.40
C GLY A 305 -6.26 10.86 -30.03
N PHE A 306 -5.98 9.79 -29.29
CA PHE A 306 -5.18 8.69 -29.82
C PHE A 306 -5.83 8.07 -31.07
N GLU A 307 -5.03 7.86 -32.10
CA GLU A 307 -5.52 7.26 -33.34
C GLU A 307 -4.83 5.95 -33.66
N GLY A 308 -3.93 5.47 -32.81
CA GLY A 308 -3.24 4.23 -33.03
C GLY A 308 -4.03 3.03 -32.54
N TYR A 309 -3.30 1.96 -32.26
CA TYR A 309 -3.89 0.70 -31.82
C TYR A 309 -3.64 0.46 -30.34
N VAL A 310 -4.59 -0.22 -29.71
CA VAL A 310 -4.44 -0.76 -28.38
C VAL A 310 -4.25 -2.27 -28.53
N VAL A 311 -3.13 -2.77 -28.06
CA VAL A 311 -2.87 -4.21 -28.06
C VAL A 311 -3.03 -4.72 -26.64
N SER A 312 -3.60 -5.91 -26.50
CA SER A 312 -3.69 -6.52 -25.20
C SER A 312 -2.32 -7.01 -24.75
N ASP A 313 -2.15 -7.12 -23.44
CA ASP A 313 -1.07 -7.94 -22.92
C ASP A 313 -1.43 -9.43 -23.08
N TRP A 314 -0.43 -10.29 -22.89
CA TRP A 314 -0.56 -11.69 -23.30
C TRP A 314 -1.76 -12.36 -22.67
N ASP A 315 -2.70 -12.78 -23.52
CA ASP A 315 -3.94 -13.48 -23.15
C ASP A 315 -4.79 -12.70 -22.13
N ASP A 316 -4.65 -11.39 -22.05
CA ASP A 316 -5.37 -10.68 -21.00
C ASP A 316 -6.83 -10.40 -21.32
N VAL A 317 -7.27 -10.55 -22.57
CA VAL A 317 -8.70 -10.40 -22.86
C VAL A 317 -9.47 -11.57 -22.28
N ARG A 318 -9.02 -12.79 -22.56
CA ARG A 318 -9.62 -13.97 -21.92
C ARG A 318 -9.62 -13.85 -20.39
N ARG A 319 -8.59 -13.25 -19.82
CA ARG A 319 -8.47 -13.22 -18.36
C ARG A 319 -9.44 -12.24 -17.71
N ILE A 320 -10.08 -11.37 -18.49
CA ILE A 320 -11.23 -10.62 -17.97
C ILE A 320 -12.22 -11.58 -17.35
N HIS A 321 -12.37 -12.75 -17.96
CA HIS A 321 -13.22 -13.81 -17.47
C HIS A 321 -12.47 -14.74 -16.52
N SER A 322 -11.34 -15.28 -16.98
CA SER A 322 -10.73 -16.45 -16.34
C SER A 322 -9.89 -16.11 -15.12
N LEU A 323 -9.44 -14.87 -14.99
CA LEU A 323 -8.65 -14.44 -13.84
C LEU A 323 -9.46 -13.49 -12.94
N HIS A 324 -9.95 -12.38 -13.50
CA HIS A 324 -10.67 -11.37 -12.72
C HIS A 324 -12.09 -11.77 -12.35
N GLY A 325 -12.72 -12.64 -13.14
CA GLY A 325 -14.10 -13.00 -12.83
C GLY A 325 -15.08 -11.89 -13.12
N VAL A 326 -14.81 -11.06 -14.12
CA VAL A 326 -15.69 -9.97 -14.48
C VAL A 326 -16.57 -10.32 -15.67
N ALA A 327 -16.01 -10.99 -16.68
CA ALA A 327 -16.79 -11.52 -17.79
C ALA A 327 -17.30 -12.90 -17.46
N GLY A 328 -18.55 -13.17 -17.83
CA GLY A 328 -19.16 -14.46 -17.55
C GLY A 328 -18.67 -15.59 -18.42
N SER A 329 -18.03 -15.27 -19.54
CA SER A 329 -17.56 -16.31 -20.45
C SER A 329 -16.46 -15.72 -21.30
N GLU A 330 -15.82 -16.58 -22.09
CA GLU A 330 -14.81 -16.11 -23.04
C GLU A 330 -15.43 -15.23 -24.11
N ALA A 331 -16.60 -15.60 -24.61
CA ALA A 331 -17.31 -14.75 -25.58
C ALA A 331 -17.64 -13.38 -24.99
N GLU A 332 -18.10 -13.35 -23.73
CA GLU A 332 -18.36 -12.07 -23.09
C GLU A 332 -17.06 -11.28 -22.89
N ALA A 333 -15.94 -11.98 -22.65
CA ALA A 333 -14.66 -11.28 -22.48
C ALA A 333 -14.23 -10.60 -23.77
N ALA A 334 -14.31 -11.32 -24.89
CA ALA A 334 -14.01 -10.71 -26.18
C ALA A 334 -14.83 -9.45 -26.40
N ILE A 335 -16.14 -9.51 -26.06
CA ILE A 335 -17.02 -8.36 -26.30
C ILE A 335 -16.63 -7.19 -25.41
N MET A 336 -16.36 -7.45 -24.13
CA MET A 336 -15.96 -6.38 -23.22
C MET A 336 -14.66 -5.71 -23.68
N GLY A 337 -13.64 -6.50 -24.01
CA GLY A 337 -12.38 -5.92 -24.46
C GLY A 337 -12.53 -5.07 -25.72
N LEU A 338 -13.26 -5.59 -26.71
CA LEU A 338 -13.40 -4.86 -27.97
C LEU A 338 -14.17 -3.56 -27.79
N ARG A 339 -15.31 -3.62 -27.08
CA ARG A 339 -16.08 -2.39 -26.87
C ARG A 339 -15.35 -1.42 -25.95
N ALA A 340 -14.57 -1.93 -25.00
CA ALA A 340 -13.80 -1.04 -24.15
C ALA A 340 -12.79 -0.28 -24.99
N GLY A 341 -12.18 -0.95 -25.96
CA GLY A 341 -11.22 -0.28 -26.81
C GLY A 341 -9.91 -1.01 -27.04
N VAL A 342 -9.85 -2.30 -26.76
CA VAL A 342 -8.73 -3.13 -27.17
C VAL A 342 -8.93 -3.52 -28.64
N ASP A 343 -7.97 -3.18 -29.49
CA ASP A 343 -8.09 -3.37 -30.93
C ASP A 343 -7.52 -4.69 -31.41
N ILE A 344 -6.40 -5.15 -30.85
CA ILE A 344 -5.77 -6.38 -31.30
C ILE A 344 -5.38 -7.21 -30.10
N GLU A 345 -5.68 -8.51 -30.15
CA GLU A 345 -5.48 -9.41 -29.03
C GLU A 345 -4.16 -10.16 -29.20
N LEU A 346 -3.26 -9.94 -28.25
CA LEU A 346 -2.02 -10.69 -28.15
C LEU A 346 -2.32 -11.99 -27.40
N ALA A 347 -2.40 -13.11 -28.14
CA ALA A 347 -2.77 -14.38 -27.54
C ALA A 347 -2.70 -15.50 -28.58
N ASN A 348 -2.44 -16.72 -28.12
CA ASN A 348 -2.64 -17.91 -28.93
C ASN A 348 -4.07 -18.38 -28.75
N ASN A 349 -4.72 -18.74 -29.86
CA ASN A 349 -6.10 -19.21 -29.82
C ASN A 349 -6.96 -18.25 -29.01
N GLY A 350 -6.90 -16.98 -29.36
CA GLY A 350 -7.50 -15.95 -28.54
C GLY A 350 -9.02 -15.95 -28.59
N VAL A 351 -9.61 -15.19 -27.66
CA VAL A 351 -11.07 -15.07 -27.66
C VAL A 351 -11.55 -14.19 -28.81
N TYR A 352 -10.67 -13.34 -29.37
CA TYR A 352 -11.09 -12.55 -30.52
C TYR A 352 -11.39 -13.41 -31.76
N LEU A 353 -10.98 -14.68 -31.76
CA LEU A 353 -11.36 -15.57 -32.84
C LEU A 353 -12.87 -15.78 -32.91
N MET A 354 -13.58 -15.50 -31.81
CA MET A 354 -15.04 -15.59 -31.79
C MET A 354 -15.73 -14.37 -32.37
N LEU A 355 -14.99 -13.29 -32.66
CA LEU A 355 -15.63 -12.05 -33.08
C LEU A 355 -16.50 -12.19 -34.33
N PRO A 356 -16.06 -12.85 -35.41
CA PRO A 356 -16.96 -12.96 -36.59
C PRO A 356 -18.26 -13.68 -36.29
N GLN A 357 -18.20 -14.83 -35.63
CA GLN A 357 -19.44 -15.53 -35.32
C GLN A 357 -20.33 -14.74 -34.36
N LEU A 358 -19.72 -13.94 -33.47
CA LEU A 358 -20.56 -13.13 -32.57
C LEU A 358 -21.30 -12.05 -33.34
N VAL A 359 -20.65 -11.45 -34.32
CA VAL A 359 -21.31 -10.46 -35.18
C VAL A 359 -22.44 -11.14 -35.95
N ARG A 360 -22.15 -12.29 -36.54
CA ARG A 360 -23.17 -12.99 -37.34
C ARG A 360 -24.31 -13.47 -36.45
N ASP A 361 -24.02 -13.90 -35.23
CA ASP A 361 -25.06 -14.31 -34.30
C ASP A 361 -25.85 -13.13 -33.72
N GLY A 362 -25.48 -11.89 -34.02
CA GLY A 362 -26.23 -10.76 -33.53
C GLY A 362 -25.89 -10.33 -32.11
N LEU A 363 -24.86 -10.89 -31.50
CA LEU A 363 -24.47 -10.52 -30.15
C LEU A 363 -23.45 -9.39 -30.10
N LEU A 364 -23.04 -8.86 -31.26
CA LEU A 364 -22.00 -7.84 -31.34
C LEU A 364 -22.16 -7.05 -32.62
N GLU A 365 -22.06 -5.72 -32.52
CA GLU A 365 -22.20 -4.87 -33.70
C GLU A 365 -20.93 -4.89 -34.54
N GLU A 366 -21.10 -5.04 -35.85
CA GLU A 366 -19.95 -5.17 -36.74
C GLU A 366 -19.07 -3.93 -36.69
N ARG A 367 -19.65 -2.76 -36.37
CA ARG A 367 -18.88 -1.53 -36.36
C ARG A 367 -17.71 -1.56 -35.37
N TYR A 368 -17.77 -2.41 -34.34
CA TYR A 368 -16.62 -2.52 -33.42
C TYR A 368 -15.46 -3.27 -34.06
N VAL A 369 -15.76 -4.30 -34.86
CA VAL A 369 -14.72 -4.95 -35.63
C VAL A 369 -14.07 -3.97 -36.59
N ARG A 370 -14.89 -3.15 -37.25
CA ARG A 370 -14.38 -2.18 -38.22
C ARG A 370 -13.59 -1.07 -37.55
N ARG A 371 -14.05 -0.60 -36.38
CA ARG A 371 -13.28 0.40 -35.63
C ARG A 371 -11.89 -0.14 -35.29
N ALA A 372 -11.82 -1.37 -34.80
CA ALA A 372 -10.52 -1.93 -34.43
C ALA A 372 -9.66 -2.20 -35.67
N ALA A 373 -10.21 -2.88 -36.68
CA ALA A 373 -9.39 -3.23 -37.85
C ALA A 373 -8.89 -1.99 -38.58
N GLU A 374 -9.63 -0.89 -38.54
CA GLU A 374 -9.17 0.29 -39.26
C GLU A 374 -7.97 0.92 -38.56
N ARG A 375 -7.98 0.95 -37.22
CA ARG A 375 -6.83 1.43 -36.47
C ARG A 375 -5.58 0.63 -36.82
N ILE A 376 -5.72 -0.70 -36.81
CA ILE A 376 -4.62 -1.60 -37.15
C ILE A 376 -4.08 -1.30 -38.55
N LEU A 377 -4.99 -1.21 -39.53
CA LEU A 377 -4.59 -0.95 -40.92
C LEU A 377 -3.87 0.39 -41.03
N ALA A 378 -4.36 1.42 -40.35
CA ALA A 378 -3.73 2.73 -40.44
C ALA A 378 -2.32 2.68 -39.87
N ALA A 379 -2.12 1.92 -38.79
CA ALA A 379 -0.78 1.78 -38.23
C ALA A 379 0.13 1.06 -39.22
N LYS A 380 -0.39 0.04 -39.90
CA LYS A 380 0.43 -0.69 -40.86
C LYS A 380 0.86 0.22 -42.03
N PHE A 381 -0.08 1.02 -42.55
CA PHE A 381 0.30 1.98 -43.58
C PHE A 381 1.38 2.92 -43.08
N LYS A 382 1.18 3.50 -41.88
CA LYS A 382 2.15 4.43 -41.30
C LYS A 382 3.55 3.79 -41.15
N CYS A 383 3.60 2.51 -40.79
CA CYS A 383 4.88 1.83 -40.65
C CYS A 383 5.44 1.35 -41.98
N GLY A 384 4.76 1.60 -43.08
CA GLY A 384 5.27 1.25 -44.39
C GLY A 384 5.17 -0.20 -44.77
N LEU A 385 4.37 -1.00 -44.07
CA LEU A 385 4.32 -2.43 -44.38
C LEU A 385 3.90 -2.68 -45.82
N PHE A 386 3.08 -1.80 -46.39
CA PHE A 386 2.56 -2.00 -47.73
C PHE A 386 3.55 -1.59 -48.81
N ASP A 387 4.49 -0.71 -48.49
CA ASP A 387 5.33 -0.03 -49.47
C ASP A 387 6.80 -0.44 -49.40
N MET A 388 7.15 -1.45 -48.60
CA MET A 388 8.53 -1.75 -48.28
C MET A 388 8.80 -3.24 -48.33
N PRO A 389 10.06 -3.63 -48.54
CA PRO A 389 10.47 -5.01 -48.27
C PRO A 389 10.23 -5.42 -46.82
N PHE A 390 10.10 -6.73 -46.61
CA PHE A 390 9.77 -7.22 -45.27
C PHE A 390 10.93 -7.05 -44.28
N ALA A 391 12.16 -7.15 -44.76
CA ALA A 391 13.37 -7.18 -43.94
C ALA A 391 14.57 -6.96 -44.85
N ASP A 392 15.77 -7.05 -44.29
CA ASP A 392 17.01 -6.74 -45.01
C ASP A 392 18.13 -7.55 -44.39
N PRO A 393 18.32 -8.78 -44.84
CA PRO A 393 19.26 -9.68 -44.14
C PRO A 393 20.68 -9.15 -44.03
N ALA A 394 21.17 -8.46 -45.06
CA ALA A 394 22.58 -8.08 -45.05
C ALA A 394 22.82 -6.86 -44.16
N LEU A 395 21.92 -5.88 -44.21
CA LEU A 395 21.98 -4.78 -43.26
C LEU A 395 21.83 -5.27 -41.82
N ALA A 396 20.90 -6.21 -41.59
CA ALA A 396 20.73 -6.79 -40.27
C ALA A 396 22.05 -7.36 -39.75
N GLY A 397 22.88 -7.91 -40.64
CA GLY A 397 24.17 -8.44 -40.22
C GLY A 397 25.18 -7.35 -39.91
N ARG A 398 25.13 -6.24 -40.65
CA ARG A 398 26.07 -5.17 -40.38
C ARG A 398 25.72 -4.40 -39.10
N LEU A 399 24.43 -4.26 -38.80
CA LEU A 399 24.02 -3.43 -37.65
C LEU A 399 24.20 -4.16 -36.32
N ALA A 400 23.90 -5.45 -36.28
CA ALA A 400 23.88 -6.20 -35.04
C ALA A 400 25.22 -6.10 -34.31
N ARG A 401 25.19 -5.52 -33.12
CA ARG A 401 26.36 -5.41 -32.25
C ARG A 401 27.54 -4.78 -32.99
N SER A 402 27.20 -3.83 -33.87
CA SER A 402 28.21 -3.11 -34.62
C SER A 402 29.13 -2.36 -33.66
N THR A 403 30.29 -1.93 -34.17
CA THR A 403 31.25 -1.26 -33.31
C THR A 403 30.67 0.03 -32.76
N GLU A 404 29.92 0.76 -33.59
CA GLU A 404 29.26 1.98 -33.11
C GLU A 404 28.21 1.66 -32.04
N HIS A 405 27.45 0.57 -32.21
CA HIS A 405 26.41 0.25 -31.24
C HIS A 405 27.00 -0.30 -29.94
N LYS A 406 28.07 -1.09 -30.03
CA LYS A 406 28.75 -1.54 -28.82
C LYS A 406 29.36 -0.37 -28.06
N LEU A 407 29.91 0.61 -28.80
CA LEU A 407 30.51 1.76 -28.12
C LEU A 407 29.44 2.61 -27.44
N LEU A 408 28.29 2.80 -28.10
CA LEU A 408 27.18 3.47 -27.44
C LEU A 408 26.78 2.75 -26.16
N ALA A 409 26.71 1.42 -26.20
CA ALA A 409 26.37 0.66 -25.00
C ALA A 409 27.40 0.87 -23.89
N ARG A 410 28.69 0.97 -24.26
CA ARG A 410 29.72 1.27 -23.28
C ARG A 410 29.54 2.68 -22.72
N ARG A 411 29.36 3.67 -23.59
CA ARG A 411 29.22 5.05 -23.13
C ARG A 411 27.98 5.23 -22.26
N MET A 412 26.89 4.53 -22.56
CA MET A 412 25.69 4.66 -21.74
C MET A 412 25.95 4.17 -20.32
N ALA A 413 26.59 3.01 -20.19
CA ALA A 413 26.96 2.50 -18.87
C ALA A 413 27.84 3.49 -18.10
N GLU A 414 28.84 4.08 -18.79
CA GLU A 414 29.71 5.08 -18.15
C GLU A 414 28.92 6.28 -17.62
N GLU A 415 27.76 6.59 -18.22
CA GLU A 415 26.96 7.71 -17.75
C GLU A 415 25.96 7.31 -16.66
N SER A 416 25.74 6.01 -16.46
CA SER A 416 24.66 5.50 -15.64
C SER A 416 25.11 5.02 -14.28
N ILE A 417 26.30 4.44 -14.17
CA ILE A 417 26.72 3.85 -12.90
C ILE A 417 26.75 4.93 -11.82
N VAL A 418 26.17 4.61 -10.67
CA VAL A 418 25.96 5.55 -9.57
C VAL A 418 27.01 5.29 -8.49
N LEU A 419 27.70 6.36 -8.08
CA LEU A 419 28.56 6.33 -6.90
C LEU A 419 27.68 6.61 -5.69
N LEU A 420 27.34 5.55 -4.94
CA LEU A 420 26.42 5.69 -3.81
C LEU A 420 27.11 6.33 -2.60
N GLN A 421 28.30 5.84 -2.25
CA GLN A 421 29.08 6.42 -1.16
C GLN A 421 30.56 6.17 -1.41
N ASN A 422 31.38 7.10 -0.90
CA ASN A 422 32.82 7.06 -1.11
C ASN A 422 33.52 7.53 0.17
N GLU A 423 33.22 6.87 1.28
CA GLU A 423 33.72 7.30 2.59
C GLU A 423 35.25 7.27 2.62
N GLY A 424 35.87 8.42 2.92
CA GLY A 424 37.31 8.54 2.94
C GLY A 424 37.97 8.53 1.59
N ASN A 425 37.20 8.63 0.49
CA ASN A 425 37.76 8.78 -0.85
C ASN A 425 38.60 7.57 -1.25
N VAL A 426 38.09 6.38 -0.92
CA VAL A 426 38.73 5.15 -1.37
C VAL A 426 38.82 5.10 -2.89
N LEU A 427 37.77 5.67 -3.61
CA LEU A 427 37.79 5.73 -5.07
C LEU A 427 38.14 7.12 -5.55
N PRO A 428 38.81 7.24 -6.70
CA PRO A 428 39.26 6.16 -7.58
C PRO A 428 40.51 5.43 -7.07
N LEU A 429 40.54 4.12 -7.27
CA LEU A 429 41.78 3.37 -7.19
C LEU A 429 42.83 3.96 -8.14
N GLN A 430 44.11 3.75 -7.82
CA GLN A 430 45.21 4.17 -8.69
C GLN A 430 45.81 2.93 -9.33
N SER A 431 45.77 2.87 -10.67
CA SER A 431 46.18 1.64 -11.36
C SER A 431 47.66 1.32 -11.11
N SER A 432 48.52 2.33 -11.19
CA SER A 432 49.94 2.10 -10.96
C SER A 432 50.24 1.65 -9.53
N ALA A 433 49.34 1.91 -8.58
CA ALA A 433 49.56 1.57 -7.18
C ALA A 433 48.98 0.21 -6.78
N VAL A 434 48.33 -0.50 -7.70
CA VAL A 434 47.69 -1.76 -7.39
C VAL A 434 48.63 -2.88 -7.81
N ARG A 435 48.75 -3.92 -6.97
CA ARG A 435 49.53 -5.09 -7.34
C ARG A 435 48.67 -6.31 -7.59
N LYS A 436 47.81 -6.71 -6.65
CA LYS A 436 47.02 -7.92 -6.81
C LYS A 436 45.60 -7.66 -6.31
N MET A 437 44.63 -7.65 -7.23
CA MET A 437 43.24 -7.37 -6.93
C MET A 437 42.42 -8.65 -6.96
N LEU A 438 41.66 -8.90 -5.90
CA LEU A 438 40.69 -9.99 -5.86
C LEU A 438 39.33 -9.47 -6.34
N VAL A 439 38.80 -10.10 -7.39
CA VAL A 439 37.45 -9.83 -7.87
C VAL A 439 36.58 -10.99 -7.45
N VAL A 440 35.59 -10.73 -6.59
CA VAL A 440 34.87 -11.78 -5.87
C VAL A 440 33.38 -11.43 -5.77
N GLY A 441 32.55 -12.47 -5.82
CA GLY A 441 31.12 -12.32 -5.63
C GLY A 441 30.27 -13.03 -6.66
N PRO A 442 28.99 -13.23 -6.34
CA PRO A 442 28.11 -13.98 -7.27
C PRO A 442 27.94 -13.30 -8.62
N ASN A 443 28.16 -11.99 -8.72
CA ASN A 443 27.98 -11.29 -9.99
C ASN A 443 29.28 -10.80 -10.60
N ALA A 444 30.40 -11.48 -10.31
CA ALA A 444 31.68 -11.04 -10.86
C ALA A 444 31.96 -11.66 -12.22
N ALA A 445 31.88 -12.99 -12.32
CA ALA A 445 32.29 -13.73 -13.49
C ALA A 445 31.18 -13.89 -14.53
N SER A 446 29.93 -13.73 -14.10
CA SER A 446 28.77 -13.82 -14.96
C SER A 446 28.39 -12.46 -15.54
N VAL A 447 27.86 -12.48 -16.76
CA VAL A 447 27.25 -11.29 -17.36
C VAL A 447 25.81 -11.19 -16.87
N HIS A 448 25.37 -9.98 -16.53
CA HIS A 448 23.99 -9.79 -16.12
C HIS A 448 23.38 -8.63 -16.90
N LEU A 449 22.37 -8.96 -17.71
CA LEU A 449 21.75 -8.01 -18.60
C LEU A 449 20.32 -7.68 -18.22
N GLY A 450 19.68 -8.50 -17.40
CA GLY A 450 18.33 -8.22 -16.94
C GLY A 450 17.28 -8.94 -17.75
N GLY A 451 16.04 -8.81 -17.27
CA GLY A 451 14.92 -9.37 -17.99
C GLY A 451 14.83 -8.85 -19.41
N TYR A 452 14.18 -9.63 -20.26
CA TYR A 452 13.95 -9.22 -21.65
C TYR A 452 15.26 -9.07 -22.42
N SER A 453 16.17 -10.03 -22.23
CA SER A 453 17.46 -10.12 -22.89
C SER A 453 17.61 -11.49 -23.54
N PRO A 454 18.34 -11.57 -24.65
CA PRO A 454 18.56 -12.87 -25.30
C PRO A 454 19.46 -13.77 -24.48
N LYS A 455 19.07 -15.04 -24.37
CA LYS A 455 19.82 -16.03 -23.63
C LYS A 455 20.54 -17.01 -24.57
N PRO A 456 21.79 -17.37 -24.28
CA PRO A 456 22.52 -16.92 -23.08
C PRO A 456 23.08 -15.52 -23.22
N PHE A 457 23.22 -14.82 -22.10
CA PHE A 457 23.73 -13.45 -22.12
C PHE A 457 25.10 -13.40 -22.77
N VAL A 458 25.34 -12.34 -23.54
CA VAL A 458 26.61 -12.10 -24.20
C VAL A 458 27.08 -10.71 -23.79
N GLY A 459 28.24 -10.62 -23.15
CA GLY A 459 28.76 -9.32 -22.78
C GLY A 459 30.02 -9.44 -21.96
N VAL A 460 30.44 -8.30 -21.41
CA VAL A 460 31.69 -8.20 -20.67
C VAL A 460 31.37 -8.13 -19.19
N SER A 461 31.65 -9.20 -18.46
CA SER A 461 31.40 -9.25 -17.03
C SER A 461 32.32 -8.29 -16.29
N ALA A 462 32.02 -8.07 -15.01
CA ALA A 462 32.88 -7.25 -14.16
C ALA A 462 34.30 -7.83 -14.11
N LEU A 463 34.40 -9.15 -13.89
CA LEU A 463 35.71 -9.82 -13.88
C LEU A 463 36.48 -9.57 -15.17
N GLU A 464 35.87 -9.91 -16.30
CA GLU A 464 36.52 -9.73 -17.59
C GLU A 464 36.93 -8.29 -17.82
N GLY A 465 36.07 -7.34 -17.44
CA GLY A 465 36.42 -5.94 -17.61
C GLY A 465 37.63 -5.54 -16.78
N LEU A 466 37.72 -6.07 -15.57
CA LEU A 466 38.85 -5.78 -14.71
C LEU A 466 40.12 -6.53 -15.15
N GLN A 467 39.98 -7.77 -15.61
CA GLN A 467 41.12 -8.49 -16.17
C GLN A 467 41.74 -7.72 -17.33
N ALA A 468 40.91 -7.24 -18.25
CA ALA A 468 41.42 -6.49 -19.39
C ALA A 468 42.07 -5.19 -18.95
N TYR A 469 41.55 -4.57 -17.90
CA TYR A 469 42.15 -3.35 -17.38
C TYR A 469 43.49 -3.65 -16.72
N ALA A 470 43.58 -4.75 -15.98
CA ALA A 470 44.84 -5.10 -15.33
C ALA A 470 45.93 -5.35 -16.37
N GLU A 471 45.59 -6.01 -17.47
CA GLU A 471 46.58 -6.33 -18.51
C GLU A 471 47.26 -5.08 -19.02
N GLN A 472 46.47 -4.06 -19.37
CA GLN A 472 47.00 -2.80 -19.85
C GLN A 472 47.68 -1.99 -18.75
N ALA A 473 47.33 -2.23 -17.48
CA ALA A 473 47.77 -1.39 -16.38
C ALA A 473 48.92 -1.96 -15.58
N GLY A 474 49.19 -3.26 -15.69
CA GLY A 474 50.35 -3.85 -15.07
C GLY A 474 50.13 -4.28 -13.63
N PHE A 475 49.02 -4.95 -13.37
CA PHE A 475 48.79 -5.55 -12.07
C PHE A 475 48.00 -6.83 -12.26
N GLU A 476 47.93 -7.63 -11.20
CA GLU A 476 47.37 -8.96 -11.24
C GLU A 476 45.93 -8.96 -10.72
N VAL A 477 45.16 -9.93 -11.20
CA VAL A 477 43.77 -10.12 -10.80
C VAL A 477 43.57 -11.59 -10.47
N GLU A 478 43.01 -11.87 -9.31
CA GLU A 478 42.49 -13.20 -9.01
C GLU A 478 40.98 -13.12 -8.81
N TYR A 479 40.32 -14.27 -8.97
CA TYR A 479 38.88 -14.35 -8.92
C TYR A 479 38.48 -15.42 -7.93
N ALA A 480 37.47 -15.13 -7.13
CA ALA A 480 36.83 -16.10 -6.27
C ALA A 480 35.32 -15.97 -6.41
N GLN A 481 34.62 -17.10 -6.36
CA GLN A 481 33.16 -17.07 -6.39
C GLN A 481 32.59 -16.24 -5.23
N GLY A 482 33.11 -16.44 -4.03
CA GLY A 482 32.62 -15.73 -2.86
C GLY A 482 31.39 -16.40 -2.28
N CYS A 483 30.27 -16.28 -2.98
CA CYS A 483 29.05 -17.03 -2.68
C CYS A 483 28.18 -17.04 -3.92
N ALA A 484 27.18 -17.93 -3.91
CA ALA A 484 26.18 -18.01 -4.95
C ALA A 484 24.87 -17.43 -4.44
N ILE A 485 24.12 -16.80 -5.35
CA ILE A 485 22.77 -16.31 -5.05
C ILE A 485 21.79 -17.44 -5.33
N THR A 486 21.81 -17.93 -6.55
CA THR A 486 20.97 -19.05 -6.96
C THR A 486 21.84 -20.26 -7.25
N ALA A 487 21.32 -21.44 -6.93
CA ALA A 487 22.10 -22.66 -7.10
C ALA A 487 22.26 -23.00 -8.57
N GLY A 488 23.46 -23.43 -8.93
CA GLY A 488 23.80 -23.69 -10.32
C GLY A 488 24.19 -22.47 -11.11
N ASP A 489 24.15 -21.29 -10.50
CA ASP A 489 24.56 -20.05 -11.17
C ASP A 489 25.85 -19.58 -10.50
N GLU A 490 26.95 -20.23 -10.87
CA GLU A 490 28.29 -19.88 -10.43
C GLU A 490 29.21 -19.86 -11.65
N GLY A 491 30.31 -19.11 -11.54
CA GLY A 491 31.20 -19.03 -12.67
C GLY A 491 30.61 -18.13 -13.75
N ASN A 492 31.10 -18.33 -14.98
CA ASN A 492 30.73 -17.43 -16.06
C ASN A 492 29.37 -17.80 -16.64
N ASN A 493 28.83 -16.86 -17.42
CA ASN A 493 27.46 -16.87 -17.92
C ASN A 493 27.42 -16.98 -19.45
N GLU A 494 28.24 -17.89 -20.00
CA GLU A 494 28.42 -17.97 -21.44
C GLU A 494 27.74 -19.18 -22.07
N ILE A 495 27.76 -20.34 -21.40
CA ILE A 495 27.18 -21.56 -21.95
C ILE A 495 25.68 -21.59 -21.63
N GLU A 496 24.90 -22.14 -22.55
CA GLU A 496 23.45 -22.09 -22.46
C GLU A 496 22.89 -23.14 -21.52
N THR A 497 21.86 -22.76 -20.77
CA THR A 497 21.03 -23.69 -20.00
C THR A 497 19.57 -23.31 -20.21
N ASP A 498 18.69 -24.27 -19.97
CA ASP A 498 17.27 -24.07 -20.23
C ASP A 498 16.62 -23.23 -19.13
N ALA A 499 15.52 -22.57 -19.49
CA ALA A 499 14.71 -21.81 -18.55
C ALA A 499 13.58 -22.65 -17.95
N SER A 500 13.59 -23.97 -18.16
CA SER A 500 12.60 -24.87 -17.60
C SER A 500 13.03 -25.51 -16.30
N ASP A 501 14.24 -25.23 -15.83
CA ASP A 501 14.66 -25.58 -14.48
C ASP A 501 14.30 -24.41 -13.57
N GLU A 502 13.29 -24.61 -12.72
CA GLU A 502 12.91 -23.57 -11.78
C GLU A 502 14.09 -23.22 -10.89
N SER A 503 14.26 -21.93 -10.63
CA SER A 503 15.41 -21.47 -9.88
C SER A 503 15.25 -21.83 -8.41
N VAL A 504 16.36 -22.27 -7.79
CA VAL A 504 16.41 -22.57 -6.37
C VAL A 504 17.49 -21.72 -5.70
N GLN A 505 17.27 -21.36 -4.45
CA GLN A 505 18.23 -20.51 -3.75
C GLN A 505 19.50 -21.28 -3.44
N ALA A 506 20.63 -20.57 -3.42
CA ALA A 506 21.90 -21.24 -3.19
C ALA A 506 21.98 -21.79 -1.78
N ASP A 507 22.75 -22.88 -1.64
CA ASP A 507 22.84 -23.57 -0.35
C ASP A 507 23.70 -22.77 0.62
N PRO A 508 23.21 -22.46 1.83
CA PRO A 508 24.02 -21.69 2.78
C PRO A 508 25.33 -22.38 3.17
N ALA A 509 25.32 -23.70 3.40
CA ALA A 509 26.55 -24.37 3.84
C ALA A 509 27.62 -24.34 2.75
N ARG A 510 27.22 -24.60 1.50
CA ARG A 510 28.18 -24.45 0.40
C ARG A 510 28.70 -23.02 0.32
N ASN A 511 27.81 -22.04 0.51
CA ASN A 511 28.22 -20.63 0.46
C ASN A 511 29.23 -20.31 1.56
N ARG A 512 29.04 -20.86 2.76
CA ARG A 512 30.01 -20.62 3.83
C ARG A 512 31.39 -21.15 3.47
N ARG A 513 31.46 -22.35 2.88
CA ARG A 513 32.73 -22.86 2.40
C ARG A 513 33.32 -21.94 1.34
N LEU A 514 32.47 -21.44 0.43
CA LEU A 514 32.98 -20.55 -0.61
C LEU A 514 33.45 -19.23 -0.02
N ILE A 515 32.85 -18.79 1.09
CA ILE A 515 33.30 -17.57 1.75
C ILE A 515 34.69 -17.77 2.34
N ALA A 516 34.87 -18.87 3.08
CA ALA A 516 36.19 -19.21 3.63
C ALA A 516 37.26 -19.24 2.53
N GLU A 517 36.95 -19.87 1.39
CA GLU A 517 37.92 -19.93 0.30
C GLU A 517 38.28 -18.53 -0.20
N ALA A 518 37.30 -17.64 -0.31
CA ALA A 518 37.60 -16.30 -0.79
C ALA A 518 38.40 -15.52 0.23
N VAL A 519 38.12 -15.73 1.52
CA VAL A 519 38.92 -15.12 2.58
C VAL A 519 40.40 -15.50 2.42
N ALA A 520 40.67 -16.80 2.25
CA ALA A 520 42.04 -17.26 2.04
C ALA A 520 42.69 -16.61 0.83
N THR A 521 42.01 -16.65 -0.31
CA THR A 521 42.53 -16.03 -1.54
C THR A 521 42.80 -14.55 -1.35
N ALA A 522 42.07 -13.88 -0.45
CA ALA A 522 42.19 -12.44 -0.30
C ALA A 522 43.44 -12.01 0.48
N GLN A 523 44.09 -12.94 1.20
CA GLN A 523 45.16 -12.57 2.12
C GLN A 523 46.32 -11.89 1.39
N ASP A 524 46.61 -12.31 0.16
CA ASP A 524 47.72 -11.75 -0.60
C ASP A 524 47.27 -10.62 -1.54
N CYS A 525 46.02 -10.21 -1.49
CA CYS A 525 45.52 -9.17 -2.37
C CYS A 525 45.45 -7.85 -1.62
N ASP A 526 45.93 -6.77 -2.25
CA ASP A 526 45.85 -5.44 -1.65
C ASP A 526 44.53 -4.73 -1.92
N VAL A 527 43.78 -5.15 -2.95
CA VAL A 527 42.47 -4.58 -3.27
C VAL A 527 41.46 -5.71 -3.44
N ILE A 528 40.28 -5.54 -2.83
CA ILE A 528 39.17 -6.47 -2.96
C ILE A 528 37.99 -5.73 -3.60
N VAL A 529 37.45 -6.26 -4.69
CA VAL A 529 36.30 -5.66 -5.36
C VAL A 529 35.16 -6.67 -5.30
N MET A 530 34.13 -6.35 -4.52
CA MET A 530 33.00 -7.26 -4.30
C MET A 530 31.87 -6.93 -5.28
N CYS A 531 31.43 -7.94 -6.03
CA CYS A 531 30.37 -7.83 -7.03
C CYS A 531 29.15 -8.56 -6.49
N LEU A 532 28.18 -7.80 -6.00
CA LEU A 532 27.03 -8.33 -5.25
C LEU A 532 25.74 -7.74 -5.82
N GLY A 533 24.61 -8.22 -5.29
CA GLY A 533 23.32 -7.65 -5.61
C GLY A 533 22.23 -8.69 -5.71
N GLY A 534 21.69 -8.84 -6.91
CA GLY A 534 20.69 -9.85 -7.20
C GLY A 534 20.87 -10.27 -8.64
N ASN A 535 20.03 -11.20 -9.09
CA ASN A 535 20.14 -11.61 -10.49
C ASN A 535 18.75 -11.72 -11.09
N GLU A 536 18.71 -12.23 -12.32
CA GLU A 536 17.50 -12.34 -13.12
C GLU A 536 16.56 -13.42 -12.59
N SER A 537 16.98 -14.17 -11.57
CA SER A 537 16.06 -15.06 -10.86
C SER A 537 15.48 -14.43 -9.58
N THR A 538 16.17 -13.49 -8.94
CA THR A 538 15.62 -12.91 -7.71
C THR A 538 14.75 -11.68 -7.97
N ALA A 539 14.96 -10.99 -9.09
CA ALA A 539 14.02 -10.00 -9.62
C ALA A 539 13.63 -10.48 -11.01
N ARG A 540 12.35 -10.78 -11.20
N ARG A 540 12.38 -10.87 -11.18
CA ARG A 540 11.87 -11.46 -12.40
CA ARG A 540 11.91 -11.24 -12.51
C ARG A 540 10.37 -11.23 -12.53
C ARG A 540 10.41 -11.08 -12.56
N GLU A 541 9.90 -11.12 -13.78
CA GLU A 541 8.47 -11.11 -14.03
C GLU A 541 7.85 -12.42 -13.56
N ALA A 542 6.89 -12.33 -12.64
CA ALA A 542 6.16 -13.52 -12.18
C ALA A 542 5.10 -13.87 -13.22
N TYR A 543 5.33 -14.95 -13.99
CA TYR A 543 4.41 -15.25 -15.06
C TYR A 543 3.10 -15.83 -14.52
N PHE A 544 2.11 -15.85 -15.41
CA PHE A 544 0.77 -16.31 -15.08
C PHE A 544 0.75 -17.79 -14.70
N ALA A 545 1.49 -18.62 -15.45
CA ALA A 545 1.37 -20.07 -15.30
C ALA A 545 2.01 -20.56 -14.01
N GLY A 546 1.48 -21.68 -13.51
CA GLY A 546 2.07 -22.38 -12.38
C GLY A 546 2.19 -21.49 -11.16
N ASP A 547 3.34 -21.58 -10.50
CA ASP A 547 3.66 -20.78 -9.32
C ASP A 547 4.91 -19.96 -9.57
N SER A 548 4.95 -19.28 -10.73
CA SER A 548 6.09 -18.46 -11.10
C SER A 548 6.26 -17.30 -10.12
N ARG A 549 7.48 -17.04 -9.69
CA ARG A 549 7.75 -16.05 -8.64
C ARG A 549 8.88 -15.12 -9.03
N GLY A 550 8.77 -13.86 -8.62
CA GLY A 550 9.73 -12.86 -9.01
C GLY A 550 9.74 -11.63 -8.13
N ASP A 551 8.73 -11.49 -7.29
CA ASP A 551 8.64 -10.37 -6.36
C ASP A 551 9.24 -10.80 -5.01
N ARG A 552 9.80 -9.83 -4.28
CA ARG A 552 10.46 -10.11 -2.99
C ARG A 552 9.75 -9.40 -1.85
N ASP A 553 9.75 -10.04 -0.68
CA ASP A 553 9.22 -9.43 0.54
C ASP A 553 10.34 -8.89 1.42
N ASP A 554 11.46 -8.53 0.82
CA ASP A 554 12.65 -8.09 1.51
C ASP A 554 13.52 -7.39 0.49
N LEU A 555 14.17 -6.30 0.90
CA LEU A 555 14.98 -5.52 -0.01
C LEU A 555 16.48 -5.59 0.29
N GLU A 556 16.86 -6.31 1.33
CA GLU A 556 18.28 -6.54 1.56
C GLU A 556 18.86 -7.45 0.48
N LEU A 557 20.19 -7.42 0.39
CA LEU A 557 20.91 -8.45 -0.38
C LEU A 557 20.49 -9.83 0.07
N ILE A 558 20.11 -10.65 -0.87
CA ILE A 558 19.56 -11.96 -0.54
C ILE A 558 20.67 -12.91 -0.13
N GLY A 559 20.36 -13.79 0.79
CA GLY A 559 21.22 -14.94 1.08
C GLY A 559 22.42 -14.58 1.93
N GLU A 560 23.59 -15.05 1.49
CA GLU A 560 24.83 -14.98 2.28
C GLU A 560 25.75 -13.88 1.82
N GLN A 561 25.27 -12.98 0.98
CA GLN A 561 26.16 -11.96 0.42
C GLN A 561 26.65 -11.00 1.49
N ASN A 562 25.81 -10.67 2.48
CA ASN A 562 26.27 -9.79 3.55
C ASN A 562 27.32 -10.50 4.39
N GLU A 563 27.09 -11.78 4.69
CA GLU A 563 28.12 -12.60 5.35
C GLU A 563 29.43 -12.51 4.60
N LEU A 564 29.40 -12.74 3.27
CA LEU A 564 30.63 -12.67 2.48
C LEU A 564 31.26 -11.30 2.58
N ALA A 565 30.44 -10.24 2.51
CA ALA A 565 30.99 -8.89 2.51
C ALA A 565 31.67 -8.56 3.82
N GLU A 566 31.04 -8.89 4.95
CA GLU A 566 31.65 -8.62 6.23
C GLU A 566 32.92 -9.45 6.45
N ALA A 567 32.94 -10.69 5.92
CA ALA A 567 34.14 -11.51 6.06
C ALA A 567 35.33 -10.88 5.36
N LEU A 568 35.11 -10.31 4.18
CA LEU A 568 36.19 -9.68 3.43
C LEU A 568 36.58 -8.34 4.03
N LEU A 569 35.58 -7.59 4.52
CA LEU A 569 35.86 -6.28 5.08
C LEU A 569 36.71 -6.38 6.33
N ALA A 570 36.53 -7.46 7.10
CA ALA A 570 37.27 -7.62 8.34
C ALA A 570 38.78 -7.77 8.10
N LEU A 571 39.19 -8.09 6.87
CA LEU A 571 40.60 -8.21 6.54
C LEU A 571 41.33 -6.87 6.51
N GLY A 572 40.61 -5.76 6.44
CA GLY A 572 41.25 -4.46 6.50
C GLY A 572 41.95 -4.01 5.23
N LYS A 573 41.75 -4.69 4.11
CA LYS A 573 42.31 -4.23 2.86
C LYS A 573 41.42 -3.17 2.22
N THR A 574 41.94 -2.52 1.19
CA THR A 574 41.14 -1.63 0.36
C THR A 574 40.01 -2.41 -0.30
N THR A 575 38.76 -2.11 0.09
CA THR A 575 37.60 -2.88 -0.35
C THR A 575 36.52 -1.93 -0.88
N VAL A 576 36.03 -2.23 -2.09
CA VAL A 576 34.89 -1.52 -2.68
C VAL A 576 33.88 -2.55 -3.14
N ALA A 577 32.63 -2.11 -3.22
CA ALA A 577 31.55 -2.97 -3.67
C ALA A 577 30.91 -2.38 -4.93
N VAL A 578 30.58 -3.26 -5.87
CA VAL A 578 29.84 -2.94 -7.09
C VAL A 578 28.52 -3.71 -7.04
N LEU A 579 27.40 -2.99 -7.12
CA LEU A 579 26.08 -3.63 -7.06
C LEU A 579 25.54 -3.88 -8.46
N ILE A 580 25.17 -5.13 -8.73
CA ILE A 580 24.62 -5.57 -9.99
C ILE A 580 23.34 -6.32 -9.66
N HIS A 581 22.23 -5.89 -10.25
CA HIS A 581 20.89 -6.25 -9.75
C HIS A 581 19.80 -5.62 -10.63
N GLY A 582 18.58 -6.17 -10.52
CA GLY A 582 17.43 -5.61 -11.18
C GLY A 582 16.67 -4.54 -10.40
N ARG A 583 15.87 -4.94 -9.42
CA ARG A 583 15.11 -3.98 -8.62
C ARG A 583 16.03 -3.09 -7.79
N PRO A 584 15.55 -1.91 -7.39
CA PRO A 584 16.28 -1.15 -6.36
C PRO A 584 16.42 -2.00 -5.12
N LEU A 585 17.64 -2.03 -4.58
CA LEU A 585 17.93 -2.80 -3.35
C LEU A 585 18.27 -1.87 -2.19
N SER A 586 18.04 -2.36 -0.97
CA SER A 586 18.28 -1.59 0.24
C SER A 586 19.35 -2.31 1.06
N PRO A 587 20.61 -2.18 0.67
CA PRO A 587 21.72 -2.95 1.25
C PRO A 587 22.28 -2.25 2.49
N LEU A 588 21.53 -2.38 3.58
CA LEU A 588 21.83 -1.66 4.82
C LEU A 588 23.18 -2.08 5.39
N VAL A 589 23.38 -3.40 5.53
CA VAL A 589 24.64 -3.91 6.07
C VAL A 589 25.81 -3.39 5.25
N LEU A 590 25.72 -3.52 3.93
CA LEU A 590 26.79 -3.01 3.06
C LEU A 590 26.94 -1.51 3.19
N ALA A 591 25.83 -0.77 3.27
CA ALA A 591 25.95 0.68 3.38
C ALA A 591 26.60 1.09 4.70
N GLU A 592 26.37 0.33 5.77
CA GLU A 592 26.98 0.65 7.05
C GLU A 592 28.48 0.29 7.07
N ASN A 593 28.87 -0.81 6.43
CA ASN A 593 30.21 -1.35 6.66
C ASN A 593 31.22 -1.17 5.54
N CYS A 594 30.77 -0.95 4.30
CA CYS A 594 31.68 -0.84 3.17
C CYS A 594 31.74 0.59 2.69
N PRO A 595 32.92 1.21 2.67
CA PRO A 595 32.97 2.68 2.48
C PRO A 595 32.66 3.15 1.07
N ALA A 596 32.87 2.33 0.04
CA ALA A 596 32.71 2.77 -1.35
C ALA A 596 31.81 1.78 -2.07
N ILE A 597 30.71 2.27 -2.64
CA ILE A 597 29.74 1.43 -3.31
C ILE A 597 29.36 2.06 -4.64
N LEU A 598 29.51 1.28 -5.71
CA LEU A 598 28.98 1.63 -7.03
C LEU A 598 27.67 0.87 -7.21
N ASP A 599 26.67 1.55 -7.78
CA ASP A 599 25.40 0.89 -8.12
C ASP A 599 25.28 0.86 -9.63
N ALA A 600 25.40 -0.33 -10.20
CA ALA A 600 25.42 -0.48 -11.64
C ALA A 600 24.11 -1.00 -12.21
N PHE A 601 23.17 -1.38 -11.34
CA PHE A 601 21.95 -2.04 -11.76
C PHE A 601 22.30 -3.19 -12.71
N TYR A 602 21.88 -3.13 -13.96
CA TYR A 602 22.39 -4.07 -14.97
C TYR A 602 23.05 -3.21 -16.03
N PRO A 603 24.38 -3.22 -16.15
CA PRO A 603 25.06 -2.18 -16.93
C PRO A 603 25.24 -2.53 -18.40
N GLY A 604 24.53 -3.53 -18.91
CA GLY A 604 24.59 -3.79 -20.34
C GLY A 604 25.80 -4.62 -20.72
N GLU A 605 25.98 -4.80 -22.04
CA GLU A 605 26.94 -5.79 -22.49
C GLU A 605 28.37 -5.29 -22.45
N GLN A 606 28.57 -3.99 -22.44
CA GLN A 606 29.89 -3.39 -22.23
C GLN A 606 30.11 -2.98 -20.77
N GLY A 607 29.29 -3.47 -19.85
CA GLY A 607 29.30 -2.94 -18.50
C GLY A 607 30.61 -3.17 -17.76
N GLY A 608 31.21 -4.35 -17.96
CA GLY A 608 32.46 -4.66 -17.27
C GLY A 608 33.54 -3.65 -17.55
N HIS A 609 33.62 -3.13 -18.77
CA HIS A 609 34.61 -2.11 -19.09
C HIS A 609 34.27 -0.78 -18.42
N ALA A 610 32.99 -0.41 -18.41
CA ALA A 610 32.62 0.88 -17.82
C ALA A 610 32.85 0.86 -16.31
N ILE A 611 32.55 -0.25 -15.65
CA ILE A 611 32.85 -0.38 -14.22
C ILE A 611 34.34 -0.20 -13.95
N ALA A 612 35.18 -0.90 -14.72
CA ALA A 612 36.62 -0.78 -14.52
C ALA A 612 37.09 0.65 -14.75
N SER A 613 36.55 1.31 -15.78
CA SER A 613 36.95 2.69 -16.05
C SER A 613 36.58 3.63 -14.91
N ILE A 614 35.46 3.37 -14.24
CA ILE A 614 35.06 4.23 -13.14
C ILE A 614 35.83 3.87 -11.87
N LEU A 615 36.15 2.59 -11.67
CA LEU A 615 36.90 2.21 -10.49
C LEU A 615 38.28 2.88 -10.45
N PHE A 616 38.85 3.18 -11.62
CA PHE A 616 40.22 3.67 -11.69
C PHE A 616 40.31 5.14 -12.09
N GLY A 617 39.18 5.83 -12.22
CA GLY A 617 39.20 7.26 -12.42
C GLY A 617 39.23 7.73 -13.84
N ASP A 618 39.33 6.82 -14.82
CA ASP A 618 39.28 7.27 -16.21
C ASP A 618 37.93 7.91 -16.53
N VAL A 619 36.86 7.42 -15.91
CA VAL A 619 35.55 8.02 -16.01
C VAL A 619 35.17 8.52 -14.62
N ASN A 620 34.74 9.77 -14.53
CA ASN A 620 34.17 10.27 -13.29
C ASN A 620 32.71 9.86 -13.20
N PRO A 621 32.32 9.05 -12.22
CA PRO A 621 30.92 8.57 -12.16
C PRO A 621 29.95 9.74 -11.99
N SER A 622 28.81 9.62 -12.66
CA SER A 622 27.87 10.73 -12.74
C SER A 622 26.42 10.26 -12.75
N GLY A 623 26.16 8.96 -12.51
CA GLY A 623 24.80 8.51 -12.39
C GLY A 623 24.13 9.05 -11.13
N LYS A 624 22.79 9.18 -11.20
CA LYS A 624 21.96 9.60 -10.09
C LYS A 624 20.83 8.60 -9.92
N LEU A 625 20.40 8.40 -8.67
CA LEU A 625 19.33 7.44 -8.42
C LEU A 625 18.01 7.94 -8.99
N PRO A 626 17.28 7.14 -9.76
CA PRO A 626 15.95 7.55 -10.25
C PRO A 626 14.81 7.05 -9.36
N VAL A 627 15.14 6.42 -8.24
CA VAL A 627 14.19 6.00 -7.22
C VAL A 627 14.74 6.45 -5.87
N THR A 628 13.86 6.43 -4.86
CA THR A 628 14.29 6.54 -3.47
C THR A 628 14.64 5.14 -2.99
N ILE A 629 15.73 5.02 -2.22
CA ILE A 629 16.07 3.74 -1.60
C ILE A 629 15.69 3.81 -0.13
N VAL A 630 14.64 3.09 0.26
CA VAL A 630 14.23 3.08 1.67
C VAL A 630 15.17 2.17 2.44
N ARG A 631 15.22 2.37 3.76
CA ARG A 631 16.10 1.56 4.59
C ARG A 631 15.64 0.10 4.66
N ASN A 632 14.34 -0.12 4.70
CA ASN A 632 13.86 -1.49 4.77
C ASN A 632 12.45 -1.53 4.22
N VAL A 633 12.04 -2.74 3.84
CA VAL A 633 10.78 -2.97 3.16
C VAL A 633 9.58 -2.62 4.03
N GLY A 634 9.76 -2.50 5.35
CA GLY A 634 8.66 -2.12 6.22
C GLY A 634 8.31 -0.65 6.21
N GLN A 635 9.13 0.18 5.56
CA GLN A 635 8.88 1.60 5.44
C GLN A 635 8.26 1.99 4.10
N LEU A 636 7.88 1.01 3.26
CA LEU A 636 7.27 1.35 1.98
C LEU A 636 5.86 1.90 2.20
N PRO A 637 5.43 2.90 1.41
CA PRO A 637 6.18 3.50 0.30
C PRO A 637 7.11 4.59 0.76
N GLY A 638 8.18 4.82 -0.01
CA GLY A 638 9.12 5.87 0.29
C GLY A 638 9.42 6.85 -0.82
N TYR A 639 8.68 6.80 -1.93
CA TYR A 639 8.96 7.71 -3.03
C TYR A 639 8.89 9.15 -2.55
N TYR A 640 9.76 9.99 -3.12
CA TYR A 640 10.06 11.31 -2.53
C TYR A 640 8.85 12.25 -2.56
N TYR A 641 7.98 12.17 -3.57
CA TYR A 641 6.96 13.21 -3.74
C TYR A 641 5.76 12.90 -2.86
N GLN A 642 6.01 12.71 -1.56
CA GLN A 642 4.94 12.44 -0.62
C GLN A 642 4.02 13.66 -0.51
N LYS A 643 2.76 13.39 -0.15
CA LYS A 643 1.87 14.44 0.31
C LYS A 643 2.44 14.99 1.62
N PRO A 644 1.99 16.15 2.12
CA PRO A 644 2.50 16.63 3.40
C PRO A 644 2.33 15.66 4.54
N THR A 645 1.36 14.75 4.45
CA THR A 645 1.14 13.77 5.50
C THR A 645 1.78 12.42 5.18
N GLY A 646 2.34 12.24 3.99
CA GLY A 646 2.75 10.91 3.57
C GLY A 646 3.80 10.32 4.48
N ARG A 647 4.80 11.11 4.84
CA ARG A 647 5.80 10.70 5.81
C ARG A 647 5.84 11.68 6.96
N PHE A 648 4.66 12.18 7.37
CA PHE A 648 4.58 13.13 8.47
C PHE A 648 5.10 12.53 9.78
N ARG A 649 4.74 11.28 10.07
CA ARG A 649 5.19 10.57 11.25
C ARG A 649 6.18 9.47 10.88
N ASN A 650 7.11 9.20 11.80
CA ASN A 650 8.20 8.25 11.62
C ASN A 650 7.96 6.98 12.42
N TYR A 651 8.77 5.97 12.14
CA TYR A 651 8.61 4.64 12.73
C TYR A 651 9.30 4.57 14.08
N VAL A 652 8.66 3.89 15.02
CA VAL A 652 9.16 3.87 16.39
C VAL A 652 10.49 3.12 16.44
N PHE A 653 11.48 3.72 17.11
CA PHE A 653 12.80 3.13 17.34
C PHE A 653 13.48 2.73 16.05
N SER A 654 13.26 3.49 14.97
CA SER A 654 13.81 3.14 13.67
C SER A 654 14.08 4.38 12.83
N ASP A 655 15.31 4.52 12.37
CA ASP A 655 15.70 5.56 11.43
C ASP A 655 14.79 5.50 10.20
N SER A 656 13.95 6.51 10.01
CA SER A 656 12.94 6.53 8.96
C SER A 656 13.30 7.40 7.78
N THR A 657 14.53 7.94 7.77
CA THR A 657 15.02 8.61 6.58
C THR A 657 15.30 7.57 5.49
N PRO A 658 15.30 7.99 4.24
CA PRO A 658 15.71 7.06 3.19
C PRO A 658 17.18 6.72 3.35
N LEU A 659 17.56 5.54 2.88
CA LEU A 659 18.97 5.19 2.83
C LEU A 659 19.72 6.09 1.86
N TYR A 660 19.16 6.26 0.65
CA TYR A 660 19.62 7.24 -0.32
C TYR A 660 18.38 7.92 -0.89
N PRO A 661 18.37 9.25 -1.00
CA PRO A 661 17.20 9.93 -1.54
C PRO A 661 17.19 9.91 -3.06
N PHE A 662 15.99 10.10 -3.61
CA PHE A 662 15.84 10.27 -5.04
C PHE A 662 16.80 11.34 -5.56
N GLY A 663 17.46 11.04 -6.67
CA GLY A 663 18.41 11.97 -7.29
C GLY A 663 19.81 11.93 -6.72
N HIS A 664 20.12 11.03 -5.80
CA HIS A 664 21.40 10.98 -5.13
C HIS A 664 22.46 10.34 -6.02
N GLY A 665 23.63 10.96 -6.09
CA GLY A 665 24.79 10.35 -6.74
C GLY A 665 26.02 11.19 -6.50
N LEU A 666 27.15 10.57 -6.17
CA LEU A 666 28.36 11.31 -5.82
C LEU A 666 29.27 11.47 -7.05
N SER A 667 30.46 12.00 -6.81
CA SER A 667 31.41 12.27 -7.87
C SER A 667 32.81 12.21 -7.29
N TYR A 668 33.80 12.05 -8.18
CA TYR A 668 35.18 12.18 -7.73
C TYR A 668 35.58 13.63 -7.60
N THR A 669 34.76 14.56 -8.09
CA THR A 669 34.96 15.96 -7.76
C THR A 669 33.78 16.44 -6.92
N SER A 670 33.69 17.75 -6.70
CA SER A 670 32.64 18.32 -5.85
C SER A 670 32.04 19.52 -6.56
N PHE A 671 30.78 19.80 -6.24
CA PHE A 671 29.98 20.82 -6.92
C PHE A 671 29.33 21.76 -5.90
N GLY A 672 29.41 23.06 -6.16
CA GLY A 672 28.82 24.06 -5.29
C GLY A 672 27.68 24.76 -6.01
N TYR A 673 26.51 24.76 -5.37
CA TYR A 673 25.27 25.20 -5.99
C TYR A 673 24.86 26.54 -5.42
N GLY A 674 24.47 27.46 -6.30
CA GLY A 674 23.72 28.61 -5.86
C GLY A 674 22.25 28.30 -5.70
N ALA A 675 21.51 29.27 -5.18
CA ALA A 675 20.06 29.16 -5.04
C ALA A 675 19.39 29.38 -6.39
N PRO A 676 18.21 28.79 -6.61
CA PRO A 676 17.46 29.10 -7.84
C PRO A 676 17.06 30.56 -7.83
N GLN A 677 17.18 31.19 -8.99
N GLN A 677 17.14 31.19 -8.99
CA GLN A 677 16.82 32.59 -9.19
CA GLN A 677 16.82 32.61 -9.16
C GLN A 677 15.73 32.67 -10.25
C GLN A 677 15.76 32.72 -10.25
N ALA A 678 14.57 33.17 -9.86
CA ALA A 678 13.49 33.37 -10.80
C ALA A 678 13.61 34.77 -11.38
N GLU A 679 13.29 34.89 -12.68
CA GLU A 679 13.39 36.17 -13.37
C GLU A 679 12.38 37.18 -12.85
N ARG A 680 11.24 36.72 -12.34
CA ARG A 680 10.21 37.60 -11.80
C ARG A 680 9.72 37.02 -10.48
N ALA A 681 9.36 37.91 -9.56
CA ALA A 681 8.80 37.45 -8.29
C ALA A 681 7.33 37.09 -8.41
N SER A 682 6.63 37.63 -9.41
CA SER A 682 5.20 37.42 -9.57
C SER A 682 4.85 37.36 -11.04
N ILE A 683 4.10 36.33 -11.43
CA ILE A 683 3.70 36.12 -12.82
C ILE A 683 2.21 35.81 -12.86
N GLY A 684 1.66 35.85 -14.09
CA GLY A 684 0.27 35.51 -14.29
C GLY A 684 0.05 34.01 -14.43
N LEU A 685 -1.18 33.58 -14.29
CA LEU A 685 -1.51 32.18 -14.28
C LEU A 685 -1.10 31.46 -15.52
N GLN A 686 -1.11 32.12 -16.63
CA GLN A 686 -0.73 31.46 -17.88
C GLN A 686 0.70 31.76 -18.32
N ASP A 687 1.47 32.49 -17.53
CA ASP A 687 2.82 32.86 -17.93
C ASP A 687 3.82 31.72 -17.75
N ARG A 688 4.87 31.76 -18.54
CA ARG A 688 6.06 30.95 -18.33
C ARG A 688 7.09 31.76 -17.55
N LEU A 689 7.97 31.06 -16.85
CA LEU A 689 8.93 31.69 -15.95
C LEU A 689 10.32 31.08 -16.16
N ARG A 690 11.31 31.93 -16.34
CA ARG A 690 12.68 31.47 -16.43
C ARG A 690 13.31 31.41 -15.04
N VAL A 691 14.05 30.34 -14.77
CA VAL A 691 14.76 30.15 -13.51
C VAL A 691 16.17 29.66 -13.83
N SER A 692 17.18 30.25 -13.17
CA SER A 692 18.55 29.86 -13.36
C SER A 692 19.17 29.36 -12.06
N VAL A 693 20.16 28.48 -12.20
CA VAL A 693 20.86 27.85 -11.09
C VAL A 693 22.33 27.78 -11.46
N SER A 694 23.19 28.41 -10.66
CA SER A 694 24.63 28.30 -10.89
C SER A 694 25.19 27.08 -10.16
N VAL A 695 26.09 26.38 -10.85
CA VAL A 695 26.80 25.25 -10.29
C VAL A 695 28.28 25.37 -10.68
N ARG A 696 29.16 25.16 -9.71
CA ARG A 696 30.59 25.37 -9.86
C ARG A 696 31.31 24.09 -9.47
N ASN A 697 32.27 23.67 -10.29
CA ASN A 697 33.14 22.55 -9.96
C ASN A 697 34.16 23.05 -8.94
N THR A 698 33.96 22.66 -7.69
CA THR A 698 34.79 23.12 -6.58
C THR A 698 35.87 22.10 -6.21
N GLY A 699 36.10 21.11 -7.06
CA GLY A 699 37.13 20.12 -6.79
C GLY A 699 38.22 20.16 -7.83
N ASP A 700 38.96 19.07 -7.98
CA ASP A 700 40.22 19.11 -8.70
C ASP A 700 40.23 18.24 -9.97
N ARG A 701 39.09 17.73 -10.42
CA ARG A 701 39.03 17.06 -11.70
C ARG A 701 37.69 17.37 -12.36
N ALA A 702 37.68 17.27 -13.69
CA ALA A 702 36.45 17.47 -14.42
C ALA A 702 35.43 16.38 -14.07
N GLY A 703 34.15 16.75 -14.14
CA GLY A 703 33.13 15.77 -13.86
C GLY A 703 31.77 16.31 -14.23
N GLN A 704 30.79 15.43 -14.16
CA GLN A 704 29.41 15.80 -14.43
C GLN A 704 28.56 15.77 -13.16
N ASP A 705 27.54 16.61 -13.16
CA ASP A 705 26.51 16.59 -12.13
C ASP A 705 25.16 16.80 -12.81
N VAL A 706 24.10 16.32 -12.17
CA VAL A 706 22.74 16.52 -12.65
C VAL A 706 22.09 17.59 -11.77
N VAL A 707 21.94 18.79 -12.33
CA VAL A 707 21.22 19.88 -11.68
C VAL A 707 19.72 19.58 -11.71
N GLN A 708 19.06 19.66 -10.56
CA GLN A 708 17.69 19.19 -10.41
C GLN A 708 16.77 20.30 -9.90
N LEU A 709 15.64 20.48 -10.59
CA LEU A 709 14.65 21.50 -10.26
C LEU A 709 13.37 20.84 -9.75
N TYR A 710 12.81 21.39 -8.66
CA TYR A 710 11.59 20.89 -8.03
C TYR A 710 10.69 22.06 -7.69
N ILE A 711 9.40 21.77 -7.52
CA ILE A 711 8.47 22.81 -7.07
C ILE A 711 7.57 22.24 -5.97
N ARG A 712 7.03 23.14 -5.16
N ARG A 712 7.01 23.15 -5.18
CA ARG A 712 5.96 22.83 -4.24
CA ARG A 712 5.97 22.84 -4.21
C ARG A 712 4.86 23.86 -4.39
C ARG A 712 4.87 23.87 -4.37
N ASP A 713 3.64 23.40 -4.62
CA ASP A 713 2.47 24.26 -4.66
C ASP A 713 1.96 24.35 -3.22
N SER A 714 2.28 25.47 -2.56
CA SER A 714 2.10 25.59 -1.10
C SER A 714 0.65 25.33 -0.69
N ILE A 715 -0.30 25.92 -1.42
CA ILE A 715 -1.72 25.75 -1.15
C ILE A 715 -2.38 25.33 -2.45
N ALA A 716 -3.28 24.35 -2.37
CA ALA A 716 -3.90 23.86 -3.59
C ALA A 716 -5.27 23.29 -3.25
N SER A 717 -6.16 23.27 -4.25
CA SER A 717 -7.54 22.82 -4.02
C SER A 717 -7.58 21.36 -3.62
N ARG A 718 -6.59 20.57 -4.05
CA ARG A 718 -6.28 19.25 -3.52
C ARG A 718 -4.83 19.22 -3.05
N ALA A 719 -4.59 18.50 -1.95
CA ALA A 719 -3.25 18.45 -1.37
C ALA A 719 -2.25 17.89 -2.37
N ARG A 720 -1.11 18.57 -2.50
CA ARG A 720 -0.10 18.22 -3.49
C ARG A 720 1.21 17.85 -2.79
N PRO A 721 2.12 17.19 -3.49
CA PRO A 721 3.34 16.71 -2.83
C PRO A 721 4.17 17.85 -2.25
N ILE A 722 5.00 17.49 -1.26
CA ILE A 722 5.89 18.48 -0.66
C ILE A 722 6.97 18.93 -1.64
N LYS A 723 7.24 18.15 -2.69
CA LYS A 723 8.11 18.58 -3.78
C LYS A 723 7.89 17.66 -4.98
N GLU A 724 8.04 18.23 -6.17
CA GLU A 724 7.77 17.56 -7.44
C GLU A 724 8.82 17.99 -8.45
N MET A 725 9.58 17.03 -8.96
CA MET A 725 10.59 17.37 -9.97
C MET A 725 9.92 17.91 -11.23
N ARG A 726 10.44 19.04 -11.72
CA ARG A 726 9.95 19.66 -12.94
C ARG A 726 11.05 19.90 -13.97
N GLY A 727 12.32 19.64 -13.65
CA GLY A 727 13.39 19.75 -14.63
C GLY A 727 14.67 19.14 -14.14
N PHE A 728 15.55 18.81 -15.09
CA PHE A 728 16.91 18.41 -14.75
C PHE A 728 17.82 18.68 -15.94
N GLN A 729 19.11 18.79 -15.65
CA GLN A 729 20.12 19.06 -16.66
C GLN A 729 21.45 18.49 -16.20
N LYS A 730 21.97 17.49 -16.90
CA LYS A 730 23.33 17.05 -16.65
C LYS A 730 24.31 18.07 -17.24
N VAL A 731 25.28 18.49 -16.44
CA VAL A 731 26.31 19.43 -16.89
C VAL A 731 27.68 18.78 -16.73
N LEU A 732 28.60 19.18 -17.59
CA LEU A 732 29.99 18.77 -17.53
C LEU A 732 30.82 20.01 -17.25
N LEU A 733 31.68 19.94 -16.23
CA LEU A 733 32.41 21.11 -15.75
C LEU A 733 33.88 20.76 -15.54
N GLU A 734 34.75 21.67 -16.00
CA GLU A 734 36.17 21.62 -15.68
C GLU A 734 36.41 22.13 -14.26
N PRO A 735 37.52 21.75 -13.64
CA PRO A 735 37.81 22.28 -12.30
C PRO A 735 37.73 23.80 -12.29
N GLY A 736 36.95 24.33 -11.37
CA GLY A 736 36.75 25.77 -11.26
C GLY A 736 35.70 26.34 -12.19
N GLU A 737 35.24 25.58 -13.19
CA GLU A 737 34.27 26.11 -14.13
C GLU A 737 32.90 26.32 -13.47
N VAL A 738 32.23 27.39 -13.88
CA VAL A 738 30.87 27.70 -13.45
C VAL A 738 29.95 27.64 -14.67
N GLN A 739 28.78 27.01 -14.51
CA GLN A 739 27.72 27.16 -15.49
C GLN A 739 26.43 27.62 -14.82
N VAL A 740 25.70 28.46 -15.54
CA VAL A 740 24.40 28.95 -15.11
C VAL A 740 23.37 28.18 -15.92
N VAL A 741 22.80 27.12 -15.33
CA VAL A 741 21.81 26.29 -16.00
C VAL A 741 20.49 27.04 -16.06
N GLN A 742 19.84 27.01 -17.22
CA GLN A 742 18.58 27.72 -17.43
C GLN A 742 17.44 26.72 -17.51
N PHE A 743 16.38 26.99 -16.75
CA PHE A 743 15.14 26.23 -16.84
C PHE A 743 13.98 27.17 -17.18
N GLU A 744 12.91 26.60 -17.71
CA GLU A 744 11.70 27.39 -17.92
C GLU A 744 10.50 26.59 -17.46
N LEU A 745 9.66 27.20 -16.63
CA LEU A 745 8.47 26.57 -16.10
C LEU A 745 7.23 27.29 -16.61
N GLY A 746 6.12 26.56 -16.67
CA GLY A 746 4.86 27.15 -17.09
C GLY A 746 3.65 26.53 -16.42
N PRO A 747 2.46 26.87 -16.95
CA PRO A 747 1.19 26.38 -16.36
C PRO A 747 1.13 24.89 -16.14
N GLU A 748 1.63 24.10 -17.10
CA GLU A 748 1.63 22.66 -16.97
C GLU A 748 2.54 22.20 -15.84
N ASP A 749 3.45 23.06 -15.39
CA ASP A 749 4.34 22.73 -14.29
C ASP A 749 3.79 23.16 -12.94
N PHE A 750 3.19 24.35 -12.90
CA PHE A 750 2.72 24.95 -11.66
C PHE A 750 1.35 24.45 -11.23
N GLY A 751 0.54 23.95 -12.15
CA GLY A 751 -0.79 23.49 -11.85
C GLY A 751 -0.83 21.98 -11.74
N TYR A 752 -2.06 21.46 -11.64
CA TYR A 752 -2.26 20.02 -11.58
C TYR A 752 -3.60 19.72 -12.25
N ARG A 753 -3.77 18.46 -12.65
CA ARG A 753 -4.97 18.03 -13.36
C ARG A 753 -6.01 17.50 -12.39
N ASP A 754 -7.26 17.93 -12.59
CA ASP A 754 -8.35 17.44 -11.74
C ASP A 754 -8.74 16.02 -12.16
N ALA A 755 -9.79 15.47 -11.54
CA ALA A 755 -10.15 14.09 -11.79
C ALA A 755 -10.58 13.85 -13.23
N ASP A 756 -10.94 14.92 -13.97
CA ASP A 756 -11.33 14.81 -15.37
C ASP A 756 -10.17 15.08 -16.35
N GLY A 757 -9.00 15.44 -15.85
CA GLY A 757 -7.88 15.76 -16.73
C GLY A 757 -7.70 17.23 -17.04
N LYS A 758 -8.51 18.09 -16.43
CA LYS A 758 -8.45 19.52 -16.70
C LYS A 758 -7.34 20.16 -15.88
N LEU A 759 -6.47 20.91 -16.54
CA LEU A 759 -5.37 21.56 -15.84
C LEU A 759 -5.89 22.73 -15.00
N LEU A 760 -5.68 22.67 -13.69
CA LEU A 760 -6.02 23.75 -12.78
C LEU A 760 -4.75 24.52 -12.43
N VAL A 761 -4.78 25.84 -12.64
CA VAL A 761 -3.72 26.73 -12.17
C VAL A 761 -4.36 27.72 -11.21
N GLU A 762 -3.83 27.79 -10.00
CA GLU A 762 -4.50 28.57 -8.98
C GLU A 762 -3.59 29.68 -8.45
N PRO A 763 -4.15 30.85 -8.15
CA PRO A 763 -3.34 31.92 -7.56
C PRO A 763 -2.71 31.45 -6.27
N GLY A 764 -1.52 31.95 -5.98
CA GLY A 764 -0.84 31.64 -4.74
C GLY A 764 0.61 31.26 -4.96
N GLU A 765 1.25 30.89 -3.86
CA GLU A 765 2.70 30.75 -3.79
C GLU A 765 3.18 29.43 -4.39
N ILE A 766 4.30 29.50 -5.12
CA ILE A 766 5.03 28.32 -5.54
C ILE A 766 6.44 28.44 -5.00
N VAL A 767 6.91 27.37 -4.35
CA VAL A 767 8.30 27.26 -3.92
C VAL A 767 9.06 26.56 -5.03
N ILE A 768 10.16 27.17 -5.47
CA ILE A 768 11.01 26.60 -6.51
C ILE A 768 12.32 26.18 -5.86
N MET A 769 12.72 24.93 -6.08
CA MET A 769 13.86 24.35 -5.40
C MET A 769 14.85 23.80 -6.42
N ALA A 770 16.14 23.87 -6.08
CA ALA A 770 17.19 23.37 -6.96
C ALA A 770 18.36 22.86 -6.15
N GLY A 771 19.04 21.84 -6.67
CA GLY A 771 20.16 21.24 -5.99
C GLY A 771 20.59 19.98 -6.70
N PRO A 772 21.63 19.31 -6.17
CA PRO A 772 22.15 18.09 -6.82
C PRO A 772 21.37 16.82 -6.53
N ASP A 773 20.32 16.87 -5.71
CA ASP A 773 19.45 15.74 -5.42
C ASP A 773 18.23 16.29 -4.67
N SER A 774 17.28 15.42 -4.37
CA SER A 774 16.03 15.86 -3.77
C SER A 774 16.14 16.27 -2.31
N GLN A 775 17.28 16.09 -1.66
CA GLN A 775 17.42 16.53 -0.27
C GLN A 775 18.30 17.74 -0.10
N ASN A 776 19.22 18.01 -1.01
CA ASN A 776 20.17 19.10 -0.84
C ASN A 776 19.76 20.23 -1.78
N LEU A 777 18.82 21.04 -1.30
CA LEU A 777 18.10 21.99 -2.11
C LEU A 777 18.16 23.36 -1.49
N GLN A 778 18.26 24.39 -2.33
CA GLN A 778 17.94 25.75 -1.93
C GLN A 778 16.71 26.20 -2.70
N GLU A 779 16.10 27.28 -2.26
CA GLU A 779 14.77 27.59 -2.75
C GLU A 779 14.57 29.10 -2.93
N THR A 780 13.54 29.42 -3.70
CA THR A 780 13.06 30.78 -3.87
C THR A 780 11.56 30.67 -4.06
N ARG A 781 10.85 31.79 -3.85
CA ARG A 781 9.39 31.77 -3.84
C ARG A 781 8.84 32.75 -4.86
N ILE A 782 7.89 32.28 -5.66
CA ILE A 782 7.17 33.14 -6.58
C ILE A 782 5.68 33.06 -6.26
N THR A 783 4.94 34.04 -6.78
CA THR A 783 3.49 34.11 -6.62
C THR A 783 2.83 34.06 -7.99
N LEU A 784 1.83 33.21 -8.13
CA LEU A 784 0.96 33.22 -9.30
C LEU A 784 -0.21 34.15 -9.02
N VAL A 785 -0.50 35.03 -9.98
CA VAL A 785 -1.60 35.99 -9.84
C VAL A 785 -2.64 35.79 -10.94
N GLN B 31 -45.69 22.89 13.96
CA GLN B 31 -44.34 23.42 14.06
C GLN B 31 -44.34 24.88 14.53
N ALA B 32 -45.40 25.62 14.19
CA ALA B 32 -45.57 26.96 14.74
C ALA B 32 -45.75 26.91 16.25
N SER B 33 -46.57 25.98 16.73
CA SER B 33 -46.82 25.81 18.16
C SER B 33 -45.64 25.17 18.91
N ASP B 34 -44.56 24.77 18.23
CA ASP B 34 -43.53 23.96 18.88
C ASP B 34 -42.81 24.75 19.97
N ASP B 35 -42.62 24.12 21.13
CA ASP B 35 -42.04 24.75 22.31
C ASP B 35 -40.87 23.89 22.78
N TYR B 36 -39.68 24.49 22.93
CA TYR B 36 -38.51 23.67 23.30
C TYR B 36 -38.62 23.13 24.72
N ARG B 37 -39.40 23.77 25.59
CA ARG B 37 -39.55 23.25 26.94
C ARG B 37 -40.52 22.09 27.02
N ASP B 38 -41.13 21.70 25.91
CA ASP B 38 -42.10 20.60 25.85
C ASP B 38 -41.34 19.27 25.71
N ARG B 39 -41.25 18.52 26.82
CA ARG B 39 -40.49 17.27 26.81
C ARG B 39 -41.13 16.20 25.96
N SER B 40 -42.41 16.36 25.58
CA SER B 40 -43.04 15.36 24.73
C SER B 40 -42.74 15.57 23.25
N LEU B 41 -42.17 16.71 22.87
CA LEU B 41 -41.74 16.94 21.49
C LEU B 41 -40.46 16.15 21.18
N SER B 42 -40.25 15.87 19.90
CA SER B 42 -39.05 15.16 19.49
C SER B 42 -37.83 16.07 19.65
N PRO B 43 -36.65 15.48 19.89
CA PRO B 43 -35.43 16.30 19.97
C PRO B 43 -35.23 17.25 18.79
N ALA B 44 -35.54 16.81 17.58
CA ALA B 44 -35.31 17.69 16.42
C ALA B 44 -36.25 18.90 16.46
N ARG B 45 -37.49 18.71 16.87
CA ARG B 45 -38.43 19.82 16.91
C ARG B 45 -38.16 20.77 18.07
N ARG B 46 -37.74 20.25 19.23
CA ARG B 46 -37.32 21.15 20.30
C ARG B 46 -36.11 21.96 19.88
N ALA B 47 -35.18 21.32 19.16
CA ALA B 47 -33.98 22.03 18.70
C ALA B 47 -34.32 23.17 17.75
N ALA B 48 -35.21 22.91 16.80
CA ALA B 48 -35.61 23.96 15.87
C ALA B 48 -36.28 25.11 16.61
N ALA B 49 -37.19 24.79 17.54
CA ALA B 49 -37.88 25.83 18.30
C ALA B 49 -36.92 26.64 19.14
N LEU B 50 -35.90 25.99 19.71
CA LEU B 50 -34.91 26.72 20.49
C LEU B 50 -34.00 27.56 19.59
N ALA B 51 -33.54 26.98 18.48
CA ALA B 51 -32.65 27.71 17.59
C ALA B 51 -33.29 28.99 17.06
N ASN B 52 -34.62 28.99 16.86
CA ASN B 52 -35.30 30.19 16.41
C ASN B 52 -35.23 31.33 17.41
N LEU B 53 -34.99 31.05 18.69
CA LEU B 53 -34.89 32.08 19.71
C LEU B 53 -33.48 32.63 19.88
N MET B 54 -32.49 32.08 19.18
CA MET B 54 -31.10 32.33 19.53
C MET B 54 -30.45 33.34 18.61
N THR B 55 -29.54 34.13 19.16
CA THR B 55 -28.73 35.02 18.34
C THR B 55 -27.66 34.23 17.58
N LEU B 56 -26.99 34.91 16.65
CA LEU B 56 -25.87 34.32 15.94
C LEU B 56 -24.76 33.91 16.90
N ASP B 57 -24.42 34.78 17.86
CA ASP B 57 -23.37 34.48 18.82
C ASP B 57 -23.72 33.28 19.69
N GLU B 58 -25.01 33.14 20.06
CA GLU B 58 -25.41 32.02 20.91
C GLU B 58 -25.32 30.70 20.16
N MET B 59 -25.77 30.69 18.90
CA MET B 59 -25.69 29.46 18.10
C MET B 59 -24.24 29.08 17.83
N ALA B 60 -23.38 30.07 17.57
CA ALA B 60 -21.99 29.80 17.24
C ALA B 60 -21.22 29.26 18.44
N ALA B 61 -21.59 29.68 19.65
CA ALA B 61 -20.95 29.14 20.85
C ALA B 61 -21.17 27.65 20.95
N GLN B 62 -22.27 27.12 20.39
CA GLN B 62 -22.54 25.69 20.45
C GLN B 62 -21.62 24.86 19.55
N LEU B 63 -20.72 25.48 18.78
CA LEU B 63 -19.91 24.75 17.81
C LEU B 63 -18.47 24.58 18.26
N ASN B 64 -18.16 24.97 19.49
CA ASN B 64 -16.82 24.91 20.07
C ASN B 64 -16.74 23.80 21.11
N CYS B 65 -15.66 23.00 21.08
CA CYS B 65 -15.42 21.96 22.08
C CYS B 65 -13.95 21.91 22.46
N PRO B 66 -13.51 22.79 23.34
CA PRO B 66 -12.13 22.75 23.82
C PRO B 66 -11.98 21.66 24.88
N ARG B 67 -10.77 21.55 25.41
N ARG B 67 -10.76 21.54 25.40
CA ARG B 67 -10.54 20.66 26.54
CA ARG B 67 -10.52 20.72 26.57
C ARG B 67 -11.11 21.29 27.82
C ARG B 67 -11.22 21.32 27.78
N ALA B 68 -11.69 20.45 28.66
CA ALA B 68 -12.44 20.95 29.82
C ALA B 68 -11.57 21.68 30.82
N ALA B 69 -10.29 21.28 30.94
CA ALA B 69 -9.46 21.67 32.08
C ALA B 69 -9.53 23.16 32.39
N ASP B 70 -9.31 24.00 31.37
CA ASP B 70 -9.26 25.43 31.63
C ASP B 70 -10.64 26.03 31.88
N VAL B 71 -11.70 25.40 31.35
CA VAL B 71 -13.06 25.83 31.65
C VAL B 71 -13.41 25.49 33.10
N MET B 72 -13.01 24.30 33.56
CA MET B 72 -13.30 23.89 34.93
C MET B 72 -12.54 24.72 35.94
N SER B 73 -11.29 25.07 35.65
CA SER B 73 -10.43 25.67 36.67
C SER B 73 -10.72 27.16 36.85
N ASP B 74 -11.09 27.86 35.78
CA ASP B 74 -11.32 29.31 35.84
C ASP B 74 -12.32 29.72 34.76
N PRO B 75 -13.59 29.42 34.96
CA PRO B 75 -14.59 29.77 33.93
C PRO B 75 -14.65 31.26 33.66
N ALA B 76 -14.47 32.10 34.67
CA ALA B 76 -14.47 33.54 34.44
C ALA B 76 -13.26 33.95 33.62
N GLY B 77 -12.08 33.39 33.92
CA GLY B 77 -10.94 33.64 33.07
C GLY B 77 -11.08 33.02 31.70
N PHE B 78 -11.78 31.89 31.60
CA PHE B 78 -12.00 31.32 30.28
C PHE B 78 -12.89 32.24 29.45
N GLU B 79 -13.95 32.79 30.05
CA GLU B 79 -14.76 33.77 29.35
C GLU B 79 -13.94 34.99 28.94
N ALA B 80 -13.05 35.45 29.82
CA ALA B 80 -12.20 36.58 29.48
C ALA B 80 -11.35 36.29 28.24
N ASP B 81 -10.77 35.09 28.16
CA ASP B 81 -9.93 34.76 26.99
C ASP B 81 -10.75 34.38 25.77
N PHE B 82 -11.93 33.81 25.95
CA PHE B 82 -12.75 33.29 24.85
C PHE B 82 -14.16 33.82 25.03
N PRO B 83 -14.43 35.03 24.52
CA PRO B 83 -15.68 35.73 24.88
C PRO B 83 -16.94 34.97 24.50
N TYR B 84 -16.89 34.07 23.51
CA TYR B 84 -18.08 33.28 23.20
C TYR B 84 -18.66 32.58 24.42
N PHE B 85 -17.82 32.32 25.43
CA PHE B 85 -18.28 31.59 26.60
C PHE B 85 -19.31 32.35 27.41
N ALA B 86 -19.53 33.63 27.12
CA ALA B 86 -20.66 34.35 27.69
C ALA B 86 -21.99 33.69 27.34
N HIS B 87 -22.02 32.86 26.28
CA HIS B 87 -23.26 32.26 25.81
C HIS B 87 -23.30 30.74 26.00
N GLY B 88 -22.44 30.19 26.85
CA GLY B 88 -22.35 28.75 26.96
C GLY B 88 -21.34 28.17 25.99
N ILE B 89 -21.49 26.88 25.69
CA ILE B 89 -20.45 26.12 25.00
C ILE B 89 -21.06 24.88 24.39
N GLY B 90 -20.57 24.51 23.20
CA GLY B 90 -20.98 23.26 22.60
C GLY B 90 -20.63 22.05 23.45
N GLY B 91 -19.35 21.88 23.72
CA GLY B 91 -18.91 20.73 24.49
C GLY B 91 -17.59 21.02 25.14
N VAL B 92 -17.20 20.13 26.05
CA VAL B 92 -15.83 20.07 26.55
C VAL B 92 -15.36 18.62 26.50
N TYR B 93 -14.05 18.46 26.43
CA TYR B 93 -13.42 17.17 26.24
C TYR B 93 -12.60 16.81 27.47
N SER B 94 -12.83 15.61 28.00
CA SER B 94 -12.00 15.05 29.06
C SER B 94 -12.11 15.88 30.34
N ALA B 95 -13.32 15.88 30.90
CA ALA B 95 -13.57 16.57 32.17
C ALA B 95 -13.24 15.70 33.36
N SER B 96 -12.95 14.42 33.14
CA SER B 96 -12.58 13.52 34.23
C SER B 96 -11.31 14.00 34.94
N LEU B 97 -10.35 14.52 34.18
CA LEU B 97 -9.09 15.01 34.76
C LEU B 97 -8.49 13.84 35.54
N GLU B 98 -7.94 14.10 36.73
CA GLU B 98 -7.38 13.07 37.59
C GLU B 98 -8.38 12.56 38.64
N ALA B 99 -9.67 12.88 38.50
CA ALA B 99 -10.64 12.66 39.57
C ALA B 99 -11.19 11.23 39.57
N GLY B 100 -11.38 10.68 40.77
CA GLY B 100 -12.11 9.46 40.94
C GLY B 100 -13.61 9.66 40.71
N PRO B 101 -14.37 8.56 40.74
CA PRO B 101 -15.77 8.60 40.30
C PRO B 101 -16.62 9.69 40.94
N GLU B 102 -16.69 9.74 42.28
CA GLU B 102 -17.55 10.74 42.95
C GLU B 102 -17.02 12.15 42.74
N ASP B 103 -15.70 12.36 42.82
CA ASP B 103 -15.16 13.70 42.59
C ASP B 103 -15.35 14.15 41.14
N ASN B 104 -15.26 13.23 40.20
CA ASN B 104 -15.52 13.51 38.79
C ASN B 104 -16.95 14.02 38.60
N ALA B 105 -17.92 13.31 39.19
CA ALA B 105 -19.32 13.71 39.08
C ALA B 105 -19.54 15.10 39.66
N ARG B 106 -18.95 15.38 40.82
CA ARG B 106 -19.17 16.68 41.45
C ARG B 106 -18.48 17.78 40.67
N ALA B 107 -17.31 17.48 40.10
CA ALA B 107 -16.61 18.48 39.31
C ALA B 107 -17.38 18.81 38.03
N VAL B 108 -18.09 17.83 37.46
CA VAL B 108 -18.84 18.12 36.25
C VAL B 108 -20.09 18.92 36.59
N MET B 109 -20.77 18.56 37.69
CA MET B 109 -21.92 19.35 38.14
C MET B 109 -21.55 20.80 38.33
N ALA B 110 -20.43 21.04 39.03
CA ALA B 110 -19.97 22.41 39.24
C ALA B 110 -19.70 23.13 37.93
N MET B 111 -19.05 22.47 36.97
CA MET B 111 -18.80 23.13 35.70
C MET B 111 -20.11 23.36 34.93
N GLN B 112 -20.98 22.35 34.91
CA GLN B 112 -22.25 22.49 34.21
C GLN B 112 -23.04 23.67 34.75
N GLN B 113 -23.05 23.86 36.07
CA GLN B 113 -23.73 25.01 36.65
C GLN B 113 -23.16 26.31 36.10
N GLU B 114 -21.84 26.35 35.88
CA GLU B 114 -21.22 27.54 35.29
C GLU B 114 -21.66 27.73 33.85
N VAL B 115 -21.80 26.64 33.09
CA VAL B 115 -22.21 26.75 31.71
C VAL B 115 -23.68 27.18 31.63
N VAL B 116 -24.55 26.44 32.33
CA VAL B 116 -25.98 26.69 32.30
C VAL B 116 -26.31 28.10 32.80
N SER B 117 -25.54 28.61 33.75
CA SER B 117 -25.77 29.98 34.21
C SER B 117 -25.42 31.03 33.18
N ARG B 118 -24.71 30.68 32.10
CA ARG B 118 -24.31 31.67 31.12
C ARG B 118 -25.24 31.72 29.91
N SER B 119 -25.97 30.65 29.64
CA SER B 119 -26.90 30.58 28.51
C SER B 119 -28.27 31.12 28.93
N ARG B 120 -28.82 32.04 28.14
CA ARG B 120 -30.19 32.52 28.35
C ARG B 120 -31.18 31.37 28.49
N PHE B 121 -30.87 30.24 27.86
CA PHE B 121 -31.78 29.10 27.82
C PHE B 121 -31.25 27.92 28.63
N GLY B 122 -30.22 28.14 29.46
CA GLY B 122 -29.64 27.06 30.26
C GLY B 122 -29.16 25.85 29.49
N ILE B 123 -28.53 26.05 28.32
CA ILE B 123 -28.00 24.93 27.55
C ILE B 123 -26.76 24.37 28.25
N PRO B 124 -26.79 23.12 28.73
CA PRO B 124 -25.57 22.54 29.30
C PRO B 124 -24.60 22.11 28.21
N ALA B 125 -23.35 21.89 28.63
CA ALA B 125 -22.35 21.35 27.72
C ALA B 125 -22.53 19.86 27.52
N PHE B 126 -22.25 19.40 26.30
CA PHE B 126 -21.81 18.02 26.12
C PHE B 126 -20.50 17.84 26.88
N VAL B 127 -20.36 16.70 27.55
CA VAL B 127 -19.12 16.37 28.28
C VAL B 127 -18.59 15.08 27.67
N PHE B 128 -17.59 15.21 26.79
CA PHE B 128 -17.11 14.11 25.96
C PHE B 128 -15.93 13.40 26.63
N GLU B 129 -15.99 12.06 26.66
CA GLU B 129 -14.89 11.25 27.18
C GLU B 129 -14.59 10.15 26.16
N GLU B 130 -13.52 9.40 26.42
CA GLU B 130 -13.16 8.25 25.60
C GLU B 130 -13.70 7.00 26.29
N CYS B 131 -14.26 6.10 25.48
CA CYS B 131 -14.85 4.85 25.97
C CYS B 131 -14.46 3.69 25.06
N LEU B 132 -13.19 3.62 24.68
CA LEU B 132 -12.74 2.63 23.70
C LEU B 132 -12.95 1.21 24.22
N HIS B 133 -12.58 0.95 25.46
CA HIS B 133 -12.68 -0.39 26.03
C HIS B 133 -13.04 -0.26 27.52
N GLY B 134 -13.97 0.63 27.82
CA GLY B 134 -14.22 1.08 29.16
C GLY B 134 -13.98 2.56 29.24
N LEU B 135 -14.45 3.21 30.29
CA LEU B 135 -14.31 4.66 30.41
C LEU B 135 -12.87 5.04 30.76
N LEU B 136 -12.29 5.95 29.97
CA LEU B 136 -10.95 6.45 30.25
C LEU B 136 -11.04 7.48 31.36
N ALA B 137 -11.07 6.98 32.59
CA ALA B 137 -11.15 7.85 33.76
C ALA B 137 -10.69 7.09 34.98
N ASP B 138 -10.06 7.80 35.90
CA ASP B 138 -9.58 7.20 37.13
C ASP B 138 -10.65 6.36 37.81
N GLY B 139 -10.30 5.12 38.13
CA GLY B 139 -11.17 4.23 38.87
C GLY B 139 -12.19 3.47 38.06
N ALA B 140 -12.20 3.63 36.73
CA ALA B 140 -13.21 3.00 35.91
C ALA B 140 -12.76 1.61 35.45
N THR B 141 -13.74 0.76 35.17
CA THR B 141 -13.49 -0.61 34.75
C THR B 141 -12.80 -0.62 33.38
N GLN B 142 -11.72 -1.38 33.30
CA GLN B 142 -10.89 -1.47 32.10
C GLN B 142 -11.08 -2.87 31.51
N PHE B 143 -11.94 -2.96 30.51
CA PHE B 143 -12.18 -4.19 29.79
C PHE B 143 -11.03 -4.47 28.83
N PRO B 144 -10.98 -5.66 28.24
CA PRO B 144 -9.95 -5.92 27.22
C PRO B 144 -10.02 -4.90 26.10
N GLN B 145 -8.88 -4.64 25.49
CA GLN B 145 -8.78 -3.75 24.33
C GLN B 145 -9.70 -4.21 23.21
N ALA B 146 -10.08 -3.25 22.35
CA ALA B 146 -11.06 -3.53 21.29
C ALA B 146 -10.67 -4.74 20.44
N MET B 147 -9.40 -4.80 20.01
CA MET B 147 -9.00 -5.92 19.16
C MET B 147 -9.00 -7.23 19.94
N ALA B 148 -8.65 -7.20 21.24
CA ALA B 148 -8.84 -8.36 22.08
C ALA B 148 -10.30 -8.80 22.11
N MET B 149 -11.22 -7.87 22.39
CA MET B 149 -12.63 -8.23 22.43
C MET B 149 -13.11 -8.77 21.09
N ALA B 150 -12.59 -8.22 19.98
CA ALA B 150 -12.93 -8.75 18.66
C ALA B 150 -12.57 -10.23 18.52
N CYS B 151 -11.54 -10.69 19.24
CA CYS B 151 -11.19 -12.10 19.19
C CYS B 151 -12.29 -13.01 19.74
N ALA B 152 -13.22 -12.46 20.54
CA ALA B 152 -14.16 -13.31 21.25
C ALA B 152 -15.30 -13.77 20.36
N PHE B 153 -15.64 -13.00 19.34
CA PHE B 153 -16.80 -13.30 18.50
C PHE B 153 -18.04 -13.51 19.38
N ARG B 154 -18.23 -12.57 20.32
CA ARG B 154 -19.39 -12.55 21.22
C ARG B 154 -19.98 -11.14 21.23
N PRO B 155 -20.65 -10.75 20.14
CA PRO B 155 -21.28 -9.42 20.11
C PRO B 155 -22.26 -9.19 21.25
N ASP B 156 -22.92 -10.26 21.73
CA ASP B 156 -23.82 -10.13 22.87
C ASP B 156 -23.07 -9.63 24.10
N MET B 157 -21.85 -10.14 24.33
CA MET B 157 -21.06 -9.67 25.46
C MET B 157 -20.45 -8.30 25.20
N VAL B 158 -20.14 -7.99 23.94
CA VAL B 158 -19.68 -6.64 23.61
C VAL B 158 -20.73 -5.61 24.01
N ARG B 159 -22.01 -5.88 23.74
CA ARG B 159 -23.05 -4.92 24.12
C ARG B 159 -23.09 -4.74 25.64
N GLN B 160 -22.98 -5.84 26.38
CA GLN B 160 -22.97 -5.76 27.83
C GLN B 160 -21.80 -4.92 28.33
N VAL B 161 -20.61 -5.13 27.75
CA VAL B 161 -19.41 -4.38 28.17
C VAL B 161 -19.64 -2.88 28.04
N PHE B 162 -20.27 -2.47 26.93
CA PHE B 162 -20.45 -1.05 26.69
C PHE B 162 -21.71 -0.50 27.32
N GLU B 163 -22.69 -1.35 27.62
CA GLU B 163 -23.75 -0.91 28.53
C GLU B 163 -23.16 -0.58 29.91
N ALA B 164 -22.26 -1.41 30.40
CA ALA B 164 -21.61 -1.11 31.69
C ALA B 164 -20.72 0.12 31.58
N THR B 165 -20.04 0.30 30.44
CA THR B 165 -19.22 1.49 30.25
C THR B 165 -20.08 2.75 30.26
N ALA B 166 -21.20 2.71 29.54
CA ALA B 166 -22.12 3.85 29.49
C ALA B 166 -22.58 4.24 30.89
N LYS B 167 -22.97 3.26 31.71
CA LYS B 167 -23.45 3.57 33.05
C LYS B 167 -22.39 4.28 33.85
N GLU B 168 -21.14 3.77 33.77
CA GLU B 168 -20.05 4.40 34.50
C GLU B 168 -19.82 5.82 33.99
N ALA B 169 -19.89 6.01 32.67
CA ALA B 169 -19.65 7.32 32.09
C ALA B 169 -20.73 8.31 32.51
N ARG B 170 -22.00 7.94 32.31
CA ARG B 170 -23.09 8.88 32.51
C ARG B 170 -23.20 9.31 33.97
N SER B 171 -23.06 8.36 34.91
CA SER B 171 -23.06 8.69 36.33
C SER B 171 -21.98 9.70 36.69
N ARG B 172 -20.87 9.70 35.96
CA ARG B 172 -19.78 10.64 36.24
C ARG B 172 -19.92 11.94 35.48
N GLY B 173 -21.00 12.11 34.71
CA GLY B 173 -21.31 13.39 34.12
C GLY B 173 -21.09 13.46 32.62
N SER B 174 -20.56 12.40 32.02
CA SER B 174 -20.30 12.38 30.59
C SER B 174 -21.52 11.80 29.85
N GLN B 175 -22.03 12.55 28.88
CA GLN B 175 -23.18 12.08 28.10
C GLN B 175 -22.81 11.77 26.65
N GLY B 176 -21.54 11.86 26.30
CA GLY B 176 -21.12 11.49 24.97
C GLY B 176 -19.67 11.06 24.97
N CYS B 177 -19.32 10.28 23.95
CA CYS B 177 -17.96 9.81 23.83
C CYS B 177 -17.49 9.80 22.39
N PHE B 178 -16.18 9.80 22.25
CA PHE B 178 -15.50 9.72 20.96
C PHE B 178 -15.13 8.26 20.65
N SER B 179 -16.11 7.38 20.73
CA SER B 179 -15.99 5.95 20.50
C SER B 179 -17.30 5.47 19.90
N PRO B 180 -17.30 4.30 19.22
CA PRO B 180 -16.21 3.37 18.94
C PRO B 180 -15.32 3.75 17.76
N ASN B 181 -14.08 3.24 17.79
CA ASN B 181 -13.24 3.22 16.59
C ASN B 181 -13.75 2.09 15.70
N ILE B 182 -14.30 2.44 14.55
CA ILE B 182 -14.75 1.38 13.66
C ILE B 182 -13.97 1.46 12.34
N ASP B 183 -12.71 1.93 12.42
CA ASP B 183 -11.78 1.81 11.30
C ASP B 183 -11.48 0.33 11.01
N ILE B 184 -10.96 0.07 9.80
CA ILE B 184 -10.64 -1.28 9.34
C ILE B 184 -9.12 -1.45 9.41
N CYS B 185 -8.67 -2.50 10.10
CA CYS B 185 -7.23 -2.74 10.25
C CYS B 185 -6.73 -3.56 9.08
N THR B 186 -6.28 -2.87 8.02
CA THR B 186 -5.66 -3.53 6.88
C THR B 186 -4.14 -3.52 6.96
N ASP B 187 -3.57 -2.72 7.85
CA ASP B 187 -2.12 -2.55 7.92
C ASP B 187 -1.72 -2.61 9.39
N PRO B 188 -1.21 -3.76 9.86
CA PRO B 188 -0.84 -3.88 11.28
C PRO B 188 0.38 -3.05 11.67
N ARG B 189 1.07 -2.41 10.73
CA ARG B 189 2.13 -1.47 11.11
C ARG B 189 1.56 -0.30 11.88
N TRP B 190 0.28 0.02 11.65
CA TRP B 190 -0.34 1.18 12.25
C TRP B 190 -0.38 1.04 13.76
N GLY B 191 0.11 2.05 14.47
CA GLY B 191 0.14 2.00 15.93
C GLY B 191 -1.24 2.00 16.58
N ARG B 192 -2.30 2.30 15.82
CA ARG B 192 -3.65 2.34 16.36
C ARG B 192 -4.46 1.09 16.04
N SER B 193 -3.82 0.05 15.48
CA SER B 193 -4.55 -1.16 15.12
C SER B 193 -5.33 -1.74 16.30
N GLU B 194 -4.80 -1.63 17.51
CA GLU B 194 -5.47 -2.28 18.63
C GLU B 194 -6.83 -1.66 18.93
N GLU B 195 -7.05 -0.41 18.50
CA GLU B 195 -8.34 0.25 18.70
C GLU B 195 -9.43 -0.34 17.82
N THR B 196 -9.07 -1.07 16.77
CA THR B 196 -10.05 -1.52 15.79
C THR B 196 -10.54 -2.92 16.16
N TRP B 197 -11.60 -3.35 15.46
CA TRP B 197 -12.10 -4.71 15.60
C TRP B 197 -11.62 -5.61 14.48
N GLY B 198 -10.50 -5.26 13.85
CA GLY B 198 -9.83 -6.15 12.94
C GLY B 198 -9.98 -5.76 11.49
N GLU B 199 -9.70 -6.72 10.61
CA GLU B 199 -9.68 -6.46 9.18
C GLU B 199 -11.02 -6.68 8.50
N ASP B 200 -11.96 -7.40 9.15
CA ASP B 200 -13.12 -7.86 8.38
C ASP B 200 -14.29 -6.87 8.47
N PRO B 201 -14.81 -6.41 7.32
CA PRO B 201 -16.02 -5.54 7.35
C PRO B 201 -17.20 -6.11 8.10
N HIS B 202 -17.51 -7.39 7.92
CA HIS B 202 -18.64 -7.96 8.66
C HIS B 202 -18.40 -7.90 10.16
N VAL B 203 -17.23 -8.35 10.63
CA VAL B 203 -16.94 -8.31 12.07
C VAL B 203 -16.98 -6.88 12.59
N VAL B 204 -16.31 -5.96 11.90
CA VAL B 204 -16.33 -4.57 12.36
C VAL B 204 -17.75 -4.02 12.33
N THR B 205 -18.59 -4.50 11.40
CA THR B 205 -19.95 -3.98 11.33
C THR B 205 -20.80 -4.51 12.49
N VAL B 206 -20.76 -5.83 12.72
N VAL B 206 -20.77 -5.82 12.71
CA VAL B 206 -21.55 -6.37 13.83
CA VAL B 206 -21.52 -6.40 13.83
C VAL B 206 -21.05 -5.85 15.16
C VAL B 206 -21.06 -5.79 15.14
N SER B 207 -19.75 -5.57 15.27
CA SER B 207 -19.23 -4.99 16.51
C SER B 207 -19.71 -3.56 16.66
N ALA B 208 -19.67 -2.79 15.57
CA ALA B 208 -20.14 -1.40 15.59
C ALA B 208 -21.55 -1.31 16.15
N LYS B 209 -22.44 -2.20 15.71
CA LYS B 209 -23.83 -2.15 16.17
C LYS B 209 -23.93 -2.51 17.64
N ALA B 210 -23.24 -3.58 18.05
CA ALA B 210 -23.25 -3.97 19.45
C ALA B 210 -22.72 -2.85 20.33
N ILE B 211 -21.64 -2.17 19.91
CA ILE B 211 -21.08 -1.12 20.75
C ILE B 211 -22.03 0.06 20.85
N VAL B 212 -22.58 0.47 19.71
CA VAL B 212 -23.46 1.64 19.71
C VAL B 212 -24.70 1.38 20.56
N GLU B 213 -25.30 0.19 20.40
CA GLU B 213 -26.46 -0.14 21.21
C GLU B 213 -26.08 -0.30 22.68
N GLY B 214 -24.90 -0.82 22.97
CA GLY B 214 -24.47 -0.88 24.36
C GLY B 214 -24.37 0.50 24.98
N LEU B 215 -23.72 1.44 24.30
CA LEU B 215 -23.49 2.75 24.87
C LEU B 215 -24.73 3.63 24.83
N GLN B 216 -25.52 3.54 23.77
CA GLN B 216 -26.66 4.44 23.60
C GLN B 216 -27.98 3.80 24.02
N GLY B 217 -28.01 2.49 24.21
CA GLY B 217 -29.26 1.76 24.24
C GLY B 217 -29.77 1.50 22.84
N ALA B 218 -30.81 0.67 22.75
CA ALA B 218 -31.46 0.38 21.49
C ALA B 218 -32.00 1.67 20.86
N PRO B 219 -32.06 1.75 19.54
CA PRO B 219 -32.50 2.99 18.90
C PRO B 219 -33.85 3.46 19.45
N ALA B 220 -33.92 4.75 19.73
CA ALA B 220 -35.11 5.36 20.31
C ALA B 220 -35.06 6.86 20.06
N GLU B 221 -36.22 7.51 20.21
CA GLU B 221 -36.29 8.96 20.03
C GLU B 221 -35.43 9.68 21.05
N TYR B 222 -35.49 9.25 22.32
CA TYR B 222 -34.66 9.78 23.39
C TYR B 222 -33.75 8.68 23.93
N LEU B 223 -32.57 9.07 24.40
CA LEU B 223 -31.70 8.09 25.03
C LEU B 223 -32.31 7.63 26.36
N PRO B 224 -32.23 6.34 26.68
CA PRO B 224 -32.52 5.91 28.05
C PRO B 224 -31.61 6.62 29.03
N ALA B 225 -32.07 6.70 30.27
CA ALA B 225 -31.18 7.15 31.34
C ALA B 225 -29.99 6.21 31.44
N ASN B 226 -28.86 6.76 31.88
CA ASN B 226 -27.62 6.02 32.09
C ASN B 226 -26.99 5.55 30.77
N ARG B 227 -27.29 6.24 29.67
CA ARG B 227 -26.65 5.97 28.39
C ARG B 227 -26.00 7.25 27.90
N ILE B 228 -25.13 7.11 26.90
CA ILE B 228 -24.37 8.23 26.35
C ILE B 228 -24.38 8.16 24.84
N ALA B 229 -24.13 9.30 24.21
CA ALA B 229 -24.01 9.36 22.76
C ALA B 229 -22.66 8.80 22.30
N THR B 230 -22.69 8.04 21.20
CA THR B 230 -21.45 7.63 20.55
C THR B 230 -21.07 8.58 19.42
N SER B 231 -19.78 8.69 19.15
CA SER B 231 -19.28 9.36 17.95
C SER B 231 -18.40 8.35 17.22
N VAL B 232 -18.98 7.62 16.26
CA VAL B 232 -18.21 6.64 15.52
C VAL B 232 -17.09 7.35 14.74
N LYS B 233 -15.89 6.77 14.78
CA LYS B 233 -14.70 7.36 14.19
C LYS B 233 -13.87 6.26 13.54
N HIS B 234 -12.97 6.61 12.62
CA HIS B 234 -12.80 7.96 12.08
C HIS B 234 -13.23 7.99 10.60
N PHE B 235 -14.23 8.80 10.28
CA PHE B 235 -14.89 8.81 8.99
C PHE B 235 -14.02 9.51 7.94
N ALA B 236 -13.53 8.82 6.91
CA ALA B 236 -13.58 7.37 6.67
C ALA B 236 -12.27 6.93 5.98
N GLY B 237 -11.73 5.76 6.34
CA GLY B 237 -10.53 5.25 5.72
C GLY B 237 -9.26 5.52 6.48
N TYR B 238 -9.35 5.93 7.74
CA TYR B 238 -8.18 6.32 8.52
C TYR B 238 -7.20 5.16 8.69
N GLY B 239 -7.69 3.92 8.79
CA GLY B 239 -6.80 2.78 8.97
C GLY B 239 -6.01 2.38 7.73
N GLN B 240 -6.32 2.96 6.58
CA GLN B 240 -5.65 2.58 5.33
C GLN B 240 -4.47 3.48 5.00
N GLY B 241 -4.06 4.35 5.92
CA GLY B 241 -2.89 5.19 5.69
C GLY B 241 -1.71 4.40 5.15
N ILE B 242 -1.09 4.91 4.09
CA ILE B 242 0.06 4.20 3.51
C ILE B 242 1.20 4.09 4.51
N GLY B 243 2.00 3.04 4.35
CA GLY B 243 3.11 2.80 5.22
C GLY B 243 2.74 2.43 6.62
N GLY B 244 1.46 2.29 6.91
CA GLY B 244 1.00 2.20 8.28
C GLY B 244 1.34 3.42 9.12
N ARG B 245 1.62 4.56 8.48
CA ARG B 245 2.04 5.75 9.20
C ARG B 245 0.83 6.59 9.55
N ASN B 246 0.67 6.88 10.84
CA ASN B 246 -0.42 7.72 11.30
C ASN B 246 -0.41 9.04 10.54
N PHE B 247 -1.60 9.51 10.16
CA PHE B 247 -1.89 10.71 9.38
C PHE B 247 -1.67 10.54 7.88
N ALA B 248 -1.09 9.42 7.40
CA ALA B 248 -0.71 9.34 6.00
C ALA B 248 -1.93 9.10 5.10
N PRO B 249 -1.86 9.53 3.84
CA PRO B 249 -3.03 9.39 2.96
C PRO B 249 -3.44 7.94 2.75
N SER B 250 -4.73 7.75 2.51
CA SER B 250 -5.30 6.46 2.15
C SER B 250 -5.65 6.44 0.67
N HIS B 251 -5.37 5.34 0.02
CA HIS B 251 -5.70 5.16 -1.39
C HIS B 251 -6.88 4.20 -1.42
N ILE B 252 -8.08 4.77 -1.52
CA ILE B 252 -9.31 3.98 -1.43
C ILE B 252 -10.17 4.36 -2.62
N GLY B 253 -10.47 3.37 -3.47
CA GLY B 253 -11.40 3.58 -4.56
C GLY B 253 -12.84 3.65 -4.08
N PRO B 254 -13.72 4.25 -4.90
CA PRO B 254 -15.11 4.44 -4.45
C PRO B 254 -15.88 3.16 -4.21
N VAL B 255 -15.60 2.09 -4.96
CA VAL B 255 -16.30 0.83 -4.71
C VAL B 255 -15.71 0.16 -3.48
N GLU B 256 -14.39 0.25 -3.32
CA GLU B 256 -13.75 -0.22 -2.11
C GLU B 256 -14.25 0.56 -0.90
N MET B 257 -14.43 1.87 -1.05
CA MET B 257 -14.97 2.69 0.03
C MET B 257 -16.32 2.16 0.49
N GLN B 258 -17.17 1.76 -0.46
CA GLN B 258 -18.55 1.39 -0.17
C GLN B 258 -18.66 -0.02 0.41
N ASN B 259 -17.75 -0.92 0.07
CA ASN B 259 -17.91 -2.32 0.44
C ASN B 259 -16.91 -2.80 1.50
N VAL B 260 -15.95 -1.96 1.90
CA VAL B 260 -14.93 -2.33 2.88
C VAL B 260 -14.98 -1.37 4.06
N VAL B 261 -14.85 -0.08 3.77
CA VAL B 261 -14.63 0.92 4.80
C VAL B 261 -15.94 1.45 5.38
N LEU B 262 -16.92 1.77 4.53
CA LEU B 262 -18.18 2.40 4.95
C LEU B 262 -19.15 1.47 5.67
N PRO B 263 -19.24 0.16 5.37
CA PRO B 263 -20.32 -0.67 5.97
C PRO B 263 -20.45 -0.54 7.48
N PRO B 264 -19.36 -0.50 8.26
CA PRO B 264 -19.56 -0.34 9.71
C PRO B 264 -20.20 0.99 10.05
N PHE B 265 -19.80 2.05 9.35
CA PHE B 265 -20.38 3.36 9.58
C PHE B 265 -21.85 3.39 9.17
N ARG B 266 -22.17 2.79 8.01
CA ARG B 266 -23.56 2.80 7.56
C ARG B 266 -24.47 2.10 8.57
N ALA B 267 -24.02 0.95 9.10
CA ALA B 267 -24.82 0.25 10.09
C ALA B 267 -24.90 1.03 11.40
N ALA B 268 -23.78 1.61 11.84
CA ALA B 268 -23.81 2.39 13.06
C ALA B 268 -24.77 3.56 12.96
N ILE B 269 -24.84 4.18 11.77
CA ILE B 269 -25.65 5.38 11.57
C ILE B 269 -27.10 5.02 11.26
N THR B 270 -27.35 4.13 10.29
CA THR B 270 -28.70 3.88 9.81
C THR B 270 -29.43 2.78 10.54
N GLU B 271 -28.73 1.87 11.23
CA GLU B 271 -29.39 0.82 11.99
C GLU B 271 -29.34 1.06 13.49
N ALA B 272 -28.14 1.21 14.07
CA ALA B 272 -28.04 1.39 15.51
C ALA B 272 -28.27 2.83 15.96
N GLY B 273 -28.27 3.80 15.04
CA GLY B 273 -28.67 5.14 15.40
C GLY B 273 -27.65 5.97 16.15
N SER B 274 -26.37 5.74 15.91
CA SER B 274 -25.33 6.55 16.55
C SER B 274 -25.65 8.03 16.37
N ILE B 275 -25.61 8.78 17.46
CA ILE B 275 -25.95 10.18 17.41
C ILE B 275 -24.83 11.01 16.78
N GLY B 276 -23.58 10.59 17.00
CA GLY B 276 -22.43 11.38 16.60
C GLY B 276 -21.53 10.61 15.66
N LEU B 277 -20.63 11.36 15.03
CA LEU B 277 -19.64 10.81 14.13
C LEU B 277 -18.44 11.74 14.15
N MET B 278 -17.24 11.15 14.14
CA MET B 278 -15.99 11.92 14.08
C MET B 278 -15.27 11.65 12.77
N ALA B 279 -14.72 12.69 12.16
CA ALA B 279 -14.03 12.61 10.89
C ALA B 279 -12.54 12.28 11.08
N SER B 280 -11.89 11.96 9.96
CA SER B 280 -10.53 11.42 9.94
C SER B 280 -9.49 12.50 9.72
N HIS B 281 -8.33 12.34 10.38
CA HIS B 281 -7.14 13.18 10.14
C HIS B 281 -6.79 13.29 8.66
N GLY B 282 -6.96 12.21 7.91
CA GLY B 282 -6.22 12.01 6.67
C GLY B 282 -6.92 12.53 5.43
N GLU B 283 -6.29 12.26 4.28
CA GLU B 283 -6.80 12.65 2.98
C GLU B 283 -6.99 11.40 2.12
N ILE B 284 -7.88 11.52 1.13
CA ILE B 284 -8.00 10.53 0.07
C ILE B 284 -7.91 11.29 -1.26
N ASP B 285 -6.87 10.98 -2.06
CA ASP B 285 -6.70 11.58 -3.37
C ASP B 285 -6.67 13.10 -3.26
N GLY B 286 -6.05 13.60 -2.18
CA GLY B 286 -5.91 15.03 -1.98
C GLY B 286 -7.05 15.70 -1.26
N VAL B 287 -8.13 14.99 -0.93
CA VAL B 287 -9.28 15.58 -0.26
C VAL B 287 -9.17 15.25 1.23
N PRO B 288 -8.88 16.22 2.10
CA PRO B 288 -8.93 15.96 3.54
C PRO B 288 -10.34 15.57 3.97
N ALA B 289 -10.41 14.56 4.86
CA ALA B 289 -11.73 14.11 5.32
C ALA B 289 -12.53 15.26 5.94
N HIS B 290 -11.88 16.19 6.63
CA HIS B 290 -12.63 17.26 7.28
C HIS B 290 -13.13 18.31 6.28
N ALA B 291 -12.79 18.16 5.00
CA ALA B 291 -13.31 19.01 3.94
C ALA B 291 -13.93 18.19 2.82
N ASP B 292 -14.33 16.94 3.11
CA ASP B 292 -14.81 16.01 2.10
C ASP B 292 -16.33 16.12 2.02
N THR B 293 -16.80 17.01 1.14
N THR B 293 -16.82 17.00 1.15
CA THR B 293 -18.23 17.23 0.97
CA THR B 293 -18.26 17.19 1.07
C THR B 293 -18.95 15.95 0.57
C THR B 293 -18.98 15.94 0.57
N HIS B 294 -18.34 15.18 -0.34
CA HIS B 294 -18.95 13.94 -0.80
C HIS B 294 -19.21 12.98 0.35
N LEU B 295 -18.24 12.82 1.26
CA LEU B 295 -18.42 11.92 2.39
C LEU B 295 -19.31 12.54 3.47
N LEU B 296 -19.00 13.77 3.87
CA LEU B 296 -19.63 14.36 5.05
C LEU B 296 -21.05 14.86 4.78
N ASN B 297 -21.42 15.04 3.51
CA ASN B 297 -22.73 15.57 3.16
C ASN B 297 -23.47 14.62 2.22
N ASP B 298 -22.92 14.34 1.04
CA ASP B 298 -23.65 13.55 0.06
C ASP B 298 -23.92 12.14 0.57
N VAL B 299 -22.90 11.45 1.09
CA VAL B 299 -23.12 10.11 1.63
C VAL B 299 -23.82 10.18 2.99
N LEU B 300 -23.23 10.89 3.95
CA LEU B 300 -23.68 10.81 5.33
C LEU B 300 -25.08 11.42 5.51
N ARG B 301 -25.30 12.64 4.99
CA ARG B 301 -26.59 13.29 5.16
C ARG B 301 -27.61 12.82 4.12
N ASP B 302 -27.26 12.88 2.82
CA ASP B 302 -28.25 12.61 1.79
C ASP B 302 -28.49 11.12 1.60
N ASP B 303 -27.43 10.33 1.37
CA ASP B 303 -27.65 8.89 1.14
C ASP B 303 -28.18 8.21 2.38
N TRP B 304 -27.62 8.53 3.55
CA TRP B 304 -27.91 7.80 4.78
C TRP B 304 -28.89 8.51 5.69
N GLY B 305 -29.14 9.80 5.50
CA GLY B 305 -30.12 10.49 6.32
C GLY B 305 -29.67 10.73 7.75
N PHE B 306 -28.37 10.88 7.97
CA PHE B 306 -27.87 11.16 9.30
C PHE B 306 -28.42 12.48 9.82
N GLU B 307 -28.91 12.46 11.05
CA GLU B 307 -29.46 13.66 11.65
C GLU B 307 -28.69 14.13 12.87
N GLY B 308 -27.60 13.45 13.23
CA GLY B 308 -26.80 13.83 14.37
C GLY B 308 -25.70 14.82 14.04
N TYR B 309 -24.67 14.84 14.89
CA TYR B 309 -23.59 15.80 14.77
C TYR B 309 -22.35 15.13 14.19
N VAL B 310 -21.58 15.94 13.48
CA VAL B 310 -20.25 15.55 13.04
C VAL B 310 -19.28 16.34 13.90
N VAL B 311 -18.44 15.62 14.66
CA VAL B 311 -17.38 16.27 15.42
C VAL B 311 -16.07 16.08 14.67
N SER B 312 -15.21 17.09 14.74
CA SER B 312 -13.88 16.97 14.19
C SER B 312 -12.99 16.21 15.15
N ASP B 313 -11.93 15.63 14.60
CA ASP B 313 -10.84 15.15 15.45
C ASP B 313 -10.02 16.35 15.92
N TRP B 314 -9.12 16.11 16.89
CA TRP B 314 -8.48 17.23 17.60
C TRP B 314 -7.75 18.17 16.64
N ASP B 315 -8.21 19.42 16.60
CA ASP B 315 -7.63 20.55 15.84
C ASP B 315 -7.53 20.26 14.33
N ASP B 316 -8.32 19.31 13.81
CA ASP B 316 -8.24 18.92 12.42
C ASP B 316 -8.92 19.90 11.46
N VAL B 317 -9.79 20.79 11.94
CA VAL B 317 -10.28 21.83 11.03
C VAL B 317 -9.16 22.78 10.67
N ARG B 318 -8.42 23.27 11.68
CA ARG B 318 -7.25 24.11 11.39
C ARG B 318 -6.29 23.42 10.41
N ARG B 319 -6.13 22.10 10.54
CA ARG B 319 -5.13 21.40 9.75
C ARG B 319 -5.52 21.23 8.29
N ILE B 320 -6.77 21.51 7.90
CA ILE B 320 -7.10 21.66 6.49
C ILE B 320 -6.17 22.68 5.86
N HIS B 321 -5.80 23.71 6.63
CA HIS B 321 -4.78 24.68 6.26
C HIS B 321 -3.36 24.26 6.71
N SER B 322 -3.17 24.05 8.02
CA SER B 322 -1.82 24.01 8.58
C SER B 322 -1.07 22.73 8.24
N LEU B 323 -1.76 21.63 7.97
CA LEU B 323 -1.12 20.36 7.65
C LEU B 323 -1.31 19.96 6.20
N HIS B 324 -2.57 19.89 5.73
CA HIS B 324 -2.85 19.45 4.38
C HIS B 324 -2.55 20.51 3.31
N GLY B 325 -2.54 21.79 3.67
CA GLY B 325 -2.28 22.84 2.68
C GLY B 325 -3.35 22.96 1.63
N VAL B 326 -4.61 22.77 2.02
CA VAL B 326 -5.74 22.86 1.11
C VAL B 326 -6.55 24.13 1.34
N ALA B 327 -6.74 24.52 2.59
CA ALA B 327 -7.23 25.85 2.91
C ALA B 327 -6.06 26.83 2.94
N GLY B 328 -6.29 28.03 2.39
CA GLY B 328 -5.27 29.06 2.36
C GLY B 328 -5.07 29.83 3.64
N SER B 329 -5.92 29.63 4.65
CA SER B 329 -5.77 30.30 5.93
C SER B 329 -6.66 29.60 6.95
N GLU B 330 -6.51 30.00 8.21
CA GLU B 330 -7.36 29.46 9.26
C GLU B 330 -8.83 29.81 8.99
N ALA B 331 -9.10 31.06 8.62
CA ALA B 331 -10.46 31.45 8.27
C ALA B 331 -11.03 30.56 7.17
N GLU B 332 -10.27 30.36 6.09
CA GLU B 332 -10.79 29.51 5.03
C GLU B 332 -10.93 28.06 5.50
N ALA B 333 -10.08 27.59 6.41
CA ALA B 333 -10.27 26.23 6.91
C ALA B 333 -11.58 26.11 7.68
N ALA B 334 -11.87 27.08 8.56
CA ALA B 334 -13.15 27.10 9.27
C ALA B 334 -14.31 27.00 8.29
N ILE B 335 -14.22 27.75 7.19
CA ILE B 335 -15.32 27.81 6.26
C ILE B 335 -15.47 26.49 5.52
N MET B 336 -14.36 25.91 5.07
CA MET B 336 -14.43 24.66 4.33
C MET B 336 -15.02 23.56 5.20
N GLY B 337 -14.56 23.46 6.44
CA GLY B 337 -15.06 22.40 7.32
C GLY B 337 -16.53 22.55 7.63
N LEU B 338 -16.97 23.77 7.95
CA LEU B 338 -18.38 23.96 8.27
C LEU B 338 -19.26 23.64 7.07
N ARG B 339 -18.94 24.19 5.90
N ARG B 339 -18.94 24.21 5.91
CA ARG B 339 -19.77 23.95 4.73
CA ARG B 339 -19.72 23.96 4.71
C ARG B 339 -19.70 22.49 4.29
C ARG B 339 -19.71 22.49 4.34
N ALA B 340 -18.57 21.82 4.51
CA ALA B 340 -18.47 20.41 4.18
C ALA B 340 -19.40 19.57 5.05
N GLY B 341 -19.60 19.99 6.30
CA GLY B 341 -20.49 19.23 7.16
C GLY B 341 -19.94 18.89 8.54
N VAL B 342 -18.87 19.55 8.99
CA VAL B 342 -18.40 19.40 10.37
C VAL B 342 -19.22 20.34 11.25
N ASP B 343 -19.88 19.79 12.28
CA ASP B 343 -20.79 20.61 13.07
C ASP B 343 -20.12 21.25 14.28
N ILE B 344 -19.20 20.55 14.95
CA ILE B 344 -18.60 21.02 16.20
C ILE B 344 -17.10 20.75 16.19
N GLU B 345 -16.30 21.77 16.52
CA GLU B 345 -14.85 21.70 16.39
C GLU B 345 -14.24 21.28 17.72
N LEU B 346 -13.58 20.12 17.72
CA LEU B 346 -12.80 19.64 18.86
C LEU B 346 -11.42 20.27 18.76
N ALA B 347 -11.16 21.28 19.60
CA ALA B 347 -9.92 22.04 19.55
C ALA B 347 -9.87 23.08 20.64
N ASN B 348 -8.67 23.44 21.12
CA ASN B 348 -8.47 24.62 21.94
C ASN B 348 -8.23 25.80 21.02
N ASN B 349 -8.79 26.95 21.38
CA ASN B 349 -8.70 28.15 20.55
C ASN B 349 -8.89 27.79 19.08
N GLY B 350 -10.01 27.13 18.79
CA GLY B 350 -10.24 26.58 17.46
C GLY B 350 -10.50 27.64 16.42
N VAL B 351 -10.48 27.23 15.15
CA VAL B 351 -10.79 28.18 14.08
C VAL B 351 -12.28 28.49 14.02
N TYR B 352 -13.15 27.65 14.60
CA TYR B 352 -14.57 28.00 14.65
C TYR B 352 -14.84 29.22 15.54
N LEU B 353 -13.89 29.66 16.35
CA LEU B 353 -14.11 30.91 17.09
C LEU B 353 -14.26 32.09 16.14
N MET B 354 -13.86 31.93 14.88
CA MET B 354 -13.96 32.97 13.86
C MET B 354 -15.32 33.02 13.18
N LEU B 355 -16.18 32.01 13.37
CA LEU B 355 -17.41 31.92 12.58
C LEU B 355 -18.34 33.12 12.74
N PRO B 356 -18.59 33.66 13.94
CA PRO B 356 -19.46 34.85 14.03
C PRO B 356 -18.96 36.03 13.19
N GLN B 357 -17.68 36.38 13.33
CA GLN B 357 -17.14 37.49 12.56
C GLN B 357 -17.11 37.21 11.06
N LEU B 358 -16.96 35.94 10.66
CA LEU B 358 -16.97 35.67 9.22
C LEU B 358 -18.37 35.81 8.65
N VAL B 359 -19.39 35.47 9.44
CA VAL B 359 -20.76 35.76 9.04
C VAL B 359 -20.96 37.27 8.96
N ARG B 360 -20.57 37.99 10.02
CA ARG B 360 -20.76 39.44 10.03
C ARG B 360 -19.93 40.14 8.95
N ASP B 361 -18.81 39.56 8.54
CA ASP B 361 -18.00 40.16 7.48
C ASP B 361 -18.49 39.79 6.07
N GLY B 362 -19.59 39.06 5.95
CA GLY B 362 -20.07 38.66 4.64
C GLY B 362 -19.38 37.47 4.01
N LEU B 363 -18.46 36.82 4.72
CA LEU B 363 -17.66 35.75 4.12
C LEU B 363 -18.28 34.38 4.27
N LEU B 364 -19.34 34.26 5.07
CA LEU B 364 -19.93 32.97 5.35
C LEU B 364 -21.42 33.17 5.57
N GLU B 365 -22.22 32.34 4.92
N GLU B 365 -22.23 32.35 4.90
CA GLU B 365 -23.66 32.38 5.06
CA GLU B 365 -23.67 32.45 5.07
C GLU B 365 -24.07 31.90 6.45
C GLU B 365 -24.08 31.92 6.44
N GLU B 366 -24.88 32.72 7.14
CA GLU B 366 -25.31 32.37 8.50
C GLU B 366 -26.08 31.06 8.56
N ARG B 367 -26.74 30.66 7.46
CA ARG B 367 -27.46 29.39 7.50
C ARG B 367 -26.57 28.19 7.82
N TYR B 368 -25.24 28.29 7.63
CA TYR B 368 -24.38 27.15 7.97
C TYR B 368 -24.11 27.09 9.46
N VAL B 369 -24.01 28.24 10.12
CA VAL B 369 -23.95 28.26 11.58
C VAL B 369 -25.22 27.66 12.16
N ARG B 370 -26.38 28.07 11.64
CA ARG B 370 -27.65 27.58 12.16
C ARG B 370 -27.81 26.08 11.91
N ARG B 371 -27.36 25.60 10.76
CA ARG B 371 -27.49 24.17 10.44
C ARG B 371 -26.73 23.29 11.43
N ALA B 372 -25.49 23.70 11.77
CA ALA B 372 -24.68 22.93 12.71
C ALA B 372 -25.22 23.04 14.13
N ALA B 373 -25.54 24.24 14.57
CA ALA B 373 -26.04 24.44 15.92
C ALA B 373 -27.34 23.69 16.15
N GLU B 374 -28.18 23.59 15.12
CA GLU B 374 -29.42 22.86 15.30
C GLU B 374 -29.18 21.36 15.45
N ARG B 375 -28.13 20.84 14.80
CA ARG B 375 -27.78 19.43 14.99
C ARG B 375 -27.27 19.17 16.39
N ILE B 376 -26.41 20.05 16.89
CA ILE B 376 -25.86 19.93 18.25
C ILE B 376 -26.99 19.95 19.28
N LEU B 377 -27.92 20.91 19.12
CA LEU B 377 -29.00 21.10 20.09
C LEU B 377 -29.91 19.87 20.11
N ALA B 378 -30.22 19.32 18.95
CA ALA B 378 -31.09 18.16 18.90
C ALA B 378 -30.44 16.96 19.56
N ALA B 379 -29.12 16.82 19.38
CA ALA B 379 -28.40 15.77 20.08
C ALA B 379 -28.46 16.00 21.60
N LYS B 380 -28.26 17.24 22.05
CA LYS B 380 -28.31 17.51 23.49
C LYS B 380 -29.70 17.23 24.08
N PHE B 381 -30.77 17.54 23.34
CA PHE B 381 -32.11 17.18 23.79
C PHE B 381 -32.26 15.66 23.88
N LYS B 382 -31.82 14.95 22.84
CA LYS B 382 -32.01 13.50 22.77
C LYS B 382 -31.28 12.79 23.90
N CYS B 383 -30.14 13.33 24.35
CA CYS B 383 -29.38 12.76 25.45
C CYS B 383 -29.89 13.20 26.81
N GLY B 384 -30.93 14.04 26.83
CA GLY B 384 -31.57 14.41 28.08
C GLY B 384 -30.93 15.54 28.86
N LEU B 385 -30.02 16.30 28.25
CA LEU B 385 -29.26 17.28 29.01
C LEU B 385 -30.17 18.33 29.64
N PHE B 386 -31.22 18.72 28.93
CA PHE B 386 -32.13 19.78 29.40
C PHE B 386 -33.05 19.30 30.51
N ASP B 387 -33.23 17.98 30.66
CA ASP B 387 -34.28 17.39 31.45
C ASP B 387 -33.78 16.59 32.65
N MET B 388 -32.48 16.56 32.91
CA MET B 388 -31.90 15.65 33.87
C MET B 388 -30.82 16.34 34.68
N PRO B 389 -30.50 15.81 35.86
CA PRO B 389 -29.28 16.25 36.57
C PRO B 389 -28.03 16.04 35.71
N PHE B 390 -26.95 16.71 36.12
CA PHE B 390 -25.70 16.66 35.37
C PHE B 390 -24.95 15.35 35.58
N ALA B 391 -25.06 14.76 36.77
CA ALA B 391 -24.30 13.58 37.16
C ALA B 391 -24.90 13.06 38.47
N ASP B 392 -24.36 11.95 38.95
CA ASP B 392 -24.91 11.24 40.10
C ASP B 392 -23.75 10.69 40.92
N PRO B 393 -23.17 11.52 41.79
CA PRO B 393 -21.90 11.13 42.44
C PRO B 393 -21.95 9.81 43.21
N ALA B 394 -23.02 9.55 43.95
CA ALA B 394 -23.07 8.31 44.73
C ALA B 394 -23.26 7.11 43.82
N LEU B 395 -24.09 7.26 42.77
CA LEU B 395 -24.21 6.18 41.79
C LEU B 395 -22.87 5.92 41.12
N ALA B 396 -22.15 7.00 40.76
CA ALA B 396 -20.83 6.86 40.15
C ALA B 396 -19.91 5.99 41.01
N GLY B 397 -19.94 6.19 42.33
CA GLY B 397 -19.09 5.41 43.21
C GLY B 397 -19.49 3.95 43.30
N ARG B 398 -20.78 3.66 43.20
CA ARG B 398 -21.23 2.26 43.29
C ARG B 398 -20.86 1.49 42.02
N LEU B 399 -20.97 2.12 40.86
CA LEU B 399 -20.79 1.42 39.60
C LEU B 399 -19.31 1.18 39.27
N ALA B 400 -18.43 2.08 39.67
CA ALA B 400 -17.06 2.06 39.22
C ALA B 400 -16.33 0.82 39.73
N ARG B 401 -15.87 -0.02 38.80
CA ARG B 401 -15.21 -1.29 39.08
C ARG B 401 -16.03 -2.12 40.09
N SER B 402 -17.34 -2.10 39.91
CA SER B 402 -18.22 -2.90 40.72
C SER B 402 -17.90 -4.38 40.53
N THR B 403 -18.37 -5.20 41.48
CA THR B 403 -18.14 -6.63 41.39
C THR B 403 -18.68 -7.19 40.08
N GLU B 404 -19.87 -6.73 39.69
CA GLU B 404 -20.47 -7.24 38.45
C GLU B 404 -19.65 -6.82 37.24
N HIS B 405 -19.12 -5.60 37.23
CA HIS B 405 -18.37 -5.11 36.08
C HIS B 405 -16.99 -5.76 35.98
N LYS B 406 -16.34 -5.99 37.12
CA LYS B 406 -15.08 -6.73 37.09
C LYS B 406 -15.30 -8.17 36.62
N LEU B 407 -16.41 -8.78 37.04
CA LEU B 407 -16.69 -10.13 36.57
C LEU B 407 -16.90 -10.15 35.06
N LEU B 408 -17.60 -9.15 34.53
CA LEU B 408 -17.77 -9.05 33.09
C LEU B 408 -16.42 -8.93 32.38
N ALA B 409 -15.52 -8.08 32.90
CA ALA B 409 -14.20 -7.93 32.30
C ALA B 409 -13.44 -9.25 32.33
N ARG B 410 -13.60 -10.02 33.40
CA ARG B 410 -12.93 -11.31 33.48
C ARG B 410 -13.48 -12.27 32.45
N ARG B 411 -14.81 -12.34 32.37
CA ARG B 411 -15.47 -13.23 31.41
C ARG B 411 -15.12 -12.85 29.97
N MET B 412 -15.12 -11.55 29.65
CA MET B 412 -14.73 -11.12 28.30
C MET B 412 -13.33 -11.63 27.96
N ALA B 413 -12.38 -11.49 28.89
CA ALA B 413 -11.02 -11.97 28.65
C ALA B 413 -11.01 -13.49 28.45
N GLU B 414 -11.81 -14.21 29.21
CA GLU B 414 -11.85 -15.67 29.07
C GLU B 414 -12.40 -16.07 27.71
N GLU B 415 -13.28 -15.25 27.12
CA GLU B 415 -13.85 -15.50 25.80
C GLU B 415 -12.96 -15.03 24.65
N SER B 416 -11.97 -14.17 24.92
CA SER B 416 -11.18 -13.50 23.90
C SER B 416 -9.83 -14.14 23.62
N ILE B 417 -9.18 -14.71 24.64
CA ILE B 417 -7.81 -15.14 24.46
C ILE B 417 -7.76 -16.24 23.42
N VAL B 418 -6.78 -16.17 22.52
CA VAL B 418 -6.71 -17.04 21.34
C VAL B 418 -5.60 -18.07 21.54
N LEU B 419 -5.92 -19.34 21.30
CA LEU B 419 -4.92 -20.40 21.28
C LEU B 419 -4.41 -20.52 19.85
N LEU B 420 -3.20 -20.01 19.62
CA LEU B 420 -2.62 -19.95 18.29
C LEU B 420 -2.08 -21.30 17.84
N GLN B 421 -1.43 -22.02 18.76
CA GLN B 421 -0.86 -23.32 18.43
C GLN B 421 -0.58 -24.04 19.73
N ASN B 422 -0.65 -25.37 19.66
CA ASN B 422 -0.56 -26.22 20.84
C ASN B 422 0.00 -27.57 20.43
N GLU B 423 1.19 -27.54 19.84
CA GLU B 423 1.82 -28.74 19.31
C GLU B 423 2.14 -29.73 20.43
N GLY B 424 1.65 -30.96 20.29
CA GLY B 424 1.85 -31.96 21.30
C GLY B 424 0.99 -31.81 22.52
N ASN B 425 -0.04 -30.95 22.46
CA ASN B 425 -0.98 -30.76 23.57
C ASN B 425 -0.26 -30.42 24.88
N VAL B 426 0.73 -29.53 24.79
CA VAL B 426 1.37 -29.02 25.98
C VAL B 426 0.33 -28.39 26.90
N LEU B 427 -0.62 -27.62 26.32
CA LEU B 427 -1.73 -27.08 27.09
C LEU B 427 -2.96 -27.98 26.95
N PRO B 428 -3.82 -28.07 27.97
CA PRO B 428 -3.67 -27.38 29.27
C PRO B 428 -2.62 -27.99 30.19
N LEU B 429 -2.01 -27.15 31.01
CA LEU B 429 -1.19 -27.62 32.11
C LEU B 429 -2.06 -28.34 33.14
N GLN B 430 -1.49 -29.36 33.77
CA GLN B 430 -2.14 -30.06 34.87
C GLN B 430 -1.54 -29.50 36.16
N SER B 431 -2.37 -28.82 36.96
CA SER B 431 -1.81 -28.11 38.10
C SER B 431 -1.30 -29.06 39.18
N SER B 432 -1.91 -30.24 39.30
CA SER B 432 -1.41 -31.22 40.27
C SER B 432 0.01 -31.66 39.95
N ALA B 433 0.43 -31.55 38.69
CA ALA B 433 1.75 -31.99 38.28
C ALA B 433 2.77 -30.85 38.22
N VAL B 434 2.39 -29.63 38.63
CA VAL B 434 3.33 -28.52 38.63
C VAL B 434 3.94 -28.40 40.03
N ARG B 435 5.26 -28.20 40.07
CA ARG B 435 5.98 -28.00 41.32
C ARG B 435 6.48 -26.57 41.47
N LYS B 436 7.29 -26.08 40.52
CA LYS B 436 7.81 -24.72 40.54
C LYS B 436 7.70 -24.12 39.16
N MET B 437 6.93 -23.05 39.04
CA MET B 437 6.71 -22.38 37.75
C MET B 437 7.47 -21.06 37.70
N LEU B 438 8.22 -20.88 36.61
CA LEU B 438 8.83 -19.58 36.30
C LEU B 438 7.86 -18.79 35.43
N VAL B 439 7.47 -17.62 35.91
CA VAL B 439 6.75 -16.64 35.09
C VAL B 439 7.75 -15.53 34.75
N VAL B 440 8.04 -15.36 33.46
CA VAL B 440 9.16 -14.53 33.03
C VAL B 440 8.78 -13.72 31.79
N GLY B 441 9.36 -12.54 31.66
CA GLY B 441 9.19 -11.74 30.48
C GLY B 441 8.80 -10.30 30.75
N PRO B 442 9.00 -9.44 29.75
CA PRO B 442 8.73 -8.00 29.94
C PRO B 442 7.27 -7.68 30.27
N ASN B 443 6.33 -8.55 29.92
CA ASN B 443 4.92 -8.30 30.22
C ASN B 443 4.36 -9.25 31.27
N ALA B 444 5.21 -9.80 32.15
CA ALA B 444 4.73 -10.71 33.18
C ALA B 444 4.19 -9.96 34.39
N ALA B 445 5.02 -9.06 34.96
CA ALA B 445 4.73 -8.38 36.22
C ALA B 445 3.93 -7.09 36.06
N SER B 446 3.91 -6.51 34.87
CA SER B 446 3.17 -5.28 34.64
C SER B 446 1.78 -5.60 34.09
N VAL B 447 0.84 -4.75 34.43
CA VAL B 447 -0.48 -4.75 33.81
C VAL B 447 -0.41 -4.00 32.47
N HIS B 448 -1.04 -4.56 31.44
CA HIS B 448 -1.05 -3.88 30.15
C HIS B 448 -2.47 -3.78 29.62
N LEU B 449 -2.95 -2.54 29.54
CA LEU B 449 -4.33 -2.25 29.23
C LEU B 449 -4.53 -1.67 27.84
N GLY B 450 -3.48 -1.19 27.19
CA GLY B 450 -3.60 -0.58 25.89
C GLY B 450 -3.79 0.91 25.92
N GLY B 451 -3.79 1.48 24.72
CA GLY B 451 -4.10 2.89 24.58
C GLY B 451 -5.48 3.24 25.12
N TYR B 452 -5.62 4.52 25.47
CA TYR B 452 -6.88 5.07 25.98
C TYR B 452 -7.30 4.37 27.27
N SER B 453 -6.35 4.28 28.20
CA SER B 453 -6.60 3.68 29.51
C SER B 453 -6.13 4.65 30.59
N PRO B 454 -6.82 4.71 31.73
CA PRO B 454 -6.36 5.60 32.80
C PRO B 454 -5.05 5.10 33.37
N LYS B 455 -4.13 6.04 33.57
CA LYS B 455 -2.79 5.79 34.08
C LYS B 455 -2.65 6.31 35.51
N PRO B 456 -1.96 5.58 36.40
CA PRO B 456 -1.31 4.30 36.09
C PRO B 456 -2.33 3.17 35.94
N PHE B 457 -1.93 2.12 35.22
CA PHE B 457 -2.83 1.00 34.98
C PHE B 457 -3.14 0.26 36.27
N VAL B 458 -4.40 -0.15 36.43
CA VAL B 458 -4.85 -0.90 37.59
C VAL B 458 -5.40 -2.24 37.11
N GLY B 459 -4.87 -3.32 37.66
CA GLY B 459 -5.41 -4.63 37.32
C GLY B 459 -4.45 -5.76 37.64
N VAL B 460 -4.81 -6.93 37.13
CA VAL B 460 -4.21 -8.21 37.49
C VAL B 460 -3.25 -8.62 36.37
N SER B 461 -1.95 -8.42 36.60
CA SER B 461 -0.94 -8.85 35.65
C SER B 461 -0.94 -10.36 35.53
N ALA B 462 -0.24 -10.86 34.50
CA ALA B 462 -0.14 -12.31 34.32
C ALA B 462 0.54 -12.96 35.51
N LEU B 463 1.59 -12.33 36.04
CA LEU B 463 2.25 -12.85 37.23
C LEU B 463 1.28 -12.97 38.40
N GLU B 464 0.45 -11.95 38.62
CA GLU B 464 -0.45 -11.98 39.76
C GLU B 464 -1.54 -13.03 39.59
N GLY B 465 -2.00 -13.23 38.35
CA GLY B 465 -3.00 -14.26 38.13
C GLY B 465 -2.46 -15.65 38.44
N LEU B 466 -1.21 -15.90 38.06
CA LEU B 466 -0.61 -17.21 38.28
C LEU B 466 -0.22 -17.43 39.74
N GLN B 467 0.32 -16.38 40.39
CA GLN B 467 0.53 -16.42 41.83
C GLN B 467 -0.75 -16.80 42.57
N ALA B 468 -1.84 -16.07 42.33
CA ALA B 468 -3.09 -16.37 43.00
C ALA B 468 -3.57 -17.77 42.69
N TYR B 469 -3.37 -18.23 41.46
CA TYR B 469 -3.78 -19.58 41.09
C TYR B 469 -2.90 -20.61 41.78
N ALA B 470 -1.60 -20.30 41.91
CA ALA B 470 -0.68 -21.22 42.54
C ALA B 470 -1.00 -21.39 44.02
N GLU B 471 -1.28 -20.28 44.71
CA GLU B 471 -1.70 -20.32 46.10
C GLU B 471 -2.83 -21.32 46.31
N GLN B 472 -3.81 -21.32 45.42
CA GLN B 472 -4.93 -22.25 45.55
C GLN B 472 -4.56 -23.66 45.14
N ALA B 473 -3.66 -23.80 44.17
CA ALA B 473 -3.36 -25.11 43.60
C ALA B 473 -2.23 -25.83 44.33
N GLY B 474 -1.35 -25.08 45.01
CA GLY B 474 -0.32 -25.70 45.81
C GLY B 474 1.00 -25.92 45.11
N PHE B 475 1.31 -25.12 44.10
CA PHE B 475 2.66 -25.14 43.54
C PHE B 475 3.31 -23.78 43.78
N GLU B 476 4.60 -23.71 43.49
CA GLU B 476 5.38 -22.51 43.74
C GLU B 476 5.52 -21.70 42.45
N VAL B 477 5.57 -20.37 42.59
CA VAL B 477 5.76 -19.48 41.46
C VAL B 477 6.97 -18.59 41.72
N GLU B 478 7.87 -18.54 40.75
CA GLU B 478 9.05 -17.70 40.79
C GLU B 478 8.99 -16.73 39.61
N TYR B 479 9.44 -15.49 39.82
CA TYR B 479 9.37 -14.44 38.81
C TYR B 479 10.77 -14.06 38.36
N ALA B 480 10.94 -13.85 37.05
CA ALA B 480 12.16 -13.26 36.54
C ALA B 480 11.80 -12.28 35.44
N GLN B 481 12.47 -11.12 35.42
CA GLN B 481 12.17 -10.09 34.44
C GLN B 481 12.32 -10.61 33.01
N GLY B 482 13.40 -11.35 32.74
CA GLY B 482 13.67 -11.91 31.43
C GLY B 482 14.39 -10.92 30.53
N CYS B 483 13.66 -9.89 30.09
CA CYS B 483 14.22 -8.74 29.41
C CYS B 483 13.18 -7.64 29.47
N ALA B 484 13.60 -6.42 29.17
CA ALA B 484 12.69 -5.30 29.03
C ALA B 484 12.46 -5.00 27.55
N ILE B 485 11.28 -4.48 27.25
CA ILE B 485 10.97 -3.96 25.92
C ILE B 485 11.37 -2.49 25.81
N THR B 486 10.91 -1.67 26.73
CA THR B 486 11.31 -0.27 26.78
C THR B 486 12.02 -0.02 28.10
N ALA B 487 12.98 0.90 28.07
CA ALA B 487 13.82 1.17 29.22
C ALA B 487 13.01 1.82 30.33
N GLY B 488 13.23 1.35 31.56
CA GLY B 488 12.49 1.81 32.71
C GLY B 488 11.17 1.13 32.93
N ASP B 489 10.72 0.31 31.98
CA ASP B 489 9.46 -0.41 32.13
C ASP B 489 9.80 -1.85 32.48
N GLU B 490 10.18 -2.03 33.75
CA GLU B 490 10.53 -3.32 34.32
C GLU B 490 9.75 -3.51 35.61
N GLY B 491 9.48 -4.77 35.93
CA GLY B 491 8.77 -5.06 37.17
C GLY B 491 7.36 -4.49 37.17
N ASN B 492 6.97 -3.96 38.32
CA ASN B 492 5.58 -3.57 38.55
C ASN B 492 5.18 -2.33 37.76
N ASN B 493 3.90 -2.28 37.41
CA ASN B 493 3.28 -1.19 36.66
C ASN B 493 2.33 -0.37 37.53
N GLU B 494 2.37 -0.55 38.85
CA GLU B 494 1.37 0.02 39.74
C GLU B 494 1.63 1.51 40.01
N ILE B 495 2.88 1.89 40.22
CA ILE B 495 3.25 3.28 40.43
C ILE B 495 3.27 3.99 39.07
N GLU B 496 2.81 5.24 39.03
CA GLU B 496 2.61 5.90 37.74
C GLU B 496 3.95 6.26 37.11
N THR B 497 4.23 5.65 35.96
CA THR B 497 5.46 5.89 35.22
C THR B 497 5.48 7.32 34.67
N ASP B 498 6.70 7.86 34.54
CA ASP B 498 6.90 9.27 34.19
C ASP B 498 6.20 9.67 32.90
N ALA B 499 5.07 10.38 33.03
CA ALA B 499 4.31 10.81 31.86
C ALA B 499 5.01 11.97 31.16
N SER B 500 4.75 12.09 29.85
CA SER B 500 5.34 13.08 28.95
C SER B 500 6.83 12.81 28.72
N ASP B 501 7.42 11.89 29.47
CA ASP B 501 8.78 11.47 29.19
C ASP B 501 8.80 10.56 27.96
N GLU B 502 9.74 10.82 27.05
CA GLU B 502 9.79 10.09 25.80
C GLU B 502 10.28 8.66 26.03
N SER B 503 9.65 7.71 25.36
CA SER B 503 9.97 6.30 25.54
C SER B 503 11.22 5.94 24.76
N VAL B 504 12.05 5.08 25.37
CA VAL B 504 13.33 4.70 24.80
C VAL B 504 13.44 3.17 24.81
N GLN B 505 13.97 2.60 23.73
CA GLN B 505 14.11 1.15 23.64
C GLN B 505 15.06 0.62 24.72
N ALA B 506 14.78 -0.59 25.21
CA ALA B 506 15.58 -1.19 26.28
C ALA B 506 17.00 -1.51 25.82
N ASP B 507 17.97 -1.32 26.73
CA ASP B 507 19.38 -1.56 26.36
C ASP B 507 19.65 -3.05 26.13
N PRO B 508 20.19 -3.41 24.97
CA PRO B 508 20.43 -4.84 24.68
C PRO B 508 21.41 -5.52 25.64
N ALA B 509 22.48 -4.81 26.06
CA ALA B 509 23.47 -5.42 26.96
C ALA B 509 22.85 -5.78 28.31
N ARG B 510 22.10 -4.84 28.90
CA ARG B 510 21.38 -5.17 30.12
C ARG B 510 20.39 -6.31 29.90
N ASN B 511 19.78 -6.38 28.71
CA ASN B 511 18.79 -7.44 28.48
C ASN B 511 19.46 -8.81 28.48
N ARG B 512 20.66 -8.92 27.89
CA ARG B 512 21.34 -10.21 27.86
C ARG B 512 21.74 -10.67 29.26
N ARG B 513 22.04 -9.73 30.16
CA ARG B 513 22.29 -10.11 31.55
C ARG B 513 21.01 -10.53 32.24
N LEU B 514 19.91 -9.84 31.95
CA LEU B 514 18.62 -10.29 32.47
C LEU B 514 18.27 -11.67 31.95
N ILE B 515 18.60 -11.94 30.69
CA ILE B 515 18.29 -13.24 30.10
C ILE B 515 19.07 -14.36 30.80
N ALA B 516 20.38 -14.13 31.00
CA ALA B 516 21.20 -15.10 31.73
C ALA B 516 20.65 -15.31 33.15
N GLU B 517 20.26 -14.22 33.83
CA GLU B 517 19.64 -14.35 35.15
C GLU B 517 18.39 -15.20 35.09
N ALA B 518 17.56 -15.00 34.05
CA ALA B 518 16.36 -15.81 33.93
C ALA B 518 16.68 -17.27 33.62
N VAL B 519 17.66 -17.51 32.75
CA VAL B 519 18.11 -18.89 32.48
C VAL B 519 18.56 -19.57 33.76
N ALA B 520 19.39 -18.89 34.57
CA ALA B 520 19.83 -19.46 35.84
C ALA B 520 18.66 -19.75 36.76
N THR B 521 17.72 -18.81 36.89
CA THR B 521 16.56 -19.03 37.75
C THR B 521 15.69 -20.18 37.23
N ALA B 522 15.67 -20.40 35.92
CA ALA B 522 14.82 -21.44 35.34
C ALA B 522 15.36 -22.85 35.58
N GLN B 523 16.59 -22.98 36.09
CA GLN B 523 17.18 -24.32 36.20
C GLN B 523 16.35 -25.24 37.08
N ASP B 524 15.86 -24.74 38.21
CA ASP B 524 15.06 -25.57 39.10
C ASP B 524 13.55 -25.38 38.91
N CYS B 525 13.11 -24.92 37.74
CA CYS B 525 11.68 -24.76 37.44
C CYS B 525 11.27 -25.80 36.41
N ASP B 526 10.14 -26.46 36.64
CA ASP B 526 9.66 -27.47 35.70
C ASP B 526 8.67 -26.92 34.67
N VAL B 527 8.15 -25.71 34.86
CA VAL B 527 7.27 -25.07 33.89
C VAL B 527 7.71 -23.63 33.72
N ILE B 528 7.80 -23.18 32.46
CA ILE B 528 8.12 -21.80 32.16
C ILE B 528 6.96 -21.19 31.37
N VAL B 529 6.49 -20.02 31.83
CA VAL B 529 5.42 -19.26 31.18
C VAL B 529 6.04 -17.93 30.75
N MET B 530 6.30 -17.78 29.44
CA MET B 530 6.92 -16.57 28.92
C MET B 530 5.85 -15.56 28.49
N CYS B 531 5.94 -14.34 29.02
CA CYS B 531 4.95 -13.30 28.78
C CYS B 531 5.63 -12.25 27.92
N LEU B 532 5.28 -12.24 26.62
CA LEU B 532 6.01 -11.52 25.59
C LEU B 532 5.06 -10.70 24.73
N GLY B 533 5.63 -9.87 23.86
CA GLY B 533 4.85 -9.18 22.85
C GLY B 533 5.30 -7.77 22.57
N GLY B 534 4.48 -6.80 22.96
CA GLY B 534 4.77 -5.39 22.78
C GLY B 534 4.16 -4.64 23.95
N ASN B 535 4.34 -3.32 24.00
CA ASN B 535 3.62 -2.58 25.02
C ASN B 535 3.05 -1.29 24.41
N GLU B 536 2.50 -0.46 25.28
CA GLU B 536 1.82 0.77 24.91
C GLU B 536 2.76 1.84 24.41
N SER B 537 4.08 1.57 24.39
CA SER B 537 5.06 2.45 23.75
C SER B 537 5.50 1.96 22.38
N THR B 538 5.43 0.65 22.11
CA THR B 538 5.86 0.14 20.82
C THR B 538 4.71 0.07 19.80
N ALA B 539 3.47 0.09 20.27
CA ALA B 539 2.29 0.36 19.45
C ALA B 539 1.53 1.49 20.13
N ARG B 540 1.46 2.64 19.49
N ARG B 540 1.47 2.65 19.50
CA ARG B 540 0.77 3.77 20.09
CA ARG B 540 0.70 3.73 20.08
C ARG B 540 0.35 4.77 19.01
C ARG B 540 0.31 4.73 19.00
N GLU B 541 -0.62 5.60 19.35
CA GLU B 541 -1.04 6.68 18.48
C GLU B 541 0.08 7.68 18.35
N ALA B 542 0.55 7.91 17.12
CA ALA B 542 1.59 8.90 16.90
C ALA B 542 0.92 10.26 16.85
N TYR B 543 1.14 11.07 17.88
CA TYR B 543 0.49 12.36 18.00
C TYR B 543 1.05 13.35 16.99
N PHE B 544 0.28 14.41 16.77
CA PHE B 544 0.66 15.45 15.83
C PHE B 544 1.93 16.17 16.27
N ALA B 545 2.07 16.44 17.57
CA ALA B 545 3.14 17.29 18.08
C ALA B 545 4.51 16.63 17.97
N GLY B 546 5.52 17.46 17.76
CA GLY B 546 6.90 17.02 17.83
C GLY B 546 7.22 15.92 16.83
N ASP B 547 7.98 14.93 17.29
CA ASP B 547 8.29 13.74 16.50
C ASP B 547 7.76 12.55 17.27
N SER B 548 6.47 12.57 17.56
CA SER B 548 5.83 11.45 18.25
C SER B 548 5.75 10.26 17.29
N ARG B 549 5.95 9.05 17.83
CA ARG B 549 6.03 7.84 17.02
C ARG B 549 5.25 6.70 17.66
N GLY B 550 4.67 5.85 16.83
CA GLY B 550 3.93 4.72 17.34
C GLY B 550 3.71 3.60 16.34
N ASP B 551 4.05 3.82 15.07
CA ASP B 551 3.94 2.81 14.03
C ASP B 551 5.27 2.08 13.85
N ARG B 552 5.21 0.80 13.46
CA ARG B 552 6.41 -0.01 13.33
C ARG B 552 6.64 -0.40 11.88
N ASP B 553 7.92 -0.57 11.52
CA ASP B 553 8.27 -1.05 10.19
C ASP B 553 8.68 -2.52 10.21
N ASP B 554 8.21 -3.27 11.21
CA ASP B 554 8.61 -4.64 11.45
C ASP B 554 7.54 -5.23 12.33
N LEU B 555 7.17 -6.48 12.09
CA LEU B 555 6.09 -7.11 12.85
C LEU B 555 6.58 -8.22 13.77
N GLU B 556 7.89 -8.46 13.83
CA GLU B 556 8.40 -9.42 14.79
C GLU B 556 8.33 -8.85 16.22
N LEU B 557 8.49 -9.73 17.20
CA LEU B 557 8.70 -9.29 18.57
C LEU B 557 9.90 -8.35 18.62
N ILE B 558 9.72 -7.19 19.23
CA ILE B 558 10.79 -6.21 19.25
C ILE B 558 11.91 -6.64 20.20
N GLY B 559 13.15 -6.24 19.86
CA GLY B 559 14.26 -6.31 20.79
C GLY B 559 14.78 -7.70 21.07
N GLU B 560 15.01 -8.01 22.34
CA GLU B 560 15.71 -9.23 22.72
C GLU B 560 14.78 -10.32 23.19
N GLN B 561 13.47 -10.17 22.94
CA GLN B 561 12.50 -11.15 23.39
C GLN B 561 12.69 -12.50 22.69
N ASN B 562 13.03 -12.49 21.41
CA ASN B 562 13.24 -13.76 20.73
C ASN B 562 14.48 -14.45 21.27
N GLU B 563 15.55 -13.69 21.52
CA GLU B 563 16.73 -14.25 22.15
C GLU B 563 16.40 -14.85 23.51
N LEU B 564 15.54 -14.17 24.28
CA LEU B 564 15.14 -14.67 25.59
C LEU B 564 14.39 -15.99 25.45
N ALA B 565 13.42 -16.04 24.53
CA ALA B 565 12.59 -17.23 24.40
C ALA B 565 13.41 -18.42 23.96
N GLU B 566 14.33 -18.22 23.01
CA GLU B 566 15.22 -19.30 22.59
C GLU B 566 16.09 -19.79 23.74
N ALA B 567 16.61 -18.87 24.56
CA ALA B 567 17.46 -19.29 25.68
C ALA B 567 16.69 -20.11 26.69
N LEU B 568 15.42 -19.77 26.90
CA LEU B 568 14.61 -20.55 27.84
C LEU B 568 14.16 -21.87 27.23
N LEU B 569 13.79 -21.85 25.95
CA LEU B 569 13.31 -23.07 25.30
C LEU B 569 14.41 -24.11 25.19
N ALA B 570 15.67 -23.68 25.15
CA ALA B 570 16.78 -24.63 25.06
C ALA B 570 16.91 -25.50 26.31
N LEU B 571 16.39 -25.06 27.44
CA LEU B 571 16.45 -25.85 28.67
C LEU B 571 15.59 -27.10 28.62
N GLY B 572 14.72 -27.27 27.63
CA GLY B 572 13.92 -28.47 27.54
C GLY B 572 12.85 -28.63 28.60
N LYS B 573 12.46 -27.54 29.26
CA LYS B 573 11.36 -27.56 30.22
C LYS B 573 10.02 -27.48 29.50
N THR B 574 8.93 -27.79 30.23
CA THR B 574 7.58 -27.49 29.75
C THR B 574 7.40 -25.98 29.63
N THR B 575 7.31 -25.46 28.41
CA THR B 575 7.37 -24.02 28.18
C THR B 575 6.23 -23.57 27.28
N VAL B 576 5.56 -22.47 27.66
CA VAL B 576 4.50 -21.88 26.86
C VAL B 576 4.70 -20.36 26.79
N ALA B 577 4.10 -19.75 25.78
CA ALA B 577 4.17 -18.32 25.59
C ALA B 577 2.79 -17.70 25.64
N VAL B 578 2.69 -16.56 26.29
CA VAL B 578 1.48 -15.74 26.32
C VAL B 578 1.85 -14.41 25.70
N LEU B 579 1.20 -14.06 24.59
CA LEU B 579 1.46 -12.81 23.89
C LEU B 579 0.53 -11.73 24.43
N ILE B 580 1.14 -10.67 24.94
CA ILE B 580 0.45 -9.47 25.41
C ILE B 580 1.03 -8.32 24.60
N HIS B 581 0.17 -7.58 23.90
CA HIS B 581 0.61 -6.68 22.84
C HIS B 581 -0.58 -5.88 22.32
N GLY B 582 -0.27 -4.77 21.65
CA GLY B 582 -1.29 -3.97 20.99
C GLY B 582 -1.66 -4.42 19.58
N ARG B 583 -0.80 -4.07 18.62
CA ARG B 583 -1.01 -4.41 17.22
C ARG B 583 -0.94 -5.92 16.99
N PRO B 584 -1.53 -6.41 15.91
CA PRO B 584 -1.25 -7.78 15.50
C PRO B 584 0.26 -7.94 15.27
N LEU B 585 0.84 -8.95 15.88
CA LEU B 585 2.26 -9.23 15.75
C LEU B 585 2.46 -10.50 14.96
N SER B 586 3.62 -10.60 14.31
CA SER B 586 4.00 -11.74 13.48
C SER B 586 5.20 -12.41 14.12
N PRO B 587 5.00 -13.23 15.14
CA PRO B 587 6.14 -13.79 15.92
C PRO B 587 6.69 -15.07 15.30
N LEU B 588 7.49 -14.90 14.25
CA LEU B 588 7.93 -16.04 13.46
C LEU B 588 8.88 -16.94 14.25
N VAL B 589 9.88 -16.37 14.91
CA VAL B 589 10.83 -17.17 15.67
C VAL B 589 10.11 -17.91 16.78
N LEU B 590 9.20 -17.23 17.48
CA LEU B 590 8.42 -17.89 18.52
C LEU B 590 7.53 -18.99 17.94
N ALA B 591 6.82 -18.70 16.85
CA ALA B 591 5.93 -19.71 16.26
C ALA B 591 6.70 -20.93 15.79
N GLU B 592 7.96 -20.74 15.40
CA GLU B 592 8.77 -21.85 14.94
C GLU B 592 9.28 -22.73 16.09
N ASN B 593 9.58 -22.14 17.24
CA ASN B 593 10.32 -22.83 18.30
C ASN B 593 9.56 -23.05 19.60
N CYS B 594 8.40 -22.44 19.78
CA CYS B 594 7.62 -22.63 21.00
C CYS B 594 6.33 -23.38 20.68
N PRO B 595 6.08 -24.53 21.30
CA PRO B 595 4.94 -25.36 20.88
C PRO B 595 3.58 -24.80 21.22
N ALA B 596 3.44 -24.06 22.32
CA ALA B 596 2.13 -23.60 22.72
C ALA B 596 2.18 -22.09 22.90
N ILE B 597 1.29 -21.38 22.22
CA ILE B 597 1.25 -19.92 22.26
C ILE B 597 -0.20 -19.48 22.44
N LEU B 598 -0.40 -18.63 23.45
CA LEU B 598 -1.66 -17.95 23.72
C LEU B 598 -1.52 -16.51 23.24
N ASP B 599 -2.52 -16.00 22.53
CA ASP B 599 -2.52 -14.60 22.12
C ASP B 599 -3.61 -13.88 22.91
N ALA B 600 -3.21 -12.96 23.78
CA ALA B 600 -4.12 -12.28 24.69
C ALA B 600 -4.30 -10.80 24.34
N PHE B 601 -3.63 -10.32 23.30
CA PHE B 601 -3.64 -8.90 22.94
C PHE B 601 -3.48 -8.08 24.23
N TYR B 602 -4.40 -7.17 24.56
CA TYR B 602 -4.43 -6.64 25.92
C TYR B 602 -5.67 -7.16 26.63
N PRO B 603 -5.53 -8.01 27.64
CA PRO B 603 -6.68 -8.74 28.19
C PRO B 603 -7.49 -8.02 29.26
N GLY B 604 -7.30 -6.70 29.46
CA GLY B 604 -8.10 -5.99 30.44
C GLY B 604 -7.63 -6.19 31.87
N GLU B 605 -8.35 -5.55 32.81
CA GLU B 605 -7.87 -5.43 34.18
C GLU B 605 -7.99 -6.75 34.95
N GLN B 606 -8.76 -7.71 34.46
CA GLN B 606 -8.82 -9.04 35.03
C GLN B 606 -8.07 -10.07 34.19
N GLY B 607 -7.23 -9.62 33.25
CA GLY B 607 -6.68 -10.53 32.26
C GLY B 607 -5.83 -11.64 32.87
N GLY B 608 -5.08 -11.31 33.93
CA GLY B 608 -4.20 -12.30 34.53
C GLY B 608 -4.95 -13.51 35.07
N HIS B 609 -6.12 -13.29 35.67
CA HIS B 609 -6.92 -14.42 36.13
C HIS B 609 -7.38 -15.26 34.95
N ALA B 610 -7.77 -14.62 33.84
CA ALA B 610 -8.26 -15.36 32.68
C ALA B 610 -7.15 -16.16 32.04
N ILE B 611 -5.93 -15.63 32.03
CA ILE B 611 -4.80 -16.37 31.49
C ILE B 611 -4.52 -17.62 32.32
N ALA B 612 -4.52 -17.47 33.64
CA ALA B 612 -4.29 -18.60 34.52
C ALA B 612 -5.34 -19.68 34.31
N SER B 613 -6.62 -19.28 34.33
CA SER B 613 -7.70 -20.25 34.10
C SER B 613 -7.56 -20.97 32.76
N ILE B 614 -7.11 -20.26 31.72
CA ILE B 614 -6.96 -20.93 30.42
C ILE B 614 -5.71 -21.82 30.43
N LEU B 615 -4.60 -21.33 30.97
CA LEU B 615 -3.37 -22.12 30.96
C LEU B 615 -3.60 -23.49 31.60
N PHE B 616 -4.45 -23.56 32.63
CA PHE B 616 -4.70 -24.81 33.34
C PHE B 616 -5.99 -25.50 32.89
N GLY B 617 -6.64 -25.02 31.83
CA GLY B 617 -7.77 -25.73 31.29
C GLY B 617 -9.05 -25.64 32.09
N ASP B 618 -9.11 -24.79 33.13
CA ASP B 618 -10.40 -24.48 33.76
C ASP B 618 -11.32 -23.75 32.79
N VAL B 619 -10.74 -22.98 31.88
CA VAL B 619 -11.45 -22.37 30.77
C VAL B 619 -10.86 -22.95 29.50
N ASN B 620 -11.73 -23.41 28.60
CA ASN B 620 -11.28 -23.88 27.30
C ASN B 620 -11.18 -22.66 26.39
N PRO B 621 -9.99 -22.29 25.92
CA PRO B 621 -9.88 -21.10 25.05
C PRO B 621 -10.76 -21.23 23.82
N SER B 622 -11.32 -20.10 23.40
CA SER B 622 -12.23 -20.09 22.27
C SER B 622 -12.11 -18.85 21.38
N GLY B 623 -11.11 -17.99 21.59
CA GLY B 623 -10.94 -16.82 20.74
C GLY B 623 -10.46 -17.19 19.36
N LYS B 624 -10.82 -16.36 18.37
CA LYS B 624 -10.32 -16.51 17.01
C LYS B 624 -9.70 -15.20 16.56
N LEU B 625 -8.73 -15.29 15.65
CA LEU B 625 -8.06 -14.08 15.19
C LEU B 625 -9.03 -13.24 14.36
N PRO B 626 -9.17 -11.95 14.65
CA PRO B 626 -9.99 -11.07 13.80
C PRO B 626 -9.20 -10.39 12.71
N VAL B 627 -7.92 -10.78 12.56
CA VAL B 627 -7.02 -10.28 11.52
C VAL B 627 -6.26 -11.48 10.96
N THR B 628 -5.76 -11.31 9.74
CA THR B 628 -4.75 -12.21 9.22
C THR B 628 -3.38 -11.83 9.78
N ILE B 629 -2.60 -12.83 10.20
CA ILE B 629 -1.23 -12.61 10.64
C ILE B 629 -0.33 -13.03 9.47
N VAL B 630 0.31 -12.04 8.82
CA VAL B 630 1.29 -12.32 7.78
C VAL B 630 2.60 -12.77 8.42
N ARG B 631 3.44 -13.44 7.62
CA ARG B 631 4.71 -13.97 8.13
C ARG B 631 5.72 -12.86 8.39
N ASN B 632 5.77 -11.85 7.52
CA ASN B 632 6.66 -10.72 7.73
C ASN B 632 6.05 -9.50 7.06
N VAL B 633 6.57 -8.33 7.45
CA VAL B 633 6.02 -7.06 7.03
C VAL B 633 6.17 -6.81 5.53
N GLY B 634 7.14 -7.45 4.88
CA GLY B 634 7.30 -7.29 3.45
C GLY B 634 6.22 -7.93 2.63
N GLN B 635 5.28 -8.63 3.26
CA GLN B 635 4.21 -9.33 2.56
C GLN B 635 2.86 -8.61 2.67
N LEU B 636 2.86 -7.39 3.22
CA LEU B 636 1.63 -6.63 3.36
C LEU B 636 1.18 -6.10 2.01
N PRO B 637 -0.14 -6.06 1.74
CA PRO B 637 -1.23 -6.43 2.64
C PRO B 637 -1.55 -7.91 2.60
N GLY B 638 -2.11 -8.42 3.69
CA GLY B 638 -2.39 -9.82 3.77
C GLY B 638 -3.80 -10.14 4.20
N TYR B 639 -4.69 -9.13 4.26
CA TYR B 639 -6.05 -9.39 4.72
C TYR B 639 -6.73 -10.41 3.79
N TYR B 640 -7.61 -11.23 4.39
CA TYR B 640 -8.00 -12.48 3.74
C TYR B 640 -8.87 -12.27 2.50
N TYR B 641 -9.63 -11.18 2.41
CA TYR B 641 -10.59 -11.00 1.31
C TYR B 641 -9.91 -10.31 0.12
N GLN B 642 -8.83 -10.93 -0.34
CA GLN B 642 -8.14 -10.45 -1.52
C GLN B 642 -9.01 -10.63 -2.76
N LYS B 643 -8.80 -9.76 -3.76
CA LYS B 643 -9.33 -9.97 -5.11
C LYS B 643 -8.70 -11.23 -5.67
N PRO B 644 -9.19 -11.80 -6.77
CA PRO B 644 -8.54 -13.00 -7.33
C PRO B 644 -7.08 -12.77 -7.68
N THR B 645 -6.68 -11.54 -7.92
CA THR B 645 -5.31 -11.20 -8.25
C THR B 645 -4.51 -10.75 -7.03
N GLY B 646 -5.16 -10.60 -5.87
CA GLY B 646 -4.52 -9.88 -4.78
C GLY B 646 -3.29 -10.59 -4.26
N ARG B 647 -3.39 -11.90 -4.05
CA ARG B 647 -2.25 -12.73 -3.71
C ARG B 647 -2.07 -13.83 -4.75
N PHE B 648 -2.34 -13.49 -6.02
CA PHE B 648 -2.23 -14.48 -7.09
C PHE B 648 -0.80 -15.01 -7.21
N ARG B 649 0.20 -14.12 -7.14
CA ARG B 649 1.61 -14.48 -7.20
C ARG B 649 2.26 -14.40 -5.83
N ASN B 650 3.21 -15.29 -5.57
CA ASN B 650 3.89 -15.44 -4.28
C ASN B 650 5.30 -14.87 -4.35
N TYR B 651 5.91 -14.66 -3.18
CA TYR B 651 7.23 -14.03 -3.14
C TYR B 651 8.32 -15.06 -3.38
N VAL B 652 9.40 -14.61 -4.02
CA VAL B 652 10.44 -15.54 -4.45
C VAL B 652 11.20 -16.04 -3.22
N PHE B 653 11.40 -17.37 -3.15
CA PHE B 653 12.16 -18.02 -2.08
C PHE B 653 11.58 -17.74 -0.69
N SER B 654 10.25 -17.61 -0.59
CA SER B 654 9.69 -17.20 0.70
C SER B 654 8.28 -17.76 0.83
N ASP B 655 8.05 -18.53 1.90
CA ASP B 655 6.70 -18.96 2.23
C ASP B 655 5.78 -17.74 2.29
N SER B 656 4.79 -17.69 1.40
CA SER B 656 3.92 -16.54 1.28
C SER B 656 2.55 -16.76 1.88
N THR B 657 2.28 -17.96 2.41
CA THR B 657 1.06 -18.21 3.15
C THR B 657 1.04 -17.36 4.42
N PRO B 658 -0.14 -17.14 5.00
CA PRO B 658 -0.20 -16.42 6.27
C PRO B 658 0.45 -17.27 7.36
N LEU B 659 0.97 -16.62 8.38
CA LEU B 659 1.37 -17.36 9.57
C LEU B 659 0.14 -17.92 10.28
N TYR B 660 -0.91 -17.11 10.43
CA TYR B 660 -2.21 -17.56 10.93
C TYR B 660 -3.28 -16.87 10.09
N PRO B 661 -4.21 -17.62 9.52
CA PRO B 661 -5.27 -16.99 8.72
C PRO B 661 -6.31 -16.31 9.59
N PHE B 662 -7.02 -15.34 8.99
CA PHE B 662 -8.18 -14.75 9.64
C PHE B 662 -9.12 -15.84 10.15
N GLY B 663 -9.70 -15.62 11.32
CA GLY B 663 -10.61 -16.59 11.90
C GLY B 663 -9.95 -17.75 12.62
N HIS B 664 -8.62 -17.80 12.66
CA HIS B 664 -7.92 -18.94 13.24
C HIS B 664 -7.96 -18.91 14.77
N GLY B 665 -8.12 -20.10 15.37
CA GLY B 665 -8.09 -20.28 16.81
C GLY B 665 -8.34 -21.73 17.18
N LEU B 666 -7.54 -22.27 18.10
CA LEU B 666 -7.66 -23.68 18.47
C LEU B 666 -8.41 -23.82 19.79
N SER B 667 -8.67 -25.07 20.15
CA SER B 667 -9.35 -25.42 21.40
C SER B 667 -8.59 -26.54 22.10
N TYR B 668 -8.93 -26.78 23.37
CA TYR B 668 -8.45 -27.99 24.01
C TYR B 668 -9.26 -29.22 23.61
N THR B 669 -10.37 -29.04 22.89
CA THR B 669 -11.11 -30.13 22.29
C THR B 669 -11.04 -30.00 20.77
N SER B 670 -11.71 -30.91 20.06
CA SER B 670 -11.75 -30.86 18.61
C SER B 670 -13.19 -30.72 18.14
N PHE B 671 -13.35 -30.23 16.90
CA PHE B 671 -14.66 -30.00 16.31
C PHE B 671 -14.69 -30.54 14.89
N GLY B 672 -15.74 -31.28 14.56
CA GLY B 672 -15.97 -31.76 13.21
C GLY B 672 -17.12 -31.01 12.55
N TYR B 673 -16.97 -30.73 11.27
CA TYR B 673 -17.91 -29.88 10.54
C TYR B 673 -18.48 -30.67 9.37
N GLY B 674 -19.79 -30.58 9.19
CA GLY B 674 -20.38 -30.97 7.93
C GLY B 674 -20.30 -29.84 6.90
N ALA B 675 -20.68 -30.16 5.67
CA ALA B 675 -20.68 -29.13 4.64
C ALA B 675 -21.89 -28.21 4.82
N PRO B 676 -21.77 -26.95 4.43
CA PRO B 676 -22.94 -26.06 4.47
C PRO B 676 -24.03 -26.57 3.54
N GLN B 677 -25.27 -26.45 3.99
CA GLN B 677 -26.44 -26.94 3.25
C GLN B 677 -27.37 -25.77 3.01
N ALA B 678 -27.53 -25.39 1.75
CA ALA B 678 -28.50 -24.36 1.43
C ALA B 678 -29.90 -24.97 1.34
N GLU B 679 -30.89 -24.16 1.71
CA GLU B 679 -32.27 -24.62 1.70
C GLU B 679 -32.80 -24.79 0.28
N ARG B 680 -32.28 -24.01 -0.67
N ARG B 680 -32.27 -24.02 -0.67
CA ARG B 680 -32.61 -24.11 -2.08
CA ARG B 680 -32.63 -24.12 -2.08
C ARG B 680 -31.32 -24.04 -2.89
C ARG B 680 -31.36 -23.99 -2.91
N ALA B 681 -31.36 -24.62 -4.09
CA ALA B 681 -30.24 -24.50 -5.01
C ALA B 681 -30.28 -23.21 -5.83
N SER B 682 -31.37 -22.46 -5.78
CA SER B 682 -31.54 -21.31 -6.64
C SER B 682 -32.59 -20.39 -6.03
N ILE B 683 -32.38 -19.07 -6.16
CA ILE B 683 -33.24 -18.06 -5.55
C ILE B 683 -33.27 -16.83 -6.45
N GLY B 684 -34.29 -16.00 -6.26
CA GLY B 684 -34.36 -14.76 -7.00
C GLY B 684 -33.52 -13.66 -6.38
N LEU B 685 -33.23 -12.65 -7.21
CA LEU B 685 -32.28 -11.60 -6.83
C LEU B 685 -32.64 -10.89 -5.54
N GLN B 686 -33.89 -10.96 -5.10
CA GLN B 686 -34.28 -10.27 -3.88
C GLN B 686 -34.66 -11.22 -2.76
N ASP B 687 -34.48 -12.52 -2.97
CA ASP B 687 -34.85 -13.51 -1.97
C ASP B 687 -33.79 -13.63 -0.89
N ARG B 688 -34.21 -14.14 0.27
CA ARG B 688 -33.32 -14.58 1.33
C ARG B 688 -33.15 -16.08 1.24
N LEU B 689 -32.11 -16.58 1.91
CA LEU B 689 -31.72 -17.97 1.83
C LEU B 689 -31.24 -18.41 3.20
N ARG B 690 -31.63 -19.62 3.60
N ARG B 690 -31.69 -19.59 3.61
CA ARG B 690 -31.25 -20.15 4.90
CA ARG B 690 -31.25 -20.18 4.87
C ARG B 690 -30.22 -21.25 4.71
C ARG B 690 -30.12 -21.17 4.59
N VAL B 691 -29.08 -21.13 5.40
CA VAL B 691 -27.96 -22.06 5.30
C VAL B 691 -27.66 -22.62 6.67
N SER B 692 -27.39 -23.92 6.72
CA SER B 692 -27.14 -24.59 7.98
C SER B 692 -25.81 -25.33 7.93
N VAL B 693 -25.19 -25.45 9.10
CA VAL B 693 -23.91 -26.10 9.27
C VAL B 693 -23.99 -26.97 10.51
N SER B 694 -23.58 -28.21 10.38
CA SER B 694 -23.54 -29.14 11.49
C SER B 694 -22.13 -29.11 12.08
N VAL B 695 -22.06 -28.96 13.40
N VAL B 695 -22.06 -28.96 13.40
CA VAL B 695 -20.80 -28.89 14.13
CA VAL B 695 -20.78 -28.91 14.11
C VAL B 695 -20.88 -29.83 15.32
C VAL B 695 -20.87 -29.82 15.33
N ARG B 696 -19.84 -30.66 15.51
CA ARG B 696 -19.83 -31.67 16.55
C ARG B 696 -18.52 -31.61 17.34
N ASN B 697 -18.64 -31.69 18.67
CA ASN B 697 -17.49 -31.76 19.56
C ASN B 697 -16.96 -33.20 19.52
N THR B 698 -15.84 -33.41 18.85
CA THR B 698 -15.27 -34.73 18.66
C THR B 698 -14.17 -35.04 19.66
N GLY B 699 -13.98 -34.18 20.67
CA GLY B 699 -12.93 -34.35 21.64
C GLY B 699 -13.44 -34.72 23.03
N ASP B 700 -12.61 -34.45 24.04
CA ASP B 700 -12.79 -34.89 25.42
C ASP B 700 -13.35 -33.82 26.35
N ARG B 701 -13.34 -32.56 25.93
CA ARG B 701 -13.68 -31.45 26.80
C ARG B 701 -14.78 -30.61 26.18
N ALA B 702 -15.71 -30.15 27.03
CA ALA B 702 -16.65 -29.12 26.61
C ALA B 702 -15.88 -27.92 26.07
N GLY B 703 -16.43 -27.29 25.05
CA GLY B 703 -15.72 -26.18 24.44
C GLY B 703 -16.59 -25.42 23.47
N GLN B 704 -16.15 -24.21 23.15
CA GLN B 704 -16.79 -23.36 22.16
C GLN B 704 -15.97 -23.31 20.89
N ASP B 705 -16.66 -23.34 19.76
CA ASP B 705 -16.06 -23.03 18.47
C ASP B 705 -16.85 -21.89 17.84
N VAL B 706 -16.24 -21.21 16.88
CA VAL B 706 -16.91 -20.14 16.14
C VAL B 706 -17.12 -20.63 14.72
N VAL B 707 -18.37 -20.96 14.40
CA VAL B 707 -18.76 -21.32 13.03
C VAL B 707 -18.77 -20.07 12.16
N GLN B 708 -18.07 -20.12 11.04
CA GLN B 708 -17.84 -18.95 10.22
C GLN B 708 -18.37 -19.22 8.82
N LEU B 709 -19.11 -18.27 8.28
CA LEU B 709 -19.78 -18.39 6.99
C LEU B 709 -19.23 -17.36 6.03
N TYR B 710 -18.76 -17.81 4.87
CA TYR B 710 -18.17 -16.95 3.85
C TYR B 710 -18.89 -17.16 2.52
N ILE B 711 -18.91 -16.13 1.67
CA ILE B 711 -19.39 -16.30 0.31
C ILE B 711 -18.35 -15.85 -0.70
N ARG B 712 -18.47 -16.37 -1.92
N ARG B 712 -18.49 -16.34 -1.93
CA ARG B 712 -17.75 -15.84 -3.07
CA ARG B 712 -17.74 -15.84 -3.08
C ARG B 712 -18.74 -15.59 -4.20
C ARG B 712 -18.70 -15.60 -4.23
N ASP B 713 -18.76 -14.37 -4.72
CA ASP B 713 -19.55 -14.03 -5.90
C ASP B 713 -18.71 -14.35 -7.13
N SER B 714 -18.99 -15.49 -7.77
CA SER B 714 -18.05 -16.07 -8.74
C SER B 714 -17.78 -15.14 -9.91
N ILE B 715 -18.81 -14.46 -10.38
CA ILE B 715 -18.72 -13.55 -11.52
C ILE B 715 -19.44 -12.28 -11.11
N ALA B 716 -18.84 -11.13 -11.37
CA ALA B 716 -19.46 -9.90 -10.95
C ALA B 716 -19.09 -8.78 -11.90
N SER B 717 -19.89 -7.72 -11.91
CA SER B 717 -19.60 -6.64 -12.84
C SER B 717 -18.35 -5.88 -12.44
N ARG B 718 -17.91 -6.01 -11.18
CA ARG B 718 -16.57 -5.63 -10.75
C ARG B 718 -15.97 -6.77 -9.94
N ALA B 719 -14.66 -6.98 -10.08
CA ALA B 719 -14.01 -8.12 -9.44
C ALA B 719 -14.21 -8.05 -7.94
N ARG B 720 -14.58 -9.17 -7.35
CA ARG B 720 -14.92 -9.25 -5.95
C ARG B 720 -13.96 -10.20 -5.23
N PRO B 721 -13.89 -10.11 -3.89
CA PRO B 721 -12.95 -10.95 -3.14
C PRO B 721 -13.18 -12.43 -3.37
N ILE B 722 -12.11 -13.21 -3.18
CA ILE B 722 -12.21 -14.66 -3.29
C ILE B 722 -13.07 -15.26 -2.17
N LYS B 723 -13.21 -14.55 -1.05
CA LYS B 723 -14.14 -14.96 0.00
C LYS B 723 -14.42 -13.76 0.88
N GLU B 724 -15.67 -13.64 1.32
CA GLU B 724 -16.11 -12.54 2.18
C GLU B 724 -16.97 -13.10 3.29
N MET B 725 -16.63 -12.77 4.54
CA MET B 725 -17.40 -13.29 5.67
C MET B 725 -18.76 -12.62 5.71
N ARG B 726 -19.80 -13.44 5.85
CA ARG B 726 -21.16 -12.93 5.92
C ARG B 726 -21.88 -13.35 7.20
N GLY B 727 -21.23 -14.13 8.05
CA GLY B 727 -21.82 -14.48 9.33
C GLY B 727 -20.87 -15.32 10.17
N PHE B 728 -21.16 -15.35 11.47
CA PHE B 728 -20.44 -16.23 12.39
C PHE B 728 -21.34 -16.55 13.57
N GLN B 729 -21.01 -17.64 14.25
CA GLN B 729 -21.80 -18.06 15.41
C GLN B 729 -20.92 -18.87 16.35
N LYS B 730 -20.69 -18.37 17.55
CA LYS B 730 -19.99 -19.13 18.57
C LYS B 730 -20.96 -20.09 19.24
N VAL B 731 -20.54 -21.36 19.38
CA VAL B 731 -21.42 -22.41 19.90
C VAL B 731 -20.69 -23.21 20.98
N LEU B 732 -21.35 -23.39 22.12
CA LEU B 732 -20.87 -24.25 23.19
C LEU B 732 -21.35 -25.68 22.96
N LEU B 733 -20.42 -26.64 23.03
CA LEU B 733 -20.74 -28.04 22.79
C LEU B 733 -20.07 -28.91 23.84
N GLU B 734 -20.85 -29.78 24.50
CA GLU B 734 -20.32 -30.82 25.36
C GLU B 734 -19.63 -31.88 24.51
N PRO B 735 -18.80 -32.73 25.12
CA PRO B 735 -18.19 -33.83 24.34
C PRO B 735 -19.27 -34.68 23.67
N GLY B 736 -19.07 -34.94 22.37
CA GLY B 736 -20.01 -35.73 21.61
C GLY B 736 -21.26 -35.01 21.18
N GLU B 737 -21.50 -33.80 21.66
CA GLU B 737 -22.69 -33.05 21.29
C GLU B 737 -22.54 -32.51 19.86
N VAL B 738 -23.65 -32.50 19.13
CA VAL B 738 -23.67 -32.01 17.77
C VAL B 738 -24.85 -31.06 17.64
N GLN B 739 -24.68 -30.02 16.84
CA GLN B 739 -25.70 -28.99 16.71
C GLN B 739 -25.76 -28.53 15.26
N VAL B 740 -26.94 -28.07 14.84
CA VAL B 740 -27.12 -27.49 13.52
C VAL B 740 -27.20 -25.98 13.70
N VAL B 741 -26.19 -25.26 13.20
CA VAL B 741 -26.13 -23.81 13.27
C VAL B 741 -26.77 -23.23 12.01
N GLN B 742 -27.66 -22.26 12.20
CA GLN B 742 -28.46 -21.67 11.14
C GLN B 742 -28.00 -20.26 10.82
N PHE B 743 -27.93 -19.96 9.53
CA PHE B 743 -27.57 -18.64 9.02
C PHE B 743 -28.62 -18.21 8.00
N GLU B 744 -28.82 -16.91 7.89
CA GLU B 744 -29.68 -16.40 6.82
C GLU B 744 -28.97 -15.28 6.08
N LEU B 745 -28.89 -15.44 4.75
CA LEU B 745 -28.27 -14.50 3.86
C LEU B 745 -29.33 -13.85 2.98
N GLY B 746 -29.07 -12.61 2.56
CA GLY B 746 -29.98 -11.90 1.71
C GLY B 746 -29.27 -11.15 0.59
N PRO B 747 -30.02 -10.31 -0.15
CA PRO B 747 -29.38 -9.55 -1.23
C PRO B 747 -28.30 -8.59 -0.74
N GLU B 748 -28.42 -8.05 0.48
CA GLU B 748 -27.37 -7.22 1.02
C GLU B 748 -26.08 -8.01 1.25
N ASP B 749 -26.15 -9.34 1.27
CA ASP B 749 -24.99 -10.20 1.42
C ASP B 749 -24.46 -10.73 0.09
N PHE B 750 -25.35 -11.00 -0.86
CA PHE B 750 -24.97 -11.60 -2.14
C PHE B 750 -24.54 -10.58 -3.17
N GLY B 751 -25.04 -9.35 -3.08
CA GLY B 751 -24.65 -8.30 -3.98
C GLY B 751 -23.55 -7.44 -3.41
N TYR B 752 -23.26 -6.35 -4.12
CA TYR B 752 -22.27 -5.39 -3.67
C TYR B 752 -22.73 -4.00 -4.07
N ARG B 753 -22.17 -2.98 -3.42
CA ARG B 753 -22.57 -1.61 -3.70
C ARG B 753 -21.66 -0.98 -4.74
N ASP B 754 -22.27 -0.19 -5.64
CA ASP B 754 -21.49 0.46 -6.68
C ASP B 754 -20.90 1.77 -6.14
N ALA B 755 -20.18 2.49 -7.01
CA ALA B 755 -19.51 3.70 -6.57
C ALA B 755 -20.45 4.71 -5.94
N ASP B 756 -21.75 4.65 -6.26
CA ASP B 756 -22.72 5.59 -5.70
C ASP B 756 -23.44 5.04 -4.48
N GLY B 757 -23.09 3.83 -4.05
CA GLY B 757 -23.73 3.24 -2.90
C GLY B 757 -24.96 2.41 -3.21
N LYS B 758 -25.34 2.28 -4.47
CA LYS B 758 -26.51 1.48 -4.83
C LYS B 758 -26.14 0.01 -4.85
N LEU B 759 -27.00 -0.81 -4.24
CA LEU B 759 -26.78 -2.25 -4.13
C LEU B 759 -27.10 -2.97 -5.44
N LEU B 760 -26.09 -3.63 -6.01
CA LEU B 760 -26.22 -4.44 -7.22
C LEU B 760 -26.30 -5.91 -6.84
N VAL B 761 -27.38 -6.59 -7.26
CA VAL B 761 -27.47 -8.04 -7.17
C VAL B 761 -27.61 -8.57 -8.59
N GLU B 762 -26.74 -9.52 -8.96
CA GLU B 762 -26.69 -9.96 -10.34
C GLU B 762 -26.89 -11.46 -10.43
N PRO B 763 -27.55 -11.94 -11.49
CA PRO B 763 -27.75 -13.39 -11.62
C PRO B 763 -26.41 -14.10 -11.73
N GLY B 764 -26.36 -15.32 -11.24
CA GLY B 764 -25.14 -16.09 -11.33
C GLY B 764 -24.79 -16.87 -10.08
N GLU B 765 -23.64 -17.53 -10.11
CA GLU B 765 -23.24 -18.44 -9.06
C GLU B 765 -22.74 -17.69 -7.82
N ILE B 766 -23.15 -18.17 -6.65
CA ILE B 766 -22.55 -17.80 -5.37
C ILE B 766 -22.03 -19.08 -4.74
N VAL B 767 -20.74 -19.09 -4.39
CA VAL B 767 -20.18 -20.16 -3.58
C VAL B 767 -20.41 -19.79 -2.12
N ILE B 768 -20.88 -20.75 -1.33
CA ILE B 768 -21.14 -20.54 0.09
C ILE B 768 -20.22 -21.46 0.88
N MET B 769 -19.44 -20.86 1.79
CA MET B 769 -18.38 -21.56 2.51
C MET B 769 -18.60 -21.45 4.01
N ALA B 770 -18.27 -22.53 4.73
CA ALA B 770 -18.39 -22.55 6.18
C ALA B 770 -17.28 -23.38 6.78
N GLY B 771 -16.86 -23.01 7.99
CA GLY B 771 -15.83 -23.73 8.69
C GLY B 771 -15.40 -23.00 9.94
N PRO B 772 -14.36 -23.53 10.60
CA PRO B 772 -13.87 -22.94 11.85
C PRO B 772 -12.87 -21.80 11.66
N ASP B 773 -12.56 -21.42 10.43
CA ASP B 773 -11.67 -20.30 10.11
C ASP B 773 -11.76 -20.07 8.60
N SER B 774 -10.94 -19.16 8.09
CA SER B 774 -11.05 -18.78 6.69
C SER B 774 -10.32 -19.74 5.73
N GLN B 775 -9.74 -20.82 6.24
CA GLN B 775 -9.01 -21.78 5.40
C GLN B 775 -9.63 -23.16 5.38
N ASN B 776 -10.04 -23.70 6.53
CA ASN B 776 -10.62 -25.04 6.59
C ASN B 776 -12.10 -24.96 6.29
N LEU B 777 -12.40 -24.73 5.02
CA LEU B 777 -13.77 -24.49 4.58
C LEU B 777 -14.29 -25.66 3.77
N GLN B 778 -15.60 -25.88 3.88
CA GLN B 778 -16.34 -26.72 2.97
C GLN B 778 -17.36 -25.83 2.27
N GLU B 779 -17.87 -26.27 1.13
CA GLU B 779 -18.67 -25.33 0.34
C GLU B 779 -19.87 -26.01 -0.31
N THR B 780 -20.84 -25.17 -0.67
CA THR B 780 -21.93 -25.51 -1.58
C THR B 780 -22.15 -24.30 -2.50
N ARG B 781 -22.85 -24.51 -3.61
CA ARG B 781 -23.06 -23.45 -4.59
C ARG B 781 -24.55 -23.24 -4.84
N ILE B 782 -24.96 -21.98 -4.86
CA ILE B 782 -26.32 -21.63 -5.24
C ILE B 782 -26.26 -20.72 -6.46
N THR B 783 -27.42 -20.53 -7.08
CA THR B 783 -27.55 -19.68 -8.26
C THR B 783 -28.57 -18.59 -7.98
N LEU B 784 -28.18 -17.34 -8.24
CA LEU B 784 -29.13 -16.24 -8.25
C LEU B 784 -29.75 -16.11 -9.64
N VAL B 785 -31.06 -15.90 -9.68
CA VAL B 785 -31.77 -15.84 -10.96
C VAL B 785 -32.56 -14.53 -11.11
S1 DTT C . 3.09 -10.44 -19.91
C1 DTT C . 3.78 -8.74 -20.01
C2 DTT C . 4.82 -8.33 -21.09
O2 DTT C . 4.94 -6.91 -20.98
C3 DTT C . 4.61 -8.73 -22.58
O3 DTT C . 5.13 -7.73 -23.48
C4 DTT C . 5.33 -10.01 -22.93
S4 DTT C . 4.33 -11.53 -22.90
MG MG D . 17.00 -9.01 -5.85
MG MG E . -1.23 27.05 -4.98
MG MG F . -9.93 3.74 -14.08
C1 GOL G . 1.12 4.62 -3.48
O1 GOL G . 1.09 5.25 -2.26
C2 GOL G . 0.61 3.13 -3.33
O2 GOL G . 0.35 2.60 -4.58
C3 GOL G . -0.69 3.13 -2.45
O3 GOL G . -1.26 1.82 -2.49
C1 GOL H . -14.39 -18.09 -38.04
O1 GOL H . -15.62 -17.85 -37.38
C2 GOL H . -14.11 -16.83 -38.90
O2 GOL H . -15.21 -16.48 -39.69
C3 GOL H . -12.87 -17.19 -39.76
O3 GOL H . -12.69 -16.10 -40.65
C1 EDO I . 34.58 13.36 -16.98
O1 EDO I . 33.16 13.49 -17.04
C2 EDO I . 35.00 12.02 -17.56
O2 EDO I . 34.35 10.98 -16.84
C1 EDO J . 16.46 34.16 -14.23
O1 EDO J . 17.41 35.05 -13.60
C2 EDO J . 17.03 33.45 -15.46
O2 EDO J . 16.96 34.25 -16.66
C1 EDO K . -8.16 16.38 -20.75
O1 EDO K . -9.26 16.65 -19.88
C2 EDO K . -8.09 17.49 -21.80
O2 EDO K . -7.19 18.52 -21.38
C1 EDO L . 11.38 -15.08 4.09
O1 EDO L . 11.86 -16.43 3.98
C2 EDO L . 12.54 -14.12 3.85
O2 EDO L . 12.06 -12.88 3.28
C1 EDO M . -4.13 -14.84 -53.88
O1 EDO M . -4.61 -14.36 -52.61
C2 EDO M . -3.91 -16.34 -53.84
O2 EDO M . -4.34 -16.91 -55.08
C1 PEG N . 6.65 16.23 -16.96
O1 PEG N . 6.91 17.14 -15.87
C2 PEG N . 5.27 15.62 -16.74
O2 PEG N . 5.14 15.42 -15.32
C3 PEG N . 3.82 15.56 -14.80
C4 PEG N . 3.89 15.25 -13.31
O4 PEG N . 2.67 15.42 -12.58
C1 PEG O . 5.38 14.90 -9.13
O1 PEG O . 5.26 15.05 -10.56
C2 PEG O . 4.24 14.04 -8.60
O2 PEG O . 3.00 14.75 -8.68
C3 PEG O . 1.90 13.84 -8.51
C4 PEG O . 1.05 14.20 -7.29
O4 PEG O . 0.68 13.10 -6.43
C1 PEG P . -3.86 15.02 -5.00
O1 PEG P . -3.68 13.60 -5.27
C2 PEG P . -3.25 16.04 -5.98
O2 PEG P . -1.88 15.81 -6.36
C3 PEG P . -1.55 16.38 -7.64
C4 PEG P . -0.29 17.25 -7.49
O4 PEG P . 0.67 17.07 -8.54
C1 GOL Q . -4.98 -2.29 0.81
O1 GOL Q . -5.20 -2.98 -0.37
C2 GOL Q . -4.83 -0.79 0.49
O2 GOL Q . -5.00 0.01 1.61
C3 GOL Q . -3.42 -0.63 -0.16
O3 GOL Q . -3.17 0.76 -0.26
S1 DTT R . -6.57 12.33 17.81
C1 DTT R . -7.75 10.97 17.56
C2 DTT R . -8.61 10.48 18.75
O2 DTT R . -9.48 9.50 18.19
C3 DTT R . -9.39 11.48 19.64
O3 DTT R . -10.66 10.97 20.11
C4 DTT R . -8.59 11.79 20.89
S4 DTT R . -7.82 13.43 20.99
C1 BEN S . -30.91 29.74 32.76
C2 BEN S . -31.96 29.62 31.85
C3 BEN S . -32.71 28.46 31.83
C4 BEN S . -32.41 27.43 32.72
C5 BEN S . -31.36 27.56 33.63
C6 BEN S . -30.60 28.72 33.65
C BEN S . -30.10 31.00 32.76
N1 BEN S . -28.85 30.94 33.19
N2 BEN S . -30.62 32.15 32.36
MG MG T . 4.59 -3.95 19.06
MG MG U . -22.17 -13.00 -9.68
C1 GOL V . -18.19 35.86 20.46
O1 GOL V . -19.44 35.31 20.75
C2 GOL V . -18.22 36.25 18.97
O2 GOL V . -19.08 37.34 18.71
C3 GOL V . -16.74 36.52 18.59
O3 GOL V . -16.69 37.26 17.37
C1 GOL W . -28.94 8.74 14.59
O1 GOL W . -28.22 8.09 13.53
C2 GOL W . -29.75 9.94 13.98
O2 GOL W . -29.61 10.00 12.58
C3 GOL W . -29.22 11.23 14.72
O3 GOL W . -29.57 11.21 16.11
C1 EDO X . -15.33 -23.97 29.65
O1 EDO X . -14.24 -23.24 29.08
C2 EDO X . -16.10 -24.68 28.54
O2 EDO X . -16.45 -23.77 27.48
C1 EDO Y . 2.49 -29.78 33.34
O1 EDO Y . 1.16 -30.22 33.07
C2 EDO Y . 3.52 -30.83 32.87
O2 EDO Y . 4.85 -30.29 32.94
C1 PEG Z . 10.92 -14.10 7.32
O1 PEG Z . 9.60 -14.24 6.75
C2 PEG Z . 11.22 -12.64 7.72
O2 PEG Z . 11.47 -11.86 6.55
C3 PEG Z . 12.10 -10.60 6.81
C4 PEG Z . 12.23 -9.83 5.49
O4 PEG Z . 11.31 -8.73 5.47
C1 PEG AA . -13.76 7.50 -1.58
O1 PEG AA . -13.21 7.20 -2.88
C2 PEG AA . -14.68 8.72 -1.59
O2 PEG AA . -14.13 9.77 -0.78
C3 PEG AA . -14.05 11.04 -1.46
C4 PEG AA . -12.63 11.61 -1.28
O4 PEG AA . -11.78 11.52 -2.44
C1 PEG BA . -15.11 -5.41 -4.71
O1 PEG BA . -15.49 -4.91 -6.00
C2 PEG BA . -16.10 -4.97 -3.64
O2 PEG BA . -17.12 -5.95 -3.53
C3 PEG BA . -17.27 -6.41 -2.18
C4 PEG BA . -18.68 -6.91 -1.86
O4 PEG BA . -19.26 -6.27 -0.70
#